data_1XPU
#
_entry.id   1XPU
#
_cell.length_a   119.477
_cell.length_b   206.935
_cell.length_c   148.607
_cell.angle_alpha   90.00
_cell.angle_beta   96.95
_cell.angle_gamma   90.00
#
_symmetry.space_group_name_H-M   'C 1 2 1'
#
loop_
_entity.id
_entity.type
_entity.pdbx_description
1 polymer "5'-R(*CP*UP*CP*UP*CP*UP*CP*U)-3'"
2 polymer 'Rho transcription termination factor'
3 non-polymer 'MAGNESIUM ION'
4 non-polymer 'PHOSPHOTHIOPHOSPHORIC ACID-ADENYLATE ESTER'
5 non-polymer 5A-(3-FORMYLPHENYLSULFANYL)-DIHYDROBICYCLOMYCIN
6 water water
#
loop_
_entity_poly.entity_id
_entity_poly.type
_entity_poly.pdbx_seq_one_letter_code
_entity_poly.pdbx_strand_id
1 'polyribonucleotide' CUCUCUCU G,M,H,J,K,L
2 'polypeptide(L)'
;MNLTELKNTPVSELITLGENMGLENLARMRKQDIIFAILKQHAKSGEDIFGDGVLEILQDGFGFLRSADSSYLAGPDDIY
VSPSQIRRFNLRTGDTISGKIRPPKEGERYFALLKVNEVNFDKPENARNKILFENLTPLHANSRLRMERGNGSTEDLTAR
VLDLASPIGRGQRGLIVAPPKAGKTMLLQNIAQSIAYNHPDCVLMVLLIDERPEEVTEMQRLVKGEVVASTFDEPASRHV
QVAEMVIEKAKRLVEHKKDVIILLDSITRLARAYNTVVPASGKVLTGGVDANALHRPKRFFGAARNVEEGGSLTIIATAL
IDTGSKMDEVIYEEFKGTGNMELHLSRKIAEKRVFPAIDYNRSGTRKEELLTTQEELQKMWILRKIIHPMGEIDAMEFLI
NKLAMTKTNDDFFEMMKRS
;
A,B,C,D,E,F
#
# COMPACT_ATOMS: atom_id res chain seq x y z
N MET G 1 35.62 -62.46 11.06
CA MET G 1 36.19 -61.76 12.25
C MET G 1 35.39 -60.50 12.58
N ASN G 2 35.20 -59.64 11.58
CA ASN G 2 34.57 -58.33 11.78
C ASN G 2 33.39 -58.12 10.82
N LEU G 3 32.25 -57.69 11.39
CA LEU G 3 31.01 -57.53 10.63
C LEU G 3 31.13 -56.49 9.53
N THR G 4 31.49 -55.26 9.91
CA THR G 4 31.60 -54.15 8.97
C THR G 4 32.69 -54.37 7.91
N GLU G 5 33.73 -55.12 8.28
CA GLU G 5 34.75 -55.54 7.34
C GLU G 5 34.18 -56.51 6.30
N LEU G 6 33.28 -57.38 6.75
CA LEU G 6 32.69 -58.41 5.89
C LEU G 6 31.71 -57.86 4.86
N LYS G 7 30.76 -57.04 5.32
CA LYS G 7 29.75 -56.45 4.43
C LYS G 7 30.37 -55.46 3.43
N ASN G 8 31.58 -55.00 3.74
CA ASN G 8 32.33 -54.15 2.83
C ASN G 8 33.06 -54.94 1.74
N THR G 9 33.52 -56.14 2.09
CA THR G 9 34.17 -57.02 1.13
C THR G 9 33.16 -57.60 0.14
N PRO G 10 33.49 -57.53 -1.16
CA PRO G 10 32.59 -57.98 -2.24
C PRO G 10 32.09 -59.41 -2.10
N VAL G 11 30.92 -59.67 -2.71
CA VAL G 11 30.22 -60.96 -2.61
C VAL G 11 31.07 -62.14 -3.08
N SER G 12 31.79 -61.96 -4.18
CA SER G 12 32.62 -63.02 -4.77
C SER G 12 33.64 -63.57 -3.76
N GLU G 13 34.31 -62.65 -3.06
CA GLU G 13 35.28 -63.02 -2.03
C GLU G 13 34.60 -63.59 -0.79
N LEU G 14 33.34 -63.21 -0.57
CA LEU G 14 32.55 -63.71 0.55
C LEU G 14 32.20 -65.20 0.41
N ILE G 15 31.96 -65.63 -0.83
CA ILE G 15 31.68 -67.04 -1.11
C ILE G 15 32.94 -67.87 -0.89
N THR G 16 34.04 -67.43 -1.51
CA THR G 16 35.33 -68.14 -1.43
C THR G 16 36.00 -68.03 -0.05
N LEU G 17 35.40 -67.24 0.83
CA LEU G 17 35.87 -67.14 2.22
C LEU G 17 35.08 -68.08 3.12
N GLY G 18 33.80 -68.27 2.79
CA GLY G 18 32.93 -69.16 3.55
C GLY G 18 33.12 -70.62 3.18
N GLU G 19 33.34 -70.89 1.89
CA GLU G 19 33.57 -72.25 1.39
C GLU G 19 34.79 -72.91 2.03
N ASN G 20 35.82 -72.11 2.29
CA ASN G 20 37.03 -72.58 2.96
C ASN G 20 36.78 -72.91 4.43
N MET G 21 35.57 -72.65 4.90
CA MET G 21 35.16 -72.93 6.27
C MET G 21 34.08 -74.02 6.34
N GLY G 22 33.85 -74.69 5.22
CA GLY G 22 32.88 -75.78 5.14
C GLY G 22 31.44 -75.32 4.93
N LEU G 23 31.27 -74.18 4.28
CA LEU G 23 29.93 -73.69 3.95
C LEU G 23 29.55 -74.08 2.53
N GLU G 24 28.46 -74.84 2.43
CA GLU G 24 28.05 -75.45 1.16
C GLU G 24 27.07 -74.59 0.36
N ASN G 25 27.35 -74.47 -0.94
CA ASN G 25 26.49 -73.76 -1.89
C ASN G 25 25.95 -72.43 -1.37
N LEU G 26 26.87 -71.51 -1.04
CA LEU G 26 26.50 -70.17 -0.59
C LEU G 26 26.03 -69.30 -1.75
N ALA G 27 26.30 -69.74 -2.98
CA ALA G 27 25.97 -68.99 -4.19
C ALA G 27 24.47 -68.77 -4.38
N ARG G 28 23.65 -69.50 -3.63
CA ARG G 28 22.18 -69.40 -3.76
C ARG G 28 21.52 -68.74 -2.54
N MET G 29 22.25 -67.84 -1.89
CA MET G 29 21.69 -66.98 -0.86
C MET G 29 22.34 -65.60 -0.94
N ARG G 30 21.58 -64.57 -0.57
CA ARG G 30 22.03 -63.19 -0.71
C ARG G 30 23.22 -62.85 0.19
N LYS G 31 24.02 -61.89 -0.27
CA LYS G 31 25.19 -61.39 0.45
C LYS G 31 24.93 -61.30 1.95
N GLN G 32 23.77 -60.78 2.32
CA GLN G 32 23.35 -60.64 3.70
C GLN G 32 23.38 -61.97 4.47
N ASP G 33 22.71 -62.99 3.92
CA ASP G 33 22.66 -64.32 4.54
C ASP G 33 24.05 -64.95 4.64
N ILE G 34 24.87 -64.73 3.63
CA ILE G 34 26.24 -65.26 3.60
C ILE G 34 27.07 -64.72 4.78
N ILE G 35 26.99 -63.41 5.02
CA ILE G 35 27.69 -62.77 6.14
C ILE G 35 27.24 -63.37 7.47
N PHE G 36 25.92 -63.48 7.65
CA PHE G 36 25.34 -64.07 8.84
C PHE G 36 25.73 -65.54 9.00
N ALA G 37 25.77 -66.26 7.87
CA ALA G 37 26.18 -67.67 7.86
C ALA G 37 27.68 -67.83 8.16
N ILE G 38 28.46 -66.79 7.92
CA ILE G 38 29.90 -66.79 8.22
C ILE G 38 30.19 -66.44 9.67
N LEU G 39 29.63 -65.31 10.13
CA LEU G 39 29.83 -64.86 11.51
C LEU G 39 29.23 -65.85 12.51
N LYS G 40 28.09 -66.44 12.16
CA LYS G 40 27.47 -67.50 12.95
C LYS G 40 28.35 -68.75 12.96
N GLN G 41 29.01 -69.03 11.84
CA GLN G 41 29.89 -70.19 11.70
C GLN G 41 31.07 -70.16 12.67
N HIS G 42 31.44 -68.96 13.12
CA HIS G 42 32.38 -68.83 14.24
C HIS G 42 31.75 -69.39 15.52
N ALA G 43 30.87 -70.37 15.33
CA ALA G 43 30.37 -71.21 16.41
C ALA G 43 31.48 -72.11 16.95
N LYS G 44 32.69 -71.91 16.41
CA LYS G 44 33.90 -72.51 16.94
C LYS G 44 34.20 -71.88 18.31
N SER G 45 33.28 -72.12 19.24
CA SER G 45 33.27 -71.52 20.59
C SER G 45 34.59 -70.94 21.08
N GLY G 46 34.57 -69.64 21.39
CA GLY G 46 35.78 -68.92 21.78
C GLY G 46 36.44 -68.28 20.58
N GLU G 47 35.74 -68.31 19.43
CA GLU G 47 36.17 -67.59 18.24
C GLU G 47 35.55 -66.20 18.21
N ASP G 48 36.39 -65.19 18.07
CA ASP G 48 35.97 -63.80 18.28
C ASP G 48 35.32 -63.16 17.07
N ILE G 49 34.13 -62.60 17.31
CA ILE G 49 33.41 -61.80 16.33
C ILE G 49 33.34 -60.36 16.84
N PHE G 50 33.62 -59.41 15.96
CA PHE G 50 33.61 -58.00 16.34
C PHE G 50 32.60 -57.21 15.50
N GLY G 51 32.22 -56.04 16.02
CA GLY G 51 31.33 -55.13 15.33
C GLY G 51 31.46 -53.71 15.87
N ASP G 52 31.10 -52.73 15.05
CA ASP G 52 31.14 -51.33 15.45
C ASP G 52 29.93 -50.56 14.95
N GLY G 53 29.70 -49.40 15.56
CA GLY G 53 28.60 -48.53 15.16
C GLY G 53 28.39 -47.36 16.11
N VAL G 54 27.50 -46.45 15.72
CA VAL G 54 27.13 -45.32 16.55
C VAL G 54 25.83 -45.63 17.29
N LEU G 55 25.86 -45.49 18.60
CA LEU G 55 24.74 -45.90 19.45
C LEU G 55 23.51 -45.00 19.31
N GLU G 56 22.35 -45.64 19.21
CA GLU G 56 21.07 -44.95 19.27
C GLU G 56 20.21 -45.57 20.37
N ILE G 57 20.14 -44.90 21.51
CA ILE G 57 19.30 -45.35 22.61
C ILE G 57 17.82 -45.15 22.27
N LEU G 58 17.08 -46.24 22.21
CA LEU G 58 15.67 -46.23 21.86
C LEU G 58 14.77 -45.74 23.00
N GLN G 59 13.49 -45.61 22.69
CA GLN G 59 12.48 -45.11 23.64
C GLN G 59 12.39 -45.96 24.92
N ASP G 60 12.21 -47.27 24.73
CA ASP G 60 11.98 -48.19 25.84
C ASP G 60 13.10 -48.17 26.89
N GLY G 61 14.35 -48.28 26.42
CA GLY G 61 15.50 -48.29 27.30
C GLY G 61 16.72 -48.96 26.68
N PHE G 62 16.47 -49.79 25.66
CA PHE G 62 17.52 -50.49 24.93
C PHE G 62 18.11 -49.61 23.82
N GLY G 63 19.08 -50.16 23.08
CA GLY G 63 19.76 -49.41 22.03
C GLY G 63 20.28 -50.24 20.87
N PHE G 64 20.78 -49.54 19.85
CA PHE G 64 21.36 -50.18 18.67
C PHE G 64 22.57 -49.40 18.16
N LEU G 65 23.53 -50.12 17.58
CA LEU G 65 24.68 -49.49 16.95
C LEU G 65 24.45 -49.31 15.46
N ARG G 66 24.08 -48.08 15.07
CA ARG G 66 23.78 -47.76 13.68
C ARG G 66 25.05 -47.56 12.87
N SER G 67 24.98 -47.84 11.57
CA SER G 67 26.14 -47.76 10.69
C SER G 67 26.16 -46.47 9.87
N ALA G 68 27.34 -45.87 9.75
CA ALA G 68 27.54 -44.62 9.03
C ALA G 68 27.29 -44.76 7.53
N ASP G 69 27.66 -45.90 6.97
CA ASP G 69 27.53 -46.15 5.53
C ASP G 69 26.08 -46.40 5.10
N SER G 70 25.13 -46.11 5.98
CA SER G 70 23.71 -46.19 5.67
C SER G 70 23.00 -44.90 6.06
N SER G 71 23.79 -43.88 6.44
CA SER G 71 23.29 -42.66 7.05
C SER G 71 22.49 -42.96 8.32
N TYR G 72 22.98 -43.94 9.07
CA TYR G 72 22.36 -44.42 10.32
C TYR G 72 20.91 -44.88 10.14
N LEU G 73 20.63 -45.52 9.00
CA LEU G 73 19.35 -46.13 8.75
C LEU G 73 19.28 -47.48 9.44
N ALA G 74 18.13 -47.76 10.06
CA ALA G 74 17.90 -49.02 10.77
C ALA G 74 18.00 -50.22 9.83
N GLY G 75 19.06 -51.00 9.98
CA GLY G 75 19.30 -52.15 9.12
C GLY G 75 19.07 -53.48 9.84
N PRO G 76 19.05 -54.57 9.07
CA PRO G 76 18.83 -55.91 9.62
C PRO G 76 20.07 -56.45 10.35
N ASP G 77 21.16 -55.69 10.32
CA ASP G 77 22.38 -56.08 11.01
C ASP G 77 22.95 -54.97 11.91
N ASP G 78 22.06 -54.26 12.59
CA ASP G 78 22.45 -53.36 13.67
C ASP G 78 22.88 -54.20 14.87
N ILE G 79 23.69 -53.62 15.75
CA ILE G 79 24.16 -54.33 16.93
C ILE G 79 23.39 -53.91 18.18
N TYR G 80 22.72 -54.88 18.80
CA TYR G 80 21.89 -54.63 19.97
C TYR G 80 22.70 -54.32 21.22
N VAL G 81 22.36 -53.22 21.88
CA VAL G 81 22.99 -52.85 23.14
C VAL G 81 21.96 -52.96 24.27
N SER G 82 22.29 -53.76 25.27
CA SER G 82 21.40 -54.03 26.40
C SER G 82 21.19 -52.78 27.26
N PRO G 83 19.98 -52.62 27.79
CA PRO G 83 19.70 -51.56 28.77
C PRO G 83 20.57 -51.72 30.00
N SER G 84 21.00 -52.95 30.27
CA SER G 84 21.92 -53.25 31.36
C SER G 84 23.34 -52.86 31.00
N GLN G 85 23.71 -53.02 29.73
CA GLN G 85 25.03 -52.66 29.23
C GLN G 85 25.26 -51.15 29.28
N ILE G 86 24.23 -50.39 28.91
CA ILE G 86 24.27 -48.92 28.96
C ILE G 86 24.54 -48.43 30.38
N ARG G 87 23.92 -49.08 31.36
CA ARG G 87 24.09 -48.74 32.78
C ARG G 87 25.53 -48.89 33.24
N ARG G 88 26.22 -49.90 32.71
CA ARG G 88 27.58 -50.24 33.11
C ARG G 88 28.65 -49.30 32.54
N PHE G 89 28.31 -48.56 31.50
CA PHE G 89 29.26 -47.67 30.83
C PHE G 89 28.76 -46.24 30.71
N ASN G 90 27.60 -45.95 31.31
CA ASN G 90 26.92 -44.65 31.18
C ASN G 90 26.82 -44.19 29.73
N LEU G 91 26.32 -45.07 28.87
CA LEU G 91 26.29 -44.84 27.43
C LEU G 91 25.21 -43.85 27.02
N ARG G 92 25.41 -43.22 25.88
CA ARG G 92 24.53 -42.15 25.40
C ARG G 92 24.40 -42.20 23.88
N THR G 93 23.34 -41.61 23.36
CA THR G 93 23.13 -41.52 21.92
C THR G 93 24.18 -40.62 21.29
N GLY G 94 24.84 -41.13 20.26
CA GLY G 94 25.94 -40.42 19.61
C GLY G 94 27.29 -41.05 19.88
N ASP G 95 27.35 -41.85 20.96
CA ASP G 95 28.57 -42.59 21.31
C ASP G 95 28.93 -43.59 20.23
N THR G 96 30.18 -43.55 19.78
CA THR G 96 30.68 -44.52 18.81
C THR G 96 31.33 -45.69 19.55
N ILE G 97 30.68 -46.85 19.48
CA ILE G 97 31.12 -48.03 20.22
C ILE G 97 31.61 -49.13 19.28
N SER G 98 32.57 -49.91 19.75
CA SER G 98 33.09 -51.08 19.02
C SER G 98 33.49 -52.17 20.00
N GLY G 99 33.56 -53.41 19.52
CA GLY G 99 34.02 -54.53 20.34
C GLY G 99 33.45 -55.89 19.99
N LYS G 100 33.73 -56.87 20.86
CA LYS G 100 33.27 -58.24 20.68
C LYS G 100 31.75 -58.33 20.68
N ILE G 101 31.21 -59.02 19.69
CA ILE G 101 29.77 -59.28 19.58
C ILE G 101 29.52 -60.77 19.35
N ARG G 102 28.27 -61.20 19.53
CA ARG G 102 27.90 -62.60 19.34
C ARG G 102 26.61 -62.75 18.51
N PRO G 103 26.48 -63.86 17.79
CA PRO G 103 25.34 -64.09 16.90
C PRO G 103 24.01 -64.22 17.64
N PRO G 104 22.91 -63.90 16.96
CA PRO G 104 21.58 -64.07 17.53
C PRO G 104 21.26 -65.53 17.83
N LYS G 105 20.79 -65.79 19.05
CA LYS G 105 20.34 -67.12 19.45
C LYS G 105 18.98 -67.42 18.80
N GLU G 106 18.33 -68.49 19.26
CA GLU G 106 17.00 -68.83 18.76
C GLU G 106 15.95 -67.94 19.41
N GLY G 107 15.19 -67.24 18.56
CA GLY G 107 14.23 -66.24 19.01
C GLY G 107 14.76 -64.83 18.84
N GLU G 108 16.04 -64.72 18.48
CA GLU G 108 16.70 -63.44 18.25
C GLU G 108 16.96 -63.24 16.75
N ARG G 109 17.11 -61.98 16.34
CA ARG G 109 17.34 -61.66 14.93
C ARG G 109 18.59 -60.79 14.69
N TYR G 110 19.09 -60.16 15.74
CA TYR G 110 20.24 -59.26 15.61
C TYR G 110 21.43 -59.69 16.46
N PHE G 111 22.62 -59.27 16.04
CA PHE G 111 23.83 -59.43 16.83
C PHE G 111 23.77 -58.55 18.08
N ALA G 112 24.41 -59.00 19.15
CA ALA G 112 24.40 -58.26 20.42
C ALA G 112 25.82 -57.95 20.88
N LEU G 113 26.01 -56.72 21.37
CA LEU G 113 27.29 -56.28 21.91
C LEU G 113 27.69 -57.17 23.08
N LEU G 114 28.64 -58.07 22.83
CA LEU G 114 29.09 -59.03 23.83
C LEU G 114 30.07 -58.39 24.83
N LYS G 115 30.96 -57.54 24.31
CA LYS G 115 31.94 -56.85 25.14
C LYS G 115 32.33 -55.50 24.54
N VAL G 116 32.24 -54.45 25.35
CA VAL G 116 32.63 -53.10 24.93
C VAL G 116 34.15 -52.97 24.90
N ASN G 117 34.67 -52.49 23.77
CA ASN G 117 36.11 -52.28 23.62
C ASN G 117 36.53 -50.82 23.53
N GLU G 118 35.62 -49.97 23.03
CA GLU G 118 35.94 -48.55 22.84
C GLU G 118 34.68 -47.68 22.81
N VAL G 119 34.75 -46.55 23.49
CA VAL G 119 33.67 -45.56 23.52
C VAL G 119 34.21 -44.20 23.08
N ASN G 120 33.81 -43.76 21.89
CA ASN G 120 34.31 -42.53 21.27
C ASN G 120 35.83 -42.52 21.12
N PHE G 121 36.37 -43.65 20.66
CA PHE G 121 37.81 -43.82 20.46
C PHE G 121 38.62 -43.73 21.77
N ASP G 122 37.92 -43.90 22.90
CA ASP G 122 38.53 -43.85 24.21
C ASP G 122 38.28 -45.17 24.94
N LYS G 123 39.13 -45.48 25.91
CA LYS G 123 38.96 -46.68 26.73
C LYS G 123 37.65 -46.60 27.52
N PRO G 124 36.86 -47.68 27.51
CA PRO G 124 35.52 -47.70 28.11
C PRO G 124 35.39 -47.05 29.49
N GLU G 125 36.47 -47.08 30.26
CA GLU G 125 36.49 -46.47 31.60
C GLU G 125 36.67 -44.95 31.53
N ASN G 126 36.18 -44.35 30.46
CA ASN G 126 36.21 -42.89 30.28
C ASN G 126 34.94 -42.38 29.62
N ASN G 129 33.63 -36.68 31.85
CA ASN G 129 33.03 -36.39 30.55
C ASN G 129 31.69 -35.67 30.72
N LYS G 130 31.76 -34.41 31.11
CA LYS G 130 30.56 -33.59 31.28
C LYS G 130 29.93 -33.27 29.93
N ILE G 131 28.69 -33.72 29.76
CA ILE G 131 27.93 -33.57 28.51
C ILE G 131 27.98 -32.16 27.93
N LEU G 132 28.04 -32.05 26.61
CA LEU G 132 28.05 -30.76 25.91
C LEU G 132 26.95 -29.84 26.44
N PHE G 133 25.93 -30.47 27.04
CA PHE G 133 24.80 -29.76 27.63
C PHE G 133 25.20 -28.80 28.76
N GLU G 134 26.43 -28.91 29.27
CA GLU G 134 26.89 -28.04 30.37
C GLU G 134 28.36 -27.62 30.30
N ASN G 135 28.89 -27.50 29.08
CA ASN G 135 30.20 -26.89 28.87
C ASN G 135 30.03 -25.37 28.76
N LEU G 136 30.95 -24.64 29.38
CA LEU G 136 30.95 -23.17 29.29
C LEU G 136 31.37 -22.72 27.89
N THR G 137 30.78 -21.62 27.43
CA THR G 137 30.89 -21.22 26.02
C THR G 137 31.48 -19.83 25.82
N PRO G 138 32.78 -19.73 25.56
CA PRO G 138 33.38 -18.52 25.01
C PRO G 138 32.84 -18.25 23.61
N LEU G 139 32.98 -17.02 23.15
CA LEU G 139 32.37 -16.57 21.89
C LEU G 139 32.68 -17.45 20.67
N HIS G 140 33.82 -18.15 20.72
CA HIS G 140 34.30 -19.09 19.66
C HIS G 140 35.33 -18.49 18.71
N ALA G 141 35.54 -17.18 18.82
CA ALA G 141 36.37 -16.45 17.86
C ALA G 141 37.87 -16.64 18.08
N ASN G 142 38.24 -17.15 19.25
CA ASN G 142 39.66 -17.29 19.64
C ASN G 142 40.58 -17.86 18.56
N SER G 143 40.19 -18.98 17.94
CA SER G 143 41.00 -19.64 16.93
C SER G 143 40.28 -19.69 15.59
N ARG G 144 40.94 -19.14 14.57
CA ARG G 144 40.36 -19.02 13.24
C ARG G 144 40.62 -20.26 12.38
N LEU G 145 39.86 -20.36 11.29
CA LEU G 145 40.06 -21.41 10.30
C LEU G 145 40.12 -20.83 8.89
N ARG G 146 41.34 -20.62 8.39
CA ARG G 146 41.53 -20.18 7.01
C ARG G 146 41.34 -21.33 6.04
N MET G 147 41.02 -20.98 4.79
CA MET G 147 40.62 -21.98 3.79
C MET G 147 41.40 -21.83 2.49
N GLY G 152 47.38 -22.94 -3.24
CA GLY G 152 46.59 -21.86 -3.83
C GLY G 152 46.57 -21.90 -5.33
N SER G 153 45.38 -21.74 -5.91
CA SER G 153 45.18 -21.85 -7.35
C SER G 153 43.90 -21.16 -7.82
N THR G 154 43.09 -21.88 -8.60
CA THR G 154 41.81 -21.37 -9.11
C THR G 154 40.64 -21.80 -8.24
N GLU G 155 40.78 -22.97 -7.60
CA GLU G 155 39.78 -23.45 -6.65
C GLU G 155 39.76 -22.60 -5.38
N ASP G 156 40.95 -22.11 -5.01
CA ASP G 156 41.10 -21.25 -3.83
C ASP G 156 40.59 -19.83 -4.11
N LEU G 157 39.78 -19.68 -5.17
CA LEU G 157 39.14 -18.41 -5.49
C LEU G 157 38.02 -18.09 -4.50
N THR G 158 37.05 -18.99 -4.41
CA THR G 158 35.92 -18.83 -3.50
C THR G 158 36.37 -18.74 -2.04
N ALA G 159 37.23 -19.68 -1.62
CA ALA G 159 37.74 -19.74 -0.25
C ALA G 159 38.46 -18.47 0.17
N ARG G 160 39.04 -17.77 -0.80
CA ARG G 160 39.75 -16.52 -0.57
C ARG G 160 38.77 -15.38 -0.26
N VAL G 161 37.78 -15.21 -1.14
CA VAL G 161 36.71 -14.22 -0.93
C VAL G 161 35.90 -14.59 0.31
N LEU G 162 35.87 -15.89 0.62
CA LEU G 162 35.15 -16.41 1.77
C LEU G 162 35.80 -15.98 3.09
N ASP G 163 37.12 -16.11 3.17
CA ASP G 163 37.87 -15.72 4.37
C ASP G 163 37.91 -14.20 4.58
N LEU G 164 37.71 -13.46 3.50
CA LEU G 164 37.66 -11.99 3.59
C LEU G 164 36.26 -11.50 3.97
N ALA G 165 35.24 -12.14 3.42
CA ALA G 165 33.85 -11.74 3.67
C ALA G 165 33.34 -12.22 5.04
N SER G 166 33.51 -13.50 5.32
CA SER G 166 33.05 -14.08 6.58
C SER G 166 34.05 -15.07 7.19
N PRO G 167 35.06 -14.54 7.89
CA PRO G 167 36.01 -15.36 8.65
C PRO G 167 35.30 -16.37 9.56
N ILE G 168 35.62 -17.65 9.37
CA ILE G 168 35.04 -18.75 10.14
C ILE G 168 35.86 -19.00 11.40
N GLY G 169 35.19 -19.45 12.46
CA GLY G 169 35.85 -19.77 13.73
C GLY G 169 35.55 -21.16 14.24
N ARG G 170 36.27 -21.56 15.28
CA ARG G 170 36.06 -22.85 15.93
C ARG G 170 34.81 -22.82 16.81
N GLY G 171 33.68 -23.17 16.22
CA GLY G 171 32.42 -23.18 16.94
C GLY G 171 31.44 -22.13 16.47
N GLN G 172 31.51 -21.79 15.19
CA GLN G 172 30.64 -20.77 14.61
C GLN G 172 29.25 -21.28 14.28
N ARG G 173 28.25 -20.47 14.63
CA ARG G 173 26.90 -20.66 14.17
C ARG G 173 26.79 -19.89 12.86
N GLY G 174 27.04 -20.60 11.75
CA GLY G 174 27.14 -19.98 10.45
C GLY G 174 25.92 -20.24 9.57
N LEU G 175 25.33 -19.17 9.06
CA LEU G 175 24.20 -19.26 8.15
C LEU G 175 24.60 -18.88 6.73
N ILE G 176 24.35 -19.78 5.79
CA ILE G 176 24.60 -19.51 4.37
C ILE G 176 23.28 -19.27 3.65
N VAL G 177 22.98 -18.00 3.39
CA VAL G 177 21.76 -17.62 2.68
C VAL G 177 21.93 -17.86 1.17
N ALA G 178 20.92 -18.44 0.53
CA ALA G 178 21.03 -18.81 -0.88
C ALA G 178 19.69 -18.91 -1.62
N PRO G 179 19.59 -18.25 -2.78
CA PRO G 179 18.53 -18.50 -3.74
C PRO G 179 18.90 -19.67 -4.67
N PRO G 180 17.92 -20.26 -5.35
CA PRO G 180 18.20 -21.35 -6.30
C PRO G 180 19.20 -20.96 -7.39
N LYS G 181 20.09 -21.89 -7.73
CA LYS G 181 21.17 -21.67 -8.71
C LYS G 181 22.08 -20.49 -8.33
N ALA G 182 23.03 -20.75 -7.43
CA ALA G 182 23.92 -19.70 -6.93
C ALA G 182 25.28 -20.22 -6.47
N GLY G 183 25.53 -21.51 -6.72
CA GLY G 183 26.75 -22.16 -6.27
C GLY G 183 26.62 -22.79 -4.90
N LYS G 184 25.39 -22.83 -4.40
CA LYS G 184 25.08 -23.40 -3.08
C LYS G 184 25.79 -24.74 -2.83
N THR G 185 25.68 -25.66 -3.79
CA THR G 185 26.37 -26.96 -3.69
C THR G 185 27.89 -26.79 -3.78
N MET G 186 28.35 -26.20 -4.88
CA MET G 186 29.80 -26.06 -5.12
C MET G 186 30.52 -25.19 -4.10
N LEU G 187 29.79 -24.26 -3.48
CA LEU G 187 30.31 -23.44 -2.39
C LEU G 187 30.57 -24.30 -1.16
N LEU G 188 29.62 -25.18 -0.84
CA LEU G 188 29.77 -26.11 0.28
C LEU G 188 30.87 -27.14 0.00
N GLN G 189 30.91 -27.63 -1.24
CA GLN G 189 31.95 -28.56 -1.67
C GLN G 189 33.32 -27.90 -1.72
N ASN G 190 33.34 -26.58 -1.94
CA ASN G 190 34.56 -25.79 -1.85
C ASN G 190 35.05 -25.68 -0.41
N ILE G 191 34.12 -25.40 0.50
CA ILE G 191 34.43 -25.30 1.94
C ILE G 191 34.87 -26.66 2.50
N ALA G 192 34.10 -27.71 2.18
CA ALA G 192 34.42 -29.07 2.61
C ALA G 192 35.76 -29.55 2.08
N GLN G 193 36.15 -29.02 0.92
CA GLN G 193 37.46 -29.31 0.34
C GLN G 193 38.55 -28.51 1.06
N SER G 194 38.22 -27.30 1.47
CA SER G 194 39.14 -26.44 2.21
C SER G 194 39.26 -26.85 3.68
N ILE G 195 38.29 -27.61 4.16
CA ILE G 195 38.30 -28.11 5.55
C ILE G 195 39.29 -29.26 5.72
N ALA G 196 39.12 -30.32 4.95
CA ALA G 196 39.98 -31.50 5.05
C ALA G 196 41.41 -31.22 4.57
N TYR G 197 41.54 -30.28 3.65
CA TYR G 197 42.83 -29.90 3.07
C TYR G 197 43.68 -29.07 4.05
N ASN G 198 43.05 -28.10 4.70
CA ASN G 198 43.76 -27.21 5.63
C ASN G 198 43.64 -27.61 7.11
N HIS G 199 42.52 -28.21 7.48
CA HIS G 199 42.28 -28.63 8.86
C HIS G 199 41.79 -30.08 8.96
N PRO G 200 42.71 -31.04 8.80
CA PRO G 200 42.39 -32.45 8.92
C PRO G 200 42.25 -32.90 10.38
N ASP G 201 42.67 -32.04 11.31
CA ASP G 201 42.56 -32.29 12.75
C ASP G 201 41.12 -32.14 13.24
N CYS G 202 40.24 -31.73 12.35
CA CYS G 202 38.83 -31.52 12.69
C CYS G 202 37.95 -32.65 12.16
N VAL G 203 36.88 -32.94 12.90
CA VAL G 203 35.92 -33.96 12.51
C VAL G 203 34.84 -33.35 11.60
N LEU G 204 34.98 -33.58 10.30
CA LEU G 204 34.05 -33.01 9.33
C LEU G 204 32.85 -33.92 9.08
N MET G 205 31.66 -33.33 9.20
CA MET G 205 30.42 -34.03 8.90
C MET G 205 29.55 -33.16 8.00
N VAL G 206 29.14 -33.71 6.86
CA VAL G 206 28.24 -33.00 5.95
C VAL G 206 26.84 -33.61 6.05
N LEU G 207 25.88 -32.79 6.46
CA LEU G 207 24.52 -33.27 6.68
C LEU G 207 23.59 -32.77 5.58
N LEU G 208 23.13 -33.72 4.74
CA LEU G 208 22.22 -33.40 3.65
C LEU G 208 20.82 -33.92 3.94
N ILE G 209 19.87 -33.00 4.08
CA ILE G 209 18.48 -33.36 4.32
C ILE G 209 17.63 -33.09 3.07
N ASP G 210 16.80 -34.08 2.71
CA ASP G 210 15.81 -33.96 1.64
C ASP G 210 16.47 -33.71 0.27
N GLU G 211 17.59 -34.36 0.04
CA GLU G 211 18.35 -34.19 -1.21
C GLU G 211 18.17 -35.34 -2.20
N ARG G 212 18.62 -35.12 -3.44
CA ARG G 212 18.56 -36.15 -4.47
C ARG G 212 19.73 -37.12 -4.39
N PRO G 213 19.44 -38.42 -4.49
CA PRO G 213 20.44 -39.48 -4.35
C PRO G 213 21.74 -39.26 -5.14
N GLU G 214 21.63 -38.60 -6.29
CA GLU G 214 22.79 -38.30 -7.13
C GLU G 214 23.65 -37.17 -6.55
N GLU G 215 23.01 -36.13 -6.05
CA GLU G 215 23.70 -35.04 -5.35
C GLU G 215 24.33 -35.54 -4.06
N VAL G 216 23.68 -36.53 -3.45
CA VAL G 216 24.18 -37.20 -2.25
C VAL G 216 25.45 -38.00 -2.56
N THR G 217 25.39 -38.82 -3.62
CA THR G 217 26.52 -39.66 -4.01
C THR G 217 27.70 -38.86 -4.57
N GLU G 218 27.40 -37.76 -5.27
CA GLU G 218 28.44 -36.85 -5.75
C GLU G 218 29.11 -36.11 -4.59
N MET G 219 28.34 -35.83 -3.54
CA MET G 219 28.87 -35.25 -2.30
C MET G 219 29.66 -36.31 -1.52
N GLN G 220 29.12 -37.52 -1.45
CA GLN G 220 29.80 -38.65 -0.83
C GLN G 220 31.13 -38.98 -1.52
N ARG G 221 31.21 -38.65 -2.80
CA ARG G 221 32.40 -38.89 -3.60
C ARG G 221 33.50 -37.88 -3.31
N LEU G 222 33.12 -36.61 -3.22
CA LEU G 222 34.08 -35.50 -3.19
C LEU G 222 34.66 -35.18 -1.81
N VAL G 223 33.89 -35.45 -0.76
CA VAL G 223 34.26 -35.02 0.60
C VAL G 223 35.10 -36.04 1.35
N LYS G 224 36.30 -35.62 1.77
CA LYS G 224 37.13 -36.38 2.68
C LYS G 224 36.60 -36.15 4.11
N GLY G 225 35.67 -37.01 4.51
CA GLY G 225 34.97 -36.87 5.80
C GLY G 225 33.64 -37.60 5.74
N GLU G 226 32.95 -37.65 6.88
CA GLU G 226 31.70 -38.39 6.98
C GLU G 226 30.52 -37.64 6.36
N VAL G 227 30.02 -38.16 5.24
CA VAL G 227 28.83 -37.61 4.60
C VAL G 227 27.60 -38.42 5.01
N VAL G 228 26.66 -37.76 5.67
CA VAL G 228 25.44 -38.38 6.17
C VAL G 228 24.24 -37.66 5.55
N ALA G 229 23.31 -38.41 4.96
CA ALA G 229 22.23 -37.80 4.18
C ALA G 229 20.91 -38.59 4.17
N SER G 230 19.81 -37.85 4.11
CA SER G 230 18.49 -38.42 3.89
C SER G 230 17.93 -37.92 2.55
N THR G 231 17.41 -38.84 1.74
CA THR G 231 16.92 -38.51 0.40
C THR G 231 15.50 -37.94 0.42
N PHE G 232 15.11 -37.31 -0.68
CA PHE G 232 13.83 -36.59 -0.80
C PHE G 232 12.60 -37.46 -0.54
N ASP G 233 12.70 -38.75 -0.88
CA ASP G 233 11.58 -39.68 -0.80
C ASP G 233 11.24 -40.08 0.63
N GLU G 234 12.24 -40.10 1.50
CA GLU G 234 12.11 -40.61 2.86
C GLU G 234 11.18 -39.75 3.73
N PRO G 235 10.44 -40.38 4.64
CA PRO G 235 9.50 -39.68 5.51
C PRO G 235 10.13 -38.56 6.34
N ALA G 236 9.29 -37.67 6.86
CA ALA G 236 9.75 -36.52 7.63
C ALA G 236 10.43 -36.91 8.95
N SER G 237 9.95 -38.01 9.54
CA SER G 237 10.53 -38.55 10.77
C SER G 237 11.95 -39.07 10.54
N ARG G 238 12.25 -39.36 9.28
CA ARG G 238 13.57 -39.85 8.87
C ARG G 238 14.59 -38.71 8.80
N HIS G 239 14.18 -37.57 8.26
CA HIS G 239 15.05 -36.39 8.18
C HIS G 239 15.44 -35.89 9.57
N VAL G 240 14.51 -36.00 10.51
CA VAL G 240 14.76 -35.68 11.91
C VAL G 240 15.75 -36.68 12.51
N GLN G 241 15.50 -37.97 12.26
CA GLN G 241 16.33 -39.05 12.80
C GLN G 241 17.80 -38.92 12.42
N VAL G 242 18.06 -38.65 11.14
CA VAL G 242 19.42 -38.49 10.63
C VAL G 242 20.12 -37.29 11.28
N ALA G 243 19.39 -36.19 11.44
CA ALA G 243 19.92 -34.97 12.03
C ALA G 243 20.23 -35.11 13.52
N GLU G 244 19.41 -35.91 14.22
CA GLU G 244 19.58 -36.09 15.66
C GLU G 244 20.64 -37.12 16.01
N MET G 245 20.82 -38.11 15.13
CA MET G 245 21.93 -39.05 15.26
C MET G 245 23.26 -38.34 15.10
N VAL G 246 23.29 -37.34 14.21
CA VAL G 246 24.50 -36.60 13.89
C VAL G 246 24.83 -35.52 14.93
N ILE G 247 23.83 -34.73 15.31
CA ILE G 247 24.04 -33.65 16.28
C ILE G 247 24.47 -34.17 17.65
N GLU G 248 23.98 -35.36 18.02
CA GLU G 248 24.36 -36.00 19.27
C GLU G 248 25.73 -36.66 19.16
N LYS G 249 26.03 -37.21 17.98
CA LYS G 249 27.34 -37.79 17.69
C LYS G 249 28.44 -36.76 17.89
N ALA G 250 28.16 -35.53 17.44
CA ALA G 250 29.08 -34.41 17.62
C ALA G 250 29.25 -34.05 19.10
N LYS G 251 28.13 -33.94 19.81
CA LYS G 251 28.14 -33.60 21.23
C LYS G 251 29.01 -34.53 22.06
N ARG G 252 28.95 -35.82 21.77
CA ARG G 252 29.77 -36.83 22.46
C ARG G 252 31.25 -36.68 22.12
N LEU G 253 31.53 -36.26 20.89
CA LEU G 253 32.91 -36.08 20.43
C LEU G 253 33.55 -34.82 21.03
N VAL G 254 32.75 -33.78 21.27
CA VAL G 254 33.24 -32.56 21.89
C VAL G 254 33.49 -32.76 23.39
N GLU G 255 32.78 -33.73 23.98
CA GLU G 255 33.00 -34.14 25.36
C GLU G 255 34.39 -34.74 25.56
N HIS G 256 34.94 -35.26 24.46
CA HIS G 256 36.30 -35.76 24.44
C HIS G 256 37.26 -34.71 23.84
N LYS G 257 36.83 -33.45 23.92
CA LYS G 257 37.62 -32.27 23.52
C LYS G 257 38.07 -32.28 22.05
N LYS G 258 37.14 -32.59 21.15
CA LYS G 258 37.41 -32.55 19.71
C LYS G 258 36.77 -31.33 19.05
N ASP G 259 37.43 -30.81 18.03
CA ASP G 259 36.86 -29.74 17.21
C ASP G 259 36.06 -30.34 16.07
N VAL G 260 34.74 -30.17 16.12
CA VAL G 260 33.83 -30.78 15.16
C VAL G 260 33.19 -29.72 14.25
N ILE G 261 33.11 -30.02 12.96
CA ILE G 261 32.46 -29.14 11.98
C ILE G 261 31.32 -29.88 11.27
N ILE G 262 30.12 -29.31 11.33
CA ILE G 262 28.98 -29.86 10.59
C ILE G 262 28.51 -28.88 9.52
N LEU G 263 28.56 -29.31 8.26
CA LEU G 263 28.03 -28.52 7.16
C LEU G 263 26.65 -29.02 6.77
N LEU G 264 25.62 -28.35 7.27
CA LEU G 264 24.24 -28.73 7.00
C LEU G 264 23.75 -28.15 5.67
N ASP G 265 23.12 -29.00 4.86
CA ASP G 265 22.62 -28.63 3.54
C ASP G 265 21.53 -27.57 3.62
N SER G 266 20.58 -27.77 4.54
CA SER G 266 19.44 -26.88 4.66
C SER G 266 18.79 -26.95 6.04
N ILE G 267 19.05 -25.93 6.85
CA ILE G 267 18.30 -25.70 8.08
C ILE G 267 16.86 -25.41 7.72
N THR G 268 16.65 -24.96 6.48
CA THR G 268 15.32 -24.76 5.92
C THR G 268 14.62 -26.10 5.72
N ARG G 269 15.29 -27.03 5.03
CA ARG G 269 14.72 -28.36 4.78
C ARG G 269 14.55 -29.20 6.05
N LEU G 270 15.46 -29.03 7.00
CA LEU G 270 15.38 -29.73 8.27
C LEU G 270 14.20 -29.24 9.11
N ALA G 271 13.92 -27.94 9.03
CA ALA G 271 12.82 -27.34 9.78
C ALA G 271 11.45 -27.73 9.21
N ARG G 272 11.38 -27.85 7.88
CA ARG G 272 10.16 -28.33 7.21
C ARG G 272 9.80 -29.71 7.75
N ALA G 273 10.83 -30.52 8.01
CA ALA G 273 10.66 -31.87 8.53
C ALA G 273 10.13 -31.87 9.96
N TYR G 274 10.86 -31.20 10.87
CA TYR G 274 10.45 -31.07 12.27
C TYR G 274 9.01 -30.61 12.40
N ASN G 275 8.64 -29.64 11.55
CA ASN G 275 7.29 -29.08 11.52
C ASN G 275 6.19 -30.14 11.39
N THR G 276 6.46 -31.16 10.58
CA THR G 276 5.49 -32.22 10.31
C THR G 276 5.65 -33.41 11.27
N VAL G 277 6.75 -33.44 12.01
CA VAL G 277 6.98 -34.47 13.02
C VAL G 277 6.48 -34.00 14.39
N VAL G 278 6.75 -32.74 14.72
CA VAL G 278 6.24 -32.13 15.94
C VAL G 278 4.74 -31.83 15.80
N PRO G 279 3.93 -32.50 16.62
CA PRO G 279 2.48 -32.33 16.57
C PRO G 279 2.01 -31.08 17.33
N ALA G 280 1.02 -30.38 16.75
CA ALA G 280 0.43 -29.18 17.35
C ALA G 280 1.47 -28.17 17.85
N VAL G 284 -2.19 -22.15 16.70
CA VAL G 284 -0.79 -21.73 16.76
C VAL G 284 -0.09 -21.83 15.40
N LEU G 285 -0.51 -20.99 14.47
CA LEU G 285 0.03 -20.99 13.10
C LEU G 285 0.46 -19.58 12.69
N THR G 286 1.60 -19.49 11.99
CA THR G 286 2.15 -18.21 11.56
C THR G 286 2.64 -18.22 10.10
N GLY G 287 1.87 -18.86 9.21
CA GLY G 287 2.21 -18.92 7.79
C GLY G 287 2.55 -20.31 7.31
N GLY G 288 1.76 -21.30 7.74
CA GLY G 288 1.97 -22.69 7.37
C GLY G 288 2.72 -23.48 8.42
N VAL G 289 3.69 -22.83 9.05
CA VAL G 289 4.53 -23.47 10.06
C VAL G 289 4.07 -23.14 11.48
N ASP G 290 3.76 -24.18 12.25
CA ASP G 290 3.48 -24.06 13.68
C ASP G 290 4.70 -23.44 14.36
N ALA G 291 4.50 -22.28 14.98
CA ALA G 291 5.58 -21.50 15.58
C ALA G 291 6.34 -22.26 16.68
N ASN G 292 5.69 -23.27 17.26
CA ASN G 292 6.30 -24.09 18.30
C ASN G 292 7.17 -25.23 17.76
N ALA G 293 7.17 -25.40 16.44
CA ALA G 293 7.94 -26.47 15.81
C ALA G 293 9.37 -26.05 15.46
N LEU G 294 9.59 -24.74 15.38
CA LEU G 294 10.90 -24.17 15.03
C LEU G 294 11.92 -24.33 16.16
N HIS G 295 11.49 -24.92 17.27
CA HIS G 295 12.32 -25.07 18.46
C HIS G 295 13.43 -26.11 18.28
N ARG G 296 13.05 -27.29 17.80
CA ARG G 296 13.99 -28.41 17.64
C ARG G 296 15.06 -28.18 16.57
N PRO G 297 14.72 -27.52 15.44
CA PRO G 297 15.74 -27.08 14.49
C PRO G 297 16.69 -26.03 15.07
N LYS G 298 16.17 -25.21 15.99
CA LYS G 298 16.99 -24.20 16.68
C LYS G 298 17.89 -24.84 17.73
N ARG G 299 17.39 -25.89 18.37
CA ARG G 299 18.13 -26.66 19.38
C ARG G 299 19.36 -27.28 18.73
N PHE G 300 19.18 -27.78 17.51
CA PHE G 300 20.27 -28.25 16.65
C PHE G 300 21.28 -27.13 16.41
N PHE G 301 20.76 -25.99 15.95
CA PHE G 301 21.59 -24.83 15.61
C PHE G 301 22.19 -24.19 16.86
N GLY G 302 21.65 -24.51 18.03
CA GLY G 302 22.12 -23.96 19.31
C GLY G 302 23.38 -24.60 19.84
N ALA G 303 23.66 -25.83 19.40
CA ALA G 303 24.83 -26.59 19.84
C ALA G 303 26.15 -25.95 19.40
N ALA G 304 26.10 -25.16 18.32
CA ALA G 304 27.29 -24.51 17.77
C ALA G 304 27.91 -23.53 18.77
N ARG G 305 29.13 -23.86 19.20
CA ARG G 305 29.83 -23.10 20.24
C ARG G 305 31.31 -23.45 20.29
N ASN G 306 32.12 -22.56 20.87
CA ASN G 306 33.44 -22.92 21.33
C ASN G 306 33.33 -23.34 22.79
N VAL G 307 34.02 -24.41 23.14
CA VAL G 307 34.02 -24.88 24.52
C VAL G 307 35.32 -24.46 25.19
N GLU G 308 35.18 -23.78 26.34
CA GLU G 308 36.32 -23.29 27.11
C GLU G 308 37.17 -24.44 27.62
N GLU G 309 36.53 -25.44 28.18
CA GLU G 309 37.20 -26.59 28.77
C GLU G 309 37.84 -27.53 27.73
N GLY G 310 37.53 -27.32 26.45
CA GLY G 310 38.17 -28.06 25.37
C GLY G 310 37.23 -28.52 24.27
N GLY G 311 37.70 -28.41 23.03
CA GLY G 311 36.92 -28.82 21.87
C GLY G 311 36.00 -27.72 21.37
N SER G 312 35.18 -28.06 20.37
CA SER G 312 34.23 -27.12 19.78
C SER G 312 33.26 -27.84 18.84
N LEU G 313 32.16 -27.17 18.54
CA LEU G 313 31.24 -27.61 17.50
C LEU G 313 30.81 -26.41 16.65
N THR G 314 31.19 -26.41 15.39
CA THR G 314 30.78 -25.38 14.44
C THR G 314 29.81 -25.93 13.40
N ILE G 315 28.70 -25.24 13.23
CA ILE G 315 27.67 -25.65 12.29
C ILE G 315 27.40 -24.56 11.26
N ILE G 316 27.86 -24.78 10.03
CA ILE G 316 27.58 -23.87 8.93
C ILE G 316 26.46 -24.43 8.07
N ALA G 317 25.25 -23.93 8.30
CA ALA G 317 24.04 -24.43 7.66
C ALA G 317 23.52 -23.47 6.60
N THR G 318 22.96 -24.03 5.53
CA THR G 318 22.41 -23.24 4.43
C THR G 318 20.94 -22.92 4.68
N ALA G 319 20.57 -21.66 4.42
CA ALA G 319 19.19 -21.24 4.51
C ALA G 319 18.62 -21.02 3.11
N LEU G 320 17.59 -21.79 2.76
CA LEU G 320 16.94 -21.68 1.45
C LEU G 320 15.92 -20.54 1.44
N ILE G 321 16.00 -19.72 0.40
CA ILE G 321 15.15 -18.54 0.27
C ILE G 321 14.71 -18.35 -1.20
N ASP G 322 13.59 -17.67 -1.40
CA ASP G 322 13.03 -17.37 -2.73
C ASP G 322 12.62 -18.64 -3.50
N THR G 323 12.06 -19.61 -2.79
CA THR G 323 11.67 -20.89 -3.38
C THR G 323 10.26 -20.86 -3.97
N GLY G 324 9.40 -20.01 -3.41
CA GLY G 324 8.00 -19.94 -3.83
C GLY G 324 7.07 -20.42 -2.74
N SER G 325 7.63 -20.92 -1.65
CA SER G 325 6.86 -21.33 -0.49
C SER G 325 7.11 -20.35 0.65
N LYS G 326 6.02 -19.75 1.15
CA LYS G 326 6.10 -18.74 2.20
C LYS G 326 6.58 -19.31 3.53
N MET G 327 6.37 -20.61 3.72
CA MET G 327 6.91 -21.34 4.86
C MET G 327 8.43 -21.24 4.90
N ASP G 328 9.07 -21.47 3.76
CA ASP G 328 10.52 -21.34 3.60
C ASP G 328 11.03 -19.97 4.03
N GLU G 329 10.19 -18.95 3.83
CA GLU G 329 10.51 -17.59 4.27
C GLU G 329 10.49 -17.45 5.80
N VAL G 330 9.47 -18.02 6.43
CA VAL G 330 9.32 -17.95 7.88
C VAL G 330 10.48 -18.65 8.59
N ILE G 331 10.87 -19.81 8.07
CA ILE G 331 12.04 -20.54 8.59
C ILE G 331 13.26 -19.63 8.62
N TYR G 332 13.47 -18.87 7.54
CA TYR G 332 14.56 -17.91 7.45
C TYR G 332 14.40 -16.77 8.45
N GLU G 333 13.19 -16.22 8.52
CA GLU G 333 12.86 -15.11 9.43
C GLU G 333 13.21 -15.43 10.89
N GLU G 334 13.07 -16.69 11.26
CA GLU G 334 13.30 -17.14 12.64
C GLU G 334 14.78 -17.27 12.97
N PHE G 335 15.51 -17.99 12.12
CA PHE G 335 16.94 -18.24 12.33
C PHE G 335 17.80 -17.01 12.03
N LYS G 336 17.14 -15.96 11.53
CA LYS G 336 17.79 -14.69 11.25
C LYS G 336 18.33 -14.07 12.55
N GLY G 337 19.66 -13.99 12.65
CA GLY G 337 20.30 -13.39 13.81
C GLY G 337 20.76 -14.37 14.87
N THR G 338 20.21 -15.59 14.83
CA THR G 338 20.59 -16.65 15.78
C THR G 338 22.01 -17.14 15.50
N GLY G 339 22.48 -16.92 14.28
CA GLY G 339 23.84 -17.25 13.89
C GLY G 339 24.80 -16.10 14.09
N ASN G 340 26.04 -16.42 14.45
CA ASN G 340 27.08 -15.41 14.63
C ASN G 340 27.99 -15.26 13.41
N MET G 341 27.44 -15.61 12.25
CA MET G 341 28.11 -15.49 10.95
C MET G 341 27.11 -15.78 9.85
N GLU G 342 27.06 -14.90 8.85
CA GLU G 342 26.16 -15.07 7.72
C GLU G 342 26.88 -14.81 6.40
N LEU G 343 26.50 -15.57 5.37
CA LEU G 343 27.02 -15.35 4.03
C LEU G 343 25.89 -15.42 3.02
N HIS G 344 25.68 -14.31 2.32
CA HIS G 344 24.57 -14.18 1.38
C HIS G 344 25.02 -14.46 -0.04
N LEU G 345 24.21 -15.23 -0.76
CA LEU G 345 24.41 -15.44 -2.19
C LEU G 345 23.37 -14.63 -2.96
N SER G 346 23.83 -13.90 -3.96
CA SER G 346 22.93 -13.13 -4.81
C SER G 346 22.47 -13.95 -6.00
N ARG G 347 21.21 -13.78 -6.37
CA ARG G 347 20.63 -14.48 -7.52
C ARG G 347 21.22 -13.92 -8.83
N LYS G 348 21.74 -12.71 -8.77
CA LYS G 348 22.23 -12.03 -9.97
C LYS G 348 23.72 -12.20 -10.21
N ILE G 349 24.52 -12.11 -9.14
CA ILE G 349 25.97 -12.31 -9.24
C ILE G 349 26.30 -13.73 -9.73
N ALA G 350 25.36 -14.65 -9.55
CA ALA G 350 25.52 -16.03 -10.00
C ALA G 350 24.98 -16.25 -11.41
N GLU G 351 23.71 -15.92 -11.61
CA GLU G 351 23.01 -16.17 -12.88
C GLU G 351 23.47 -15.28 -14.03
N LYS G 352 24.60 -14.62 -13.85
CA LYS G 352 25.24 -13.85 -14.90
C LYS G 352 26.60 -14.47 -15.23
N ARG G 353 26.71 -15.76 -14.96
CA ARG G 353 27.94 -16.53 -15.17
C ARG G 353 29.14 -15.87 -14.47
N VAL G 354 28.94 -15.57 -13.18
CA VAL G 354 30.00 -14.97 -12.37
C VAL G 354 30.15 -15.80 -11.10
N PHE G 355 31.40 -16.15 -10.81
CA PHE G 355 31.72 -17.03 -9.70
C PHE G 355 31.51 -16.38 -8.33
N PRO G 356 32.01 -17.03 -7.27
CA PRO G 356 31.32 -17.08 -5.98
C PRO G 356 30.23 -16.00 -5.85
N ALA G 357 28.97 -16.40 -5.96
CA ALA G 357 27.83 -15.48 -5.92
C ALA G 357 27.69 -14.81 -4.56
N ILE G 358 28.83 -14.49 -3.98
CA ILE G 358 28.82 -13.88 -2.67
C ILE G 358 28.53 -12.41 -2.80
N ASP G 359 27.40 -12.00 -2.23
CA ASP G 359 27.09 -10.59 -2.05
C ASP G 359 27.96 -10.13 -0.89
N TYR G 360 29.11 -9.53 -1.23
CA TYR G 360 30.12 -9.18 -0.23
C TYR G 360 29.58 -8.34 0.93
N ASN G 361 28.93 -7.22 0.59
CA ASN G 361 28.42 -6.28 1.58
C ASN G 361 27.50 -6.89 2.63
N ARG G 362 26.69 -7.85 2.20
CA ARG G 362 25.75 -8.53 3.10
C ARG G 362 26.44 -9.51 4.04
N SER G 363 27.42 -10.25 3.49
CA SER G 363 28.14 -11.27 4.24
C SER G 363 29.02 -10.67 5.33
N GLY G 364 29.12 -11.37 6.46
CA GLY G 364 29.94 -10.91 7.57
C GLY G 364 29.91 -11.86 8.75
N THR G 365 30.83 -11.65 9.69
CA THR G 365 30.88 -12.45 10.91
C THR G 365 30.93 -11.56 12.16
N ARG G 366 30.26 -12.03 13.21
CA ARG G 366 30.21 -11.30 14.46
C ARG G 366 31.52 -11.46 15.22
N LYS G 367 32.00 -10.36 15.81
CA LYS G 367 33.27 -10.32 16.55
C LYS G 367 34.45 -10.81 15.69
N GLU G 368 34.72 -10.07 14.60
CA GLU G 368 35.81 -10.39 13.68
C GLU G 368 37.18 -10.24 14.35
N GLU G 369 37.26 -9.35 15.33
CA GLU G 369 38.51 -8.99 16.00
C GLU G 369 39.22 -10.16 16.67
N LEU G 370 38.46 -11.05 17.30
CA LEU G 370 39.04 -12.21 17.98
C LEU G 370 39.50 -13.28 17.00
N LEU G 371 38.99 -13.22 15.77
CA LEU G 371 39.34 -14.18 14.73
C LEU G 371 40.54 -13.74 13.90
N THR G 372 41.00 -12.51 14.11
CA THR G 372 41.95 -11.87 13.21
C THR G 372 42.72 -10.73 13.87
N THR G 373 44.06 -10.78 13.77
CA THR G 373 44.94 -9.74 14.30
C THR G 373 44.67 -8.38 13.62
N GLN G 374 44.99 -7.30 14.32
CA GLN G 374 44.70 -5.94 13.83
C GLN G 374 45.28 -5.67 12.44
N GLU G 375 46.53 -6.10 12.23
CA GLU G 375 47.20 -5.95 10.93
C GLU G 375 46.43 -6.67 9.82
N GLU G 376 45.87 -7.83 10.15
CA GLU G 376 45.11 -8.63 9.22
C GLU G 376 43.62 -8.21 9.23
N LEU G 377 43.21 -7.50 10.28
CA LEU G 377 41.81 -7.08 10.46
C LEU G 377 41.53 -5.77 9.74
N GLN G 378 42.31 -4.73 10.08
CA GLN G 378 42.19 -3.42 9.46
C GLN G 378 42.41 -3.51 7.95
N LYS G 379 43.13 -4.56 7.55
CA LYS G 379 43.34 -4.88 6.14
C LYS G 379 42.00 -5.12 5.44
N MET G 380 41.04 -5.69 6.19
CA MET G 380 39.71 -5.95 5.67
C MET G 380 38.79 -4.72 5.82
N TRP G 381 39.12 -3.85 6.76
CA TRP G 381 38.30 -2.66 7.03
C TRP G 381 38.41 -1.58 5.96
N ILE G 382 39.65 -1.24 5.59
CA ILE G 382 39.91 -0.31 4.48
C ILE G 382 39.35 -0.90 3.18
N LEU G 383 39.46 -2.22 3.06
CA LEU G 383 38.91 -2.96 1.92
C LEU G 383 37.40 -2.87 1.84
N ARG G 384 36.73 -3.04 2.98
CA ARG G 384 35.27 -2.94 3.04
C ARG G 384 34.79 -1.52 2.72
N LYS G 385 35.51 -0.52 3.23
CA LYS G 385 35.18 0.88 3.01
C LYS G 385 35.18 1.26 1.53
N ILE G 386 36.17 0.77 0.79
CA ILE G 386 36.27 1.03 -0.65
C ILE G 386 35.25 0.20 -1.45
N ILE G 387 34.90 -0.97 -0.94
CA ILE G 387 33.96 -1.87 -1.63
C ILE G 387 32.49 -1.56 -1.30
N HIS G 388 32.24 -1.06 -0.10
CA HIS G 388 30.87 -0.79 0.39
C HIS G 388 29.92 -0.22 -0.69
N PRO G 389 30.22 0.96 -1.25
CA PRO G 389 29.32 1.60 -2.20
C PRO G 389 29.29 0.96 -3.59
N MET G 390 30.24 0.04 -3.83
CA MET G 390 30.26 -0.70 -5.09
C MET G 390 29.06 -1.65 -5.14
N GLY G 391 28.43 -1.76 -6.31
CA GLY G 391 27.20 -2.54 -6.47
C GLY G 391 27.36 -4.02 -6.22
N GLU G 392 26.27 -4.78 -6.36
CA GLU G 392 26.28 -6.21 -6.12
C GLU G 392 27.26 -6.94 -7.04
N ILE G 393 26.95 -6.94 -8.34
CA ILE G 393 27.78 -7.62 -9.34
C ILE G 393 29.08 -6.85 -9.60
N ASP G 394 29.01 -5.53 -9.50
CA ASP G 394 30.17 -4.65 -9.71
C ASP G 394 31.30 -4.89 -8.69
N ALA G 395 30.92 -5.11 -7.43
CA ALA G 395 31.90 -5.31 -6.35
C ALA G 395 32.59 -6.66 -6.40
N MET G 396 31.90 -7.67 -6.94
CA MET G 396 32.43 -9.02 -6.98
C MET G 396 33.57 -9.18 -7.99
N GLU G 397 33.29 -8.83 -9.25
CA GLU G 397 34.29 -8.91 -10.33
C GLU G 397 35.53 -8.07 -10.02
N PHE G 398 35.37 -7.09 -9.14
CA PHE G 398 36.50 -6.30 -8.64
C PHE G 398 37.44 -7.15 -7.77
N LEU G 399 36.85 -7.94 -6.87
CA LEU G 399 37.63 -8.83 -6.00
C LEU G 399 38.18 -10.04 -6.75
N ILE G 400 37.43 -10.55 -7.72
CA ILE G 400 37.88 -11.68 -8.55
C ILE G 400 39.17 -11.34 -9.30
N ASN G 401 39.28 -10.09 -9.74
CA ASN G 401 40.44 -9.63 -10.52
C ASN G 401 41.58 -9.05 -9.68
N LYS G 402 41.24 -8.52 -8.50
CA LYS G 402 42.24 -8.00 -7.57
C LYS G 402 42.96 -9.13 -6.83
N LEU G 403 42.33 -10.29 -6.78
CA LEU G 403 42.88 -11.46 -6.08
C LEU G 403 43.55 -12.46 -7.03
N ALA G 404 43.01 -12.58 -8.24
CA ALA G 404 43.59 -13.47 -9.26
C ALA G 404 44.96 -12.96 -9.73
N MET G 405 45.53 -12.05 -8.96
CA MET G 405 46.83 -11.44 -9.27
C MET G 405 47.80 -11.52 -8.08
N THR G 406 47.43 -12.29 -7.07
CA THR G 406 48.24 -12.49 -5.86
C THR G 406 47.94 -13.85 -5.21
N LYS G 407 48.40 -14.02 -3.98
CA LYS G 407 47.96 -15.13 -3.13
C LYS G 407 46.70 -14.71 -2.39
N THR G 408 46.86 -14.26 -1.15
CA THR G 408 45.73 -13.76 -0.35
C THR G 408 46.18 -12.57 0.51
N ASN G 409 47.20 -12.80 1.34
CA ASN G 409 47.75 -11.77 2.21
C ASN G 409 48.51 -10.72 1.40
N ASP G 410 49.09 -11.14 0.27
CA ASP G 410 49.83 -10.25 -0.62
C ASP G 410 48.98 -9.10 -1.16
N ASP G 411 47.67 -9.18 -0.98
CA ASP G 411 46.75 -8.17 -1.51
C ASP G 411 47.04 -6.74 -1.07
N PHE G 412 47.02 -6.46 0.23
CA PHE G 412 47.43 -5.13 0.68
C PHE G 412 48.93 -4.95 0.48
N PHE G 413 49.68 -6.02 0.73
CA PHE G 413 51.13 -6.01 0.57
C PHE G 413 51.61 -5.67 -0.84
N GLU G 414 50.71 -5.76 -1.83
CA GLU G 414 51.10 -5.51 -3.23
C GLU G 414 50.00 -4.93 -4.13
N MET G 415 48.84 -4.61 -3.58
CA MET G 415 47.80 -3.88 -4.32
C MET G 415 47.56 -2.50 -3.72
N MET G 416 48.64 -1.92 -3.17
CA MET G 416 48.62 -0.58 -2.59
C MET G 416 49.48 0.40 -3.39
N LYS G 417 50.50 -0.14 -4.07
CA LYS G 417 51.48 0.66 -4.83
C LYS G 417 52.29 1.56 -3.91
N MET H 1 26.76 -30.22 51.41
CA MET H 1 26.88 -28.94 52.16
C MET H 1 25.64 -28.05 51.91
N ASN H 2 25.87 -26.74 51.77
CA ASN H 2 24.83 -25.81 51.37
C ASN H 2 24.49 -26.01 49.90
N LEU H 3 23.20 -25.94 49.58
CA LEU H 3 22.72 -26.17 48.21
C LEU H 3 23.15 -25.07 47.24
N THR H 4 22.98 -23.81 47.65
CA THR H 4 23.30 -22.66 46.81
C THR H 4 24.81 -22.51 46.60
N GLU H 5 25.59 -23.23 47.39
CA GLU H 5 27.04 -23.22 47.27
C GLU H 5 27.55 -24.33 46.34
N LEU H 6 26.91 -25.49 46.41
CA LEU H 6 27.26 -26.62 45.52
C LEU H 6 27.04 -26.27 44.04
N LYS H 7 25.91 -25.64 43.74
CA LYS H 7 25.55 -25.28 42.38
C LYS H 7 26.36 -24.13 41.81
N ASN H 8 26.81 -23.23 42.68
CA ASN H 8 27.64 -22.11 42.26
C ASN H 8 29.13 -22.41 42.25
N THR H 9 29.47 -23.68 42.50
CA THR H 9 30.82 -24.19 42.27
C THR H 9 30.84 -24.99 40.95
N PRO H 10 31.92 -24.84 40.18
CA PRO H 10 32.05 -25.50 38.87
C PRO H 10 31.74 -26.99 38.89
N VAL H 11 31.26 -27.50 37.76
CA VAL H 11 30.81 -28.90 37.62
C VAL H 11 31.94 -29.90 37.89
N SER H 12 33.16 -29.51 37.55
CA SER H 12 34.34 -30.36 37.75
C SER H 12 34.59 -30.66 39.23
N GLU H 13 34.46 -29.65 40.08
CA GLU H 13 34.57 -29.81 41.53
C GLU H 13 33.43 -30.65 42.08
N LEU H 14 32.25 -30.48 41.49
CA LEU H 14 31.05 -31.23 41.87
C LEU H 14 31.20 -32.72 41.63
N ILE H 15 31.89 -33.08 40.55
CA ILE H 15 32.16 -34.48 40.21
C ILE H 15 33.09 -35.12 41.25
N THR H 16 34.04 -34.33 41.77
CA THR H 16 34.95 -34.80 42.81
C THR H 16 34.22 -35.02 44.13
N LEU H 17 33.55 -33.98 44.63
CA LEU H 17 32.79 -34.04 45.88
C LEU H 17 31.79 -35.20 45.92
N GLY H 18 31.24 -35.54 44.75
CA GLY H 18 30.36 -36.69 44.61
C GLY H 18 31.09 -37.99 44.88
N GLU H 19 32.22 -38.18 44.20
CA GLU H 19 33.05 -39.38 44.36
C GLU H 19 33.74 -39.44 45.73
N ASN H 20 34.02 -38.26 46.29
CA ASN H 20 34.53 -38.14 47.65
C ASN H 20 33.50 -38.63 48.69
N MET H 21 32.39 -39.17 48.19
CA MET H 21 31.32 -39.71 49.02
C MET H 21 30.93 -41.12 48.59
N GLY H 22 31.81 -41.75 47.80
CA GLY H 22 31.60 -43.13 47.34
C GLY H 22 30.58 -43.25 46.22
N LEU H 23 30.28 -42.13 45.56
CA LEU H 23 29.32 -42.13 44.47
C LEU H 23 29.94 -42.59 43.15
N GLU H 24 29.19 -43.40 42.42
CA GLU H 24 29.69 -44.08 41.23
C GLU H 24 29.53 -43.26 39.95
N ASN H 25 28.86 -43.85 38.96
CA ASN H 25 28.70 -43.24 37.65
C ASN H 25 27.80 -42.00 37.67
N LEU H 26 28.45 -40.84 37.74
CA LEU H 26 27.75 -39.55 37.80
C LEU H 26 28.49 -38.45 37.04
N ALA H 27 29.66 -38.79 36.50
CA ALA H 27 30.49 -37.84 35.76
C ALA H 27 29.87 -37.43 34.43
N ARG H 28 28.71 -38.02 34.11
CA ARG H 28 28.02 -37.77 32.85
C ARG H 28 26.60 -37.27 33.05
N MET H 29 26.21 -37.11 34.31
CA MET H 29 24.89 -36.56 34.65
C MET H 29 24.83 -35.06 34.40
N ARG H 30 23.62 -34.51 34.37
CA ARG H 30 23.41 -33.07 34.28
C ARG H 30 23.73 -32.43 35.64
N LYS H 31 24.20 -31.19 35.60
CA LYS H 31 24.62 -30.47 36.81
C LYS H 31 23.59 -30.57 37.93
N GLN H 32 22.31 -30.37 37.57
CA GLN H 32 21.20 -30.38 38.52
C GLN H 32 21.02 -31.73 39.21
N ASP H 33 21.20 -32.82 38.45
CA ASP H 33 21.09 -34.18 38.98
C ASP H 33 22.23 -34.51 39.93
N ILE H 34 23.37 -33.86 39.73
CA ILE H 34 24.55 -34.05 40.59
C ILE H 34 24.36 -33.36 41.94
N ILE H 35 23.99 -32.08 41.91
CA ILE H 35 23.73 -31.30 43.12
C ILE H 35 22.58 -31.90 43.93
N PHE H 36 21.75 -32.70 43.27
CA PHE H 36 20.68 -33.46 43.93
C PHE H 36 21.19 -34.79 44.48
N ALA H 37 21.84 -35.58 43.63
CA ALA H 37 22.37 -36.90 44.01
C ALA H 37 23.45 -36.81 45.09
N ILE H 38 24.23 -35.72 45.06
CA ILE H 38 25.18 -35.42 46.13
C ILE H 38 24.44 -35.15 47.44
N LEU H 39 23.34 -34.41 47.36
CA LEU H 39 22.57 -34.05 48.55
C LEU H 39 21.74 -35.19 49.12
N LYS H 40 21.31 -36.13 48.26
CA LYS H 40 20.64 -37.34 48.73
C LYS H 40 21.63 -38.20 49.51
N GLN H 41 22.88 -38.22 49.04
CA GLN H 41 23.97 -38.90 49.73
C GLN H 41 24.46 -38.12 50.96
N HIS H 42 23.98 -36.87 51.10
CA HIS H 42 24.27 -36.07 52.30
C HIS H 42 23.24 -36.35 53.41
N ALA H 43 22.36 -37.33 53.18
CA ALA H 43 21.50 -37.85 54.25
C ALA H 43 22.35 -38.65 55.24
N LYS H 44 23.55 -38.13 55.49
CA LYS H 44 24.54 -38.76 56.36
C LYS H 44 24.68 -37.91 57.63
N SER H 45 24.08 -36.71 57.60
CA SER H 45 24.10 -35.79 58.72
C SER H 45 22.81 -34.97 58.78
N GLY H 46 22.01 -35.23 59.81
CA GLY H 46 20.74 -34.53 60.01
C GLY H 46 20.94 -33.08 60.39
N GLU H 47 20.20 -32.20 59.71
CA GLU H 47 20.21 -30.74 59.96
C GLU H 47 21.44 -30.00 59.39
N ASP H 48 22.23 -30.69 58.58
CA ASP H 48 23.38 -30.07 57.93
C ASP H 48 23.09 -29.82 56.44
N ILE H 49 21.85 -29.42 56.15
CA ILE H 49 21.44 -29.13 54.78
C ILE H 49 20.68 -27.80 54.67
N PHE H 50 21.43 -26.74 54.39
CA PHE H 50 20.86 -25.44 54.05
C PHE H 50 20.35 -25.46 52.61
N GLY H 51 19.89 -24.31 52.13
CA GLY H 51 19.47 -24.19 50.74
C GLY H 51 18.39 -23.15 50.54
N ASP H 52 18.74 -22.06 49.86
CA ASP H 52 17.77 -21.01 49.55
C ASP H 52 17.29 -21.10 48.10
N GLY H 53 16.53 -20.10 47.67
CA GLY H 53 15.97 -20.07 46.32
C GLY H 53 14.80 -19.09 46.21
N VAL H 54 14.27 -18.93 45.00
CA VAL H 54 13.17 -18.02 44.75
C VAL H 54 11.88 -18.78 44.45
N LEU H 55 10.80 -18.39 45.13
CA LEU H 55 9.54 -19.13 45.10
C LEU H 55 8.73 -18.95 43.81
N GLU H 56 8.16 -20.05 43.33
CA GLU H 56 7.19 -20.04 42.25
C GLU H 56 6.01 -20.93 42.62
N ILE H 57 4.89 -20.30 42.98
CA ILE H 57 3.66 -21.02 43.31
C ILE H 57 2.95 -21.46 42.04
N LEU H 58 2.64 -22.76 41.96
CA LEU H 58 2.04 -23.35 40.77
C LEU H 58 0.51 -23.30 40.83
N GLN H 59 -0.14 -24.03 39.92
CA GLN H 59 -1.60 -24.08 39.79
C GLN H 59 -2.29 -24.69 41.00
N ASP H 60 -1.75 -25.81 41.50
CA ASP H 60 -2.41 -26.59 42.54
C ASP H 60 -2.26 -26.00 43.96
N GLY H 61 -1.42 -24.98 44.09
CA GLY H 61 -1.24 -24.27 45.36
C GLY H 61 0.02 -24.66 46.12
N PHE H 62 0.90 -25.40 45.45
CA PHE H 62 2.21 -25.76 46.01
C PHE H 62 3.32 -25.12 45.18
N GLY H 63 4.42 -24.76 45.85
CA GLY H 63 5.49 -24.02 45.18
C GLY H 63 6.85 -24.67 45.18
N PHE H 64 7.76 -24.11 44.39
CA PHE H 64 9.15 -24.55 44.33
C PHE H 64 10.09 -23.36 44.48
N LEU H 65 11.30 -23.63 44.95
CA LEU H 65 12.34 -22.61 44.99
C LEU H 65 13.29 -22.77 43.80
N ARG H 66 13.25 -21.81 42.88
CA ARG H 66 14.02 -21.89 41.64
C ARG H 66 15.37 -21.19 41.76
N SER H 67 16.39 -21.83 41.22
CA SER H 67 17.77 -21.36 41.32
C SER H 67 18.04 -20.16 40.42
N ALA H 68 18.57 -19.10 41.01
CA ALA H 68 18.90 -17.87 40.28
C ALA H 68 20.15 -18.03 39.41
N ASP H 69 20.93 -19.08 39.69
CA ASP H 69 22.12 -19.39 38.91
C ASP H 69 21.82 -20.22 37.66
N SER H 70 20.56 -20.65 37.53
CA SER H 70 20.12 -21.42 36.37
C SER H 70 18.97 -20.72 35.65
N SER H 71 18.90 -19.39 35.82
CA SER H 71 17.82 -18.57 35.26
C SER H 71 16.43 -19.16 35.54
N TYR H 72 16.25 -19.64 36.77
CA TYR H 72 14.99 -20.22 37.25
C TYR H 72 14.47 -21.37 36.38
N LEU H 73 15.39 -22.27 35.99
CA LEU H 73 15.03 -23.48 35.28
C LEU H 73 14.50 -24.52 36.25
N ALA H 74 13.65 -25.43 35.76
CA ALA H 74 13.12 -26.52 36.56
C ALA H 74 14.22 -27.54 36.89
N GLY H 75 13.81 -28.73 37.32
CA GLY H 75 14.75 -29.81 37.64
C GLY H 75 14.45 -30.50 38.96
N PRO H 76 15.18 -31.57 39.24
CA PRO H 76 14.95 -32.38 40.45
C PRO H 76 15.47 -31.74 41.73
N ASP H 77 16.44 -30.82 41.62
CA ASP H 77 17.05 -30.22 42.80
C ASP H 77 16.39 -28.89 43.21
N ASP H 78 15.07 -28.83 43.04
CA ASP H 78 14.30 -27.66 43.47
C ASP H 78 13.63 -27.92 44.81
N ILE H 79 13.72 -26.93 45.71
CA ILE H 79 13.14 -27.05 47.04
C ILE H 79 11.62 -26.99 46.99
N TYR H 80 10.99 -28.12 47.32
CA TYR H 80 9.54 -28.21 47.35
C TYR H 80 8.95 -27.44 48.54
N VAL H 81 7.83 -26.78 48.29
CA VAL H 81 7.08 -26.08 49.34
C VAL H 81 5.64 -26.58 49.33
N SER H 82 5.21 -27.15 50.46
CA SER H 82 3.84 -27.64 50.61
C SER H 82 2.86 -26.47 50.79
N PRO H 83 1.62 -26.63 50.30
CA PRO H 83 0.61 -25.57 50.39
C PRO H 83 0.40 -25.04 51.82
N SER H 84 0.60 -25.91 52.81
CA SER H 84 0.47 -25.52 54.22
C SER H 84 1.51 -24.49 54.64
N GLN H 85 2.64 -24.47 53.95
CA GLN H 85 3.73 -23.53 54.24
C GLN H 85 3.43 -22.13 53.73
N ILE H 86 2.82 -22.04 52.54
CA ILE H 86 2.41 -20.76 51.96
C ILE H 86 1.44 -20.03 52.89
N ARG H 87 0.41 -20.76 53.33
CA ARG H 87 -0.60 -20.22 54.25
C ARG H 87 0.01 -19.82 55.60
N ARG H 88 1.09 -20.49 55.98
CA ARG H 88 1.77 -20.24 57.26
C ARG H 88 2.46 -18.87 57.28
N PHE H 89 3.45 -18.69 56.41
CA PHE H 89 4.21 -17.44 56.35
C PHE H 89 3.66 -16.46 55.32
N ASN H 90 2.55 -16.86 54.69
CA ASN H 90 1.91 -16.11 53.60
C ASN H 90 2.87 -15.61 52.53
N LEU H 91 3.19 -16.50 51.59
CA LEU H 91 4.21 -16.23 50.58
C LEU H 91 3.61 -16.10 49.18
N ARG H 92 4.28 -15.30 48.34
CA ARG H 92 3.87 -15.10 46.96
C ARG H 92 5.00 -15.50 46.01
N THR H 93 4.70 -15.58 44.72
CA THR H 93 5.73 -15.88 43.71
C THR H 93 6.69 -14.69 43.60
N GLY H 94 7.98 -14.98 43.67
CA GLY H 94 9.01 -13.94 43.65
C GLY H 94 9.71 -13.76 44.98
N ASP H 95 9.26 -14.47 45.99
CA ASP H 95 9.86 -14.41 47.33
C ASP H 95 11.15 -15.23 47.40
N THR H 96 12.22 -14.60 47.90
CA THR H 96 13.47 -15.29 48.16
C THR H 96 13.42 -15.94 49.53
N ILE H 97 13.73 -17.23 49.60
CA ILE H 97 13.59 -17.99 50.84
C ILE H 97 14.84 -18.81 51.18
N SER H 98 15.44 -18.53 52.33
CA SER H 98 16.47 -19.37 52.91
C SER H 98 15.88 -20.20 54.04
N GLY H 99 16.18 -21.50 54.05
CA GLY H 99 15.67 -22.39 55.06
C GLY H 99 16.29 -23.77 55.03
N LYS H 100 15.78 -24.66 55.87
CA LYS H 100 16.29 -26.03 55.95
C LYS H 100 15.53 -26.95 54.99
N ILE H 101 16.20 -28.00 54.55
CA ILE H 101 15.59 -29.00 53.66
C ILE H 101 15.71 -30.42 54.22
N ARG H 102 15.06 -31.36 53.54
CA ARG H 102 15.08 -32.78 53.95
C ARG H 102 14.80 -33.70 52.76
N PRO H 103 15.53 -34.82 52.68
CA PRO H 103 15.35 -35.79 51.59
C PRO H 103 13.92 -36.35 51.51
N PRO H 104 13.52 -36.81 50.32
CA PRO H 104 12.20 -37.42 50.12
C PRO H 104 12.00 -38.80 50.80
N LYS H 105 10.87 -38.96 51.52
CA LYS H 105 10.52 -40.20 52.23
C LYS H 105 9.86 -41.22 51.30
N GLU H 106 10.67 -41.94 50.53
CA GLU H 106 10.19 -42.95 49.57
C GLU H 106 9.50 -42.36 48.34
N GLY H 107 8.52 -41.46 48.54
CA GLY H 107 7.71 -41.01 47.41
C GLY H 107 7.50 -39.52 47.21
N GLU H 108 8.15 -38.69 48.03
CA GLU H 108 7.92 -37.25 47.99
C GLU H 108 8.86 -36.52 47.05
N ARG H 109 8.29 -36.06 45.94
CA ARG H 109 9.07 -35.39 44.94
C ARG H 109 9.85 -34.16 45.45
N TYR H 110 11.17 -34.39 45.44
CA TYR H 110 12.32 -33.50 45.80
C TYR H 110 12.58 -33.16 47.26
N PHE H 111 13.74 -32.54 47.51
CA PHE H 111 14.13 -32.02 48.81
C PHE H 111 13.11 -31.02 49.31
N ALA H 112 12.38 -31.40 50.36
CA ALA H 112 11.29 -30.58 50.89
C ALA H 112 11.79 -29.62 51.98
N LEU H 113 11.02 -28.56 52.21
CA LEU H 113 11.37 -27.50 53.14
C LEU H 113 11.04 -27.86 54.59
N LEU H 114 11.86 -27.40 55.53
CA LEU H 114 11.62 -27.60 56.95
C LEU H 114 11.16 -26.31 57.63
N LYS H 115 12.11 -25.58 58.23
CA LYS H 115 11.80 -24.33 58.90
C LYS H 115 12.28 -23.13 58.08
N VAL H 116 11.34 -22.26 57.72
CA VAL H 116 11.66 -21.06 56.96
C VAL H 116 12.48 -20.11 57.82
N ASN H 117 13.74 -19.90 57.41
CA ASN H 117 14.67 -19.06 58.16
C ASN H 117 14.80 -17.66 57.59
N GLU H 118 14.37 -17.47 56.35
CA GLU H 118 14.47 -16.18 55.67
C GLU H 118 13.34 -15.88 54.70
N VAL H 119 12.89 -14.62 54.70
CA VAL H 119 11.95 -14.11 53.70
C VAL H 119 12.39 -12.70 53.27
N ASN H 120 12.87 -12.60 52.03
CA ASN H 120 13.27 -11.32 51.41
C ASN H 120 14.22 -10.46 52.26
N PHE H 121 15.33 -11.06 52.68
CA PHE H 121 16.38 -10.38 53.46
C PHE H 121 15.88 -9.77 54.78
N ASP H 122 15.00 -10.50 55.46
CA ASP H 122 14.42 -10.08 56.73
C ASP H 122 13.79 -11.28 57.45
N LYS H 123 13.53 -11.11 58.74
CA LYS H 123 12.82 -12.10 59.56
C LYS H 123 11.57 -12.63 58.84
N PRO H 124 11.42 -13.96 58.80
CA PRO H 124 10.29 -14.61 58.11
C PRO H 124 8.91 -14.16 58.60
N GLU H 125 8.86 -13.49 59.75
CA GLU H 125 7.59 -13.00 60.31
C GLU H 125 7.19 -11.65 59.71
N ASN H 126 7.30 -11.55 58.38
CA ASN H 126 6.95 -10.34 57.65
C ASN H 126 6.17 -10.65 56.38
N ASN H 129 3.29 -6.39 54.39
CA ASN H 129 3.93 -5.93 53.16
C ASN H 129 2.94 -5.74 52.02
N LYS H 130 2.57 -4.48 51.78
CA LYS H 130 1.65 -4.12 50.71
C LYS H 130 2.27 -4.42 49.36
N ILE H 131 1.59 -5.23 48.55
CA ILE H 131 2.06 -5.61 47.22
C ILE H 131 2.31 -4.38 46.34
N LEU H 132 3.32 -4.47 45.48
CA LEU H 132 3.64 -3.39 44.54
C LEU H 132 2.40 -2.96 43.75
N PHE H 133 1.47 -3.90 43.58
CA PHE H 133 0.23 -3.68 42.84
C PHE H 133 -0.61 -2.49 43.35
N GLU H 134 -0.23 -1.92 44.50
CA GLU H 134 -1.01 -0.84 45.11
C GLU H 134 -0.19 0.29 45.75
N ASN H 135 1.07 0.41 45.35
CA ASN H 135 1.91 1.53 45.78
C ASN H 135 1.66 2.75 44.90
N LEU H 136 1.61 3.92 45.52
CA LEU H 136 1.40 5.18 44.79
C LEU H 136 2.62 5.51 43.92
N THR H 137 2.37 6.20 42.80
CA THR H 137 3.37 6.32 41.73
C THR H 137 3.69 7.75 41.30
N PRO H 138 4.60 8.42 42.02
CA PRO H 138 5.17 9.69 41.54
C PRO H 138 6.13 9.47 40.36
N LEU H 139 6.46 10.55 39.66
CA LEU H 139 7.37 10.50 38.52
C LEU H 139 8.76 10.02 38.92
N HIS H 140 9.42 9.31 38.00
CA HIS H 140 10.72 8.69 38.25
C HIS H 140 11.84 9.68 38.56
N ALA H 141 11.64 10.93 38.16
CA ALA H 141 12.73 11.89 38.02
C ALA H 141 13.41 12.36 39.31
N ASN H 142 12.73 12.22 40.45
CA ASN H 142 13.20 12.82 41.71
C ASN H 142 14.67 12.59 42.07
N SER H 143 15.16 11.37 41.86
CA SER H 143 16.54 11.03 42.19
C SER H 143 17.31 10.53 40.97
N ARG H 144 18.50 11.09 40.76
CA ARG H 144 19.31 10.81 39.58
C ARG H 144 20.28 9.64 39.78
N LEU H 145 20.52 8.91 38.69
CA LEU H 145 21.58 7.90 38.65
C LEU H 145 22.63 8.30 37.61
N ARG H 146 23.74 8.85 38.09
CA ARG H 146 24.83 9.33 37.23
C ARG H 146 25.76 8.19 36.83
N MET H 147 26.35 8.31 35.65
CA MET H 147 27.19 7.26 35.09
C MET H 147 28.53 7.82 34.63
N GLY H 152 37.29 6.95 35.20
CA GLY H 152 37.14 6.22 33.95
C GLY H 152 38.03 6.74 32.84
N SER H 153 38.02 6.02 31.71
CA SER H 153 38.84 6.39 30.55
C SER H 153 37.97 6.73 29.34
N THR H 154 38.18 6.03 28.22
CA THR H 154 37.38 6.20 27.01
C THR H 154 36.18 5.25 27.01
N GLU H 155 36.21 4.26 27.90
CA GLU H 155 35.05 3.42 28.19
C GLU H 155 33.96 4.29 28.83
N ASP H 156 34.41 5.35 29.50
CA ASP H 156 33.53 6.31 30.14
C ASP H 156 32.77 7.17 29.12
N LEU H 157 33.31 7.29 27.90
CA LEU H 157 32.68 8.06 26.82
C LEU H 157 31.20 7.71 26.63
N THR H 158 30.90 6.41 26.58
CA THR H 158 29.53 5.93 26.49
C THR H 158 28.65 6.45 27.62
N ALA H 159 29.14 6.29 28.85
CA ALA H 159 28.39 6.66 30.05
C ALA H 159 28.22 8.17 30.24
N ARG H 160 28.92 8.95 29.41
CA ARG H 160 28.92 10.40 29.53
C ARG H 160 27.96 11.10 28.56
N VAL H 161 28.01 10.69 27.28
CA VAL H 161 27.03 11.13 26.29
C VAL H 161 25.64 10.71 26.76
N LEU H 162 25.61 9.55 27.43
CA LEU H 162 24.39 9.00 28.02
C LEU H 162 23.76 9.95 29.03
N ASP H 163 24.57 10.45 29.96
CA ASP H 163 24.11 11.34 31.02
C ASP H 163 23.63 12.70 30.50
N LEU H 164 24.11 13.07 29.31
CA LEU H 164 23.73 14.33 28.68
C LEU H 164 22.50 14.19 27.79
N ALA H 165 22.43 13.09 27.05
CA ALA H 165 21.28 12.80 26.19
C ALA H 165 20.07 12.38 27.02
N SER H 166 20.23 11.33 27.80
CA SER H 166 19.13 10.75 28.55
C SER H 166 19.53 10.32 29.97
N PRO H 167 19.58 11.28 30.90
CA PRO H 167 19.79 10.97 32.32
C PRO H 167 18.81 9.92 32.86
N ILE H 168 19.35 8.92 33.54
CA ILE H 168 18.56 7.85 34.13
C ILE H 168 18.36 8.12 35.62
N GLY H 169 17.17 7.79 36.13
CA GLY H 169 16.87 7.91 37.54
C GLY H 169 16.24 6.66 38.12
N ARG H 170 15.77 6.76 39.35
CA ARG H 170 15.12 5.65 40.03
C ARG H 170 13.64 5.63 39.68
N GLY H 171 13.20 4.54 39.07
CA GLY H 171 11.82 4.37 38.64
C GLY H 171 11.62 4.53 37.14
N GLN H 172 12.73 4.59 36.40
CA GLN H 172 12.72 4.84 34.96
C GLN H 172 12.15 3.70 34.14
N ARG H 173 11.39 4.05 33.12
CA ARG H 173 10.97 3.11 32.10
C ARG H 173 11.74 3.46 30.83
N GLY H 174 12.94 2.91 30.71
CA GLY H 174 13.84 3.24 29.61
C GLY H 174 13.66 2.36 28.39
N LEU H 175 13.85 2.96 27.22
CA LEU H 175 13.71 2.24 25.96
C LEU H 175 14.87 2.54 25.01
N ILE H 176 15.85 1.65 24.98
CA ILE H 176 16.97 1.77 24.05
C ILE H 176 16.57 1.27 22.67
N VAL H 177 16.29 2.21 21.76
CA VAL H 177 15.93 1.89 20.39
C VAL H 177 17.20 1.63 19.58
N ALA H 178 17.29 0.43 19.01
CA ALA H 178 18.51 0.01 18.32
C ALA H 178 18.24 -0.91 17.12
N PRO H 179 18.90 -0.64 16.00
CA PRO H 179 18.95 -1.55 14.87
C PRO H 179 19.99 -2.65 15.15
N PRO H 180 20.16 -3.60 14.22
CA PRO H 180 21.20 -4.62 14.37
C PRO H 180 22.59 -4.02 14.25
N LYS H 181 23.53 -4.52 15.06
CA LYS H 181 24.92 -4.05 15.06
C LYS H 181 25.05 -2.54 15.25
N ALA H 182 24.91 -2.08 16.49
CA ALA H 182 24.96 -0.64 16.79
C ALA H 182 25.63 -0.33 18.13
N GLY H 183 25.78 -1.34 18.96
CA GLY H 183 26.37 -1.18 20.30
C GLY H 183 25.44 -1.61 21.41
N LYS H 184 24.24 -2.03 21.03
CA LYS H 184 23.17 -2.41 21.96
C LYS H 184 23.65 -3.28 23.13
N THR H 185 24.27 -4.42 22.83
CA THR H 185 24.76 -5.33 23.86
C THR H 185 25.87 -4.70 24.70
N MET H 186 26.76 -3.94 24.05
CA MET H 186 27.87 -3.28 24.75
C MET H 186 27.43 -2.05 25.54
N LEU H 187 26.45 -1.33 25.01
CA LEU H 187 25.87 -0.16 25.71
C LEU H 187 25.15 -0.60 26.98
N LEU H 188 24.47 -1.74 26.91
CA LEU H 188 23.85 -2.37 28.08
C LEU H 188 24.92 -2.92 29.03
N GLN H 189 25.93 -3.59 28.46
CA GLN H 189 27.10 -4.04 29.21
C GLN H 189 27.76 -2.87 29.93
N ASN H 190 27.75 -1.71 29.27
CA ASN H 190 28.36 -0.50 29.78
C ASN H 190 27.63 0.09 30.98
N ILE H 191 26.32 0.27 30.85
CA ILE H 191 25.48 0.79 31.93
C ILE H 191 25.58 -0.11 33.16
N ALA H 192 25.60 -1.42 32.92
CA ALA H 192 25.73 -2.43 33.99
C ALA H 192 26.96 -2.22 34.87
N GLN H 193 27.92 -1.44 34.37
CA GLN H 193 29.12 -1.12 35.14
C GLN H 193 28.93 0.16 35.95
N SER H 194 28.31 1.15 35.33
CA SER H 194 27.99 2.41 36.00
C SER H 194 27.02 2.20 37.17
N ILE H 195 26.36 1.04 37.17
CA ILE H 195 25.44 0.65 38.25
C ILE H 195 26.16 -0.05 39.39
N ALA H 196 26.87 -1.14 39.07
CA ALA H 196 27.57 -1.95 40.08
C ALA H 196 28.71 -1.20 40.76
N TYR H 197 29.03 -0.02 40.24
CA TYR H 197 30.11 0.82 40.75
C TYR H 197 29.56 1.99 41.58
N ASN H 198 28.87 2.90 40.90
CA ASN H 198 28.32 4.11 41.53
C ASN H 198 27.20 3.80 42.53
N HIS H 199 26.37 2.82 42.19
CA HIS H 199 25.18 2.53 42.99
C HIS H 199 25.05 1.03 43.32
N PRO H 200 25.90 0.51 44.21
CA PRO H 200 25.82 -0.88 44.64
C PRO H 200 24.63 -1.13 45.57
N ASP H 201 24.06 -0.04 46.08
CA ASP H 201 22.86 -0.08 46.91
C ASP H 201 21.65 -0.65 46.17
N CYS H 202 21.67 -0.53 44.84
CA CYS H 202 20.59 -1.04 44.00
C CYS H 202 20.79 -2.50 43.62
N VAL H 203 19.72 -3.28 43.70
CA VAL H 203 19.73 -4.67 43.27
C VAL H 203 19.59 -4.72 41.76
N LEU H 204 20.72 -4.92 41.07
CA LEU H 204 20.74 -4.95 39.62
C LEU H 204 20.43 -6.35 39.09
N MET H 205 19.47 -6.41 38.18
CA MET H 205 19.12 -7.64 37.49
C MET H 205 19.18 -7.40 35.98
N VAL H 206 19.86 -8.29 35.26
CA VAL H 206 19.97 -8.18 33.81
C VAL H 206 19.22 -9.32 33.13
N LEU H 207 18.25 -8.96 32.29
CA LEU H 207 17.37 -9.93 31.66
C LEU H 207 17.60 -10.03 30.16
N LEU H 208 18.06 -11.19 29.72
CA LEU H 208 18.26 -11.48 28.29
C LEU H 208 17.23 -12.53 27.85
N ILE H 209 16.54 -12.27 26.74
CA ILE H 209 15.38 -13.09 26.36
C ILE H 209 15.62 -14.15 25.27
N ASP H 210 15.99 -13.72 24.06
CA ASP H 210 16.15 -14.66 22.95
C ASP H 210 17.64 -14.81 22.61
N GLU H 211 18.48 -14.57 23.60
CA GLU H 211 19.93 -14.41 23.41
C GLU H 211 20.59 -15.68 22.88
N ARG H 212 21.72 -15.50 22.21
CA ARG H 212 22.54 -16.61 21.75
C ARG H 212 23.36 -17.14 22.93
N PRO H 213 23.51 -18.47 23.04
CA PRO H 213 24.17 -19.10 24.19
C PRO H 213 25.49 -18.48 24.60
N GLU H 214 26.38 -18.23 23.64
CA GLU H 214 27.72 -17.71 23.93
C GLU H 214 27.72 -16.21 24.28
N GLU H 215 26.67 -15.51 23.87
CA GLU H 215 26.53 -14.09 24.17
C GLU H 215 26.08 -13.88 25.63
N VAL H 216 25.60 -14.96 26.26
CA VAL H 216 25.13 -14.92 27.63
C VAL H 216 26.29 -14.99 28.64
N THR H 217 27.18 -15.96 28.44
CA THR H 217 28.31 -16.18 29.35
C THR H 217 29.24 -14.96 29.42
N GLU H 218 29.34 -14.23 28.31
CA GLU H 218 30.09 -12.98 28.28
C GLU H 218 29.44 -11.93 29.18
N MET H 219 28.11 -11.91 29.18
CA MET H 219 27.34 -10.99 30.02
C MET H 219 27.40 -11.40 31.50
N GLN H 220 27.29 -12.70 31.75
CA GLN H 220 27.34 -13.25 33.11
C GLN H 220 28.61 -12.85 33.86
N ARG H 221 29.69 -12.70 33.10
CA ARG H 221 31.02 -12.49 33.68
C ARG H 221 31.48 -11.03 33.69
N LEU H 222 30.74 -10.16 33.02
CA LEU H 222 31.05 -8.73 33.01
C LEU H 222 30.14 -7.95 33.95
N VAL H 223 28.87 -8.33 33.98
CA VAL H 223 27.90 -7.73 34.90
C VAL H 223 28.12 -8.24 36.32
N LYS H 224 28.38 -7.31 37.23
CA LYS H 224 28.47 -7.65 38.65
C LYS H 224 27.12 -7.46 39.33
N GLY H 225 26.24 -8.45 39.11
CA GLY H 225 24.90 -8.46 39.66
C GLY H 225 24.24 -9.81 39.44
N GLU H 226 22.98 -9.79 39.02
CA GLU H 226 22.24 -11.02 38.75
C GLU H 226 21.84 -11.11 37.27
N VAL H 227 22.55 -11.95 36.54
CA VAL H 227 22.26 -12.17 35.12
C VAL H 227 21.32 -13.36 34.96
N VAL H 228 20.10 -13.07 34.51
CA VAL H 228 19.08 -14.09 34.28
C VAL H 228 18.73 -14.05 32.80
N ALA H 229 18.96 -15.16 32.11
CA ALA H 229 18.89 -15.18 30.65
C ALA H 229 18.19 -16.40 30.07
N SER H 230 17.57 -16.19 28.92
CA SER H 230 17.04 -17.26 28.11
C SER H 230 17.70 -17.23 26.73
N THR H 231 17.77 -18.37 26.08
CA THR H 231 18.40 -18.49 24.77
C THR H 231 17.37 -18.78 23.69
N PHE H 232 17.68 -18.41 22.45
CA PHE H 232 16.83 -18.77 21.30
C PHE H 232 16.68 -20.28 21.21
N ASP H 233 17.55 -20.96 21.95
CA ASP H 233 17.56 -22.42 22.09
C ASP H 233 16.29 -22.93 22.78
N GLU H 234 15.67 -22.07 23.57
CA GLU H 234 14.59 -22.47 24.49
C GLU H 234 13.19 -22.13 23.95
N PRO H 235 12.16 -22.86 24.41
CA PRO H 235 10.78 -22.62 23.99
C PRO H 235 10.27 -21.22 24.39
N ALA H 236 9.17 -20.82 23.77
CA ALA H 236 8.55 -19.52 24.05
C ALA H 236 8.04 -19.43 25.48
N SER H 237 7.56 -20.55 26.00
CA SER H 237 7.11 -20.65 27.39
C SER H 237 8.25 -20.41 28.36
N ARG H 238 9.46 -20.80 27.96
CA ARG H 238 10.66 -20.61 28.76
C ARG H 238 11.06 -19.13 28.84
N HIS H 239 10.93 -18.42 27.72
CA HIS H 239 11.18 -16.97 27.71
C HIS H 239 10.30 -16.24 28.73
N VAL H 240 9.01 -16.59 28.70
CA VAL H 240 8.00 -15.98 29.56
C VAL H 240 8.27 -16.26 31.04
N GLN H 241 8.53 -17.52 31.36
CA GLN H 241 8.81 -17.96 32.73
C GLN H 241 9.90 -17.11 33.37
N VAL H 242 10.99 -16.90 32.64
CA VAL H 242 12.11 -16.08 33.11
C VAL H 242 11.65 -14.64 33.39
N ALA H 243 10.95 -14.06 32.44
CA ALA H 243 10.44 -12.68 32.55
C ALA H 243 9.56 -12.49 33.79
N GLU H 244 8.78 -13.50 34.12
CA GLU H 244 7.89 -13.45 35.29
C GLU H 244 8.64 -13.58 36.62
N MET H 245 9.52 -14.57 36.72
CA MET H 245 10.32 -14.76 37.93
C MET H 245 11.21 -13.56 38.22
N VAL H 246 11.64 -12.87 37.16
CA VAL H 246 12.44 -11.66 37.30
C VAL H 246 11.57 -10.45 37.69
N ILE H 247 10.37 -10.37 37.13
CA ILE H 247 9.46 -9.25 37.46
C ILE H 247 8.81 -9.41 38.84
N GLU H 248 8.63 -10.66 39.28
CA GLU H 248 7.99 -10.92 40.58
C GLU H 248 8.96 -10.72 41.75
N LYS H 249 10.17 -11.25 41.60
CA LYS H 249 11.24 -11.04 42.59
C LYS H 249 11.54 -9.55 42.71
N ALA H 250 11.59 -8.86 41.58
CA ALA H 250 11.79 -7.41 41.56
C ALA H 250 10.72 -6.69 42.36
N LYS H 251 9.45 -6.95 42.02
CA LYS H 251 8.31 -6.37 42.76
C LYS H 251 8.42 -6.64 44.25
N ARG H 252 8.71 -7.89 44.60
CA ARG H 252 8.87 -8.33 45.99
C ARG H 252 9.96 -7.56 46.73
N LEU H 253 11.04 -7.22 46.03
CA LEU H 253 12.15 -6.47 46.62
C LEU H 253 11.83 -4.99 46.80
N VAL H 254 11.07 -4.42 45.85
CA VAL H 254 10.64 -3.03 45.92
C VAL H 254 9.68 -2.82 47.10
N GLU H 255 8.96 -3.88 47.46
CA GLU H 255 8.05 -3.86 48.60
C GLU H 255 8.79 -3.65 49.93
N HIS H 256 10.01 -4.14 50.00
CA HIS H 256 10.89 -3.90 51.14
C HIS H 256 11.64 -2.59 50.99
N LYS H 257 11.05 -1.67 50.22
CA LYS H 257 11.60 -0.32 50.00
C LYS H 257 13.03 -0.33 49.46
N LYS H 258 13.37 -1.39 48.73
CA LYS H 258 14.69 -1.57 48.14
C LYS H 258 14.64 -1.18 46.66
N ASP H 259 15.70 -0.52 46.20
CA ASP H 259 15.78 -0.06 44.82
C ASP H 259 16.24 -1.15 43.86
N VAL H 260 15.49 -1.31 42.76
CA VAL H 260 15.77 -2.36 41.78
C VAL H 260 16.00 -1.79 40.37
N ILE H 261 16.96 -2.37 39.66
CA ILE H 261 17.24 -2.00 38.27
C ILE H 261 17.16 -3.26 37.39
N ILE H 262 16.28 -3.24 36.39
CA ILE H 262 16.23 -4.32 35.41
C ILE H 262 16.61 -3.83 34.02
N LEU H 263 17.77 -4.28 33.53
CA LEU H 263 18.17 -4.04 32.15
C LEU H 263 17.73 -5.23 31.32
N LEU H 264 16.79 -5.00 30.41
CA LEU H 264 16.22 -6.06 29.61
C LEU H 264 16.74 -6.04 28.17
N ASP H 265 17.31 -7.16 27.74
CA ASP H 265 17.70 -7.32 26.35
C ASP H 265 16.49 -7.71 25.52
N SER H 266 16.05 -6.77 24.69
CA SER H 266 14.87 -6.90 23.83
C SER H 266 13.53 -7.08 24.58
N ILE H 267 12.74 -6.02 24.60
CA ILE H 267 11.34 -6.10 24.96
C ILE H 267 10.57 -6.72 23.79
N THR H 268 11.14 -6.58 22.59
CA THR H 268 10.55 -7.09 21.36
C THR H 268 10.58 -8.61 21.29
N ARG H 269 11.71 -9.21 21.66
CA ARG H 269 11.85 -10.67 21.68
C ARG H 269 11.02 -11.29 22.80
N LEU H 270 10.72 -10.49 23.83
CA LEU H 270 9.81 -10.89 24.88
C LEU H 270 8.37 -10.84 24.40
N ALA H 271 8.04 -9.80 23.64
CA ALA H 271 6.70 -9.65 23.08
C ALA H 271 6.37 -10.74 22.07
N ARG H 272 7.40 -11.18 21.33
CA ARG H 272 7.28 -12.32 20.41
C ARG H 272 6.93 -13.60 21.17
N ALA H 273 7.52 -13.76 22.35
CA ALA H 273 7.29 -14.94 23.19
C ALA H 273 5.85 -15.05 23.65
N TYR H 274 5.34 -13.98 24.26
CA TYR H 274 3.94 -13.91 24.69
C TYR H 274 3.00 -14.10 23.50
N ASN H 275 3.39 -13.55 22.35
CA ASN H 275 2.59 -13.62 21.13
C ASN H 275 2.25 -15.04 20.68
N THR H 276 3.16 -15.98 20.92
CA THR H 276 2.96 -17.37 20.53
C THR H 276 2.37 -18.22 21.68
N VAL H 277 2.65 -17.80 22.91
CA VAL H 277 2.14 -18.51 24.10
C VAL H 277 0.64 -18.24 24.31
N VAL H 278 0.28 -16.96 24.38
CA VAL H 278 -1.11 -16.54 24.60
C VAL H 278 -2.00 -16.94 23.41
N PRO H 279 -3.14 -17.57 23.69
CA PRO H 279 -4.07 -18.00 22.64
C PRO H 279 -4.76 -16.83 21.93
N ALA H 280 -5.32 -17.11 20.75
CA ALA H 280 -5.97 -16.11 19.90
C ALA H 280 -7.13 -15.41 20.61
N VAL H 284 -7.89 -10.54 15.05
CA VAL H 284 -7.22 -9.49 15.82
C VAL H 284 -5.69 -9.54 15.67
N LEU H 285 -5.24 -9.75 14.44
CA LEU H 285 -3.82 -9.79 14.10
C LEU H 285 -3.41 -8.55 13.32
N THR H 286 -2.52 -7.76 13.89
CA THR H 286 -2.11 -6.48 13.30
C THR H 286 -1.11 -6.68 12.17
N GLY H 287 0.10 -7.10 12.51
CA GLY H 287 1.14 -7.39 11.52
C GLY H 287 1.79 -8.74 11.80
N GLY H 288 0.95 -9.73 12.08
CA GLY H 288 1.42 -11.06 12.49
C GLY H 288 1.28 -11.28 13.98
N VAL H 289 1.23 -10.17 14.73
CA VAL H 289 1.11 -10.22 16.18
C VAL H 289 -0.35 -10.16 16.64
N ASP H 290 -0.75 -11.12 17.45
CA ASP H 290 -2.06 -11.12 18.11
C ASP H 290 -2.12 -9.94 19.06
N ALA H 291 -2.99 -8.98 18.74
CA ALA H 291 -3.03 -7.68 19.43
C ALA H 291 -3.20 -7.77 20.96
N ASN H 292 -4.02 -8.73 21.42
CA ASN H 292 -4.26 -8.90 22.85
C ASN H 292 -3.15 -9.64 23.60
N ALA H 293 -2.20 -10.22 22.84
CA ALA H 293 -1.04 -10.87 23.43
C ALA H 293 0.06 -9.87 23.81
N LEU H 294 -0.24 -8.58 23.61
CA LEU H 294 0.69 -7.50 23.96
C LEU H 294 0.44 -6.95 25.36
N HIS H 295 -0.59 -7.45 26.02
CA HIS H 295 -0.97 -6.98 27.36
C HIS H 295 0.10 -7.28 28.42
N ARG H 296 0.47 -8.55 28.51
CA ARG H 296 1.44 -9.02 29.50
C ARG H 296 2.85 -8.39 29.39
N PRO H 297 3.36 -8.22 28.17
CA PRO H 297 4.60 -7.45 27.97
C PRO H 297 4.48 -6.00 28.45
N LYS H 298 3.38 -5.33 28.11
CA LYS H 298 3.14 -3.96 28.55
C LYS H 298 2.97 -3.87 30.06
N ARG H 299 2.44 -4.95 30.64
CA ARG H 299 2.37 -5.13 32.09
C ARG H 299 3.78 -5.12 32.69
N PHE H 300 4.63 -6.00 32.16
CA PHE H 300 6.02 -6.13 32.60
C PHE H 300 6.74 -4.80 32.56
N PHE H 301 6.73 -4.17 31.38
CA PHE H 301 7.42 -2.89 31.17
C PHE H 301 6.78 -1.78 31.99
N GLY H 302 5.46 -1.87 32.18
CA GLY H 302 4.71 -0.89 32.95
C GLY H 302 4.93 -0.96 34.46
N ALA H 303 5.63 -2.00 34.91
CA ALA H 303 5.94 -2.17 36.33
C ALA H 303 6.98 -1.16 36.82
N ALA H 304 7.77 -0.64 35.88
CA ALA H 304 8.80 0.36 36.20
C ALA H 304 8.19 1.64 36.75
N ARG H 305 8.53 1.96 37.99
CA ARG H 305 7.96 3.10 38.71
C ARG H 305 8.80 3.50 39.93
N ASN H 306 8.86 4.79 40.21
CA ASN H 306 9.44 5.30 41.45
C ASN H 306 8.34 5.36 42.50
N VAL H 307 8.55 4.68 43.62
CA VAL H 307 7.51 4.54 44.65
C VAL H 307 7.54 5.71 45.64
N GLU H 308 6.35 6.17 46.03
CA GLU H 308 6.20 7.23 47.00
C GLU H 308 6.57 6.76 48.41
N GLU H 309 6.07 5.59 48.80
CA GLU H 309 6.28 5.05 50.14
C GLU H 309 7.59 4.27 50.29
N GLY H 310 8.58 4.61 49.48
CA GLY H 310 9.93 4.05 49.61
C GLY H 310 10.34 3.09 48.50
N GLY H 311 11.54 3.32 47.96
CA GLY H 311 12.10 2.42 46.94
C GLY H 311 11.68 2.78 45.53
N SER H 312 12.13 1.96 44.57
CA SER H 312 11.79 2.14 43.16
C SER H 312 12.07 0.88 42.34
N LEU H 313 11.37 0.75 41.22
CA LEU H 313 11.66 -0.26 40.22
C LEU H 313 11.87 0.42 38.87
N THR H 314 13.06 0.25 38.30
CA THR H 314 13.39 0.87 37.01
C THR H 314 13.76 -0.18 35.98
N ILE H 315 13.13 -0.11 34.81
CA ILE H 315 13.40 -1.05 33.73
C ILE H 315 13.90 -0.32 32.48
N ILE H 316 15.17 -0.53 32.16
CA ILE H 316 15.76 -0.01 30.92
C ILE H 316 15.87 -1.16 29.93
N ALA H 317 14.89 -1.25 29.03
CA ALA H 317 14.81 -2.35 28.07
C ALA H 317 15.13 -1.87 26.66
N THR H 318 15.73 -2.75 25.86
CA THR H 318 16.04 -2.43 24.47
C THR H 318 14.89 -2.82 23.55
N ALA H 319 14.62 -1.99 22.55
CA ALA H 319 13.61 -2.27 21.55
C ALA H 319 14.24 -2.37 20.18
N LEU H 320 14.22 -3.57 19.62
CA LEU H 320 14.87 -3.85 18.34
C LEU H 320 14.10 -3.26 17.16
N ILE H 321 14.84 -2.60 16.27
CA ILE H 321 14.26 -1.96 15.09
C ILE H 321 15.07 -2.34 13.83
N ASP H 322 14.52 -2.06 12.65
CA ASP H 322 15.18 -2.35 11.36
C ASP H 322 15.70 -3.78 11.26
N THR H 323 14.86 -4.73 11.68
CA THR H 323 15.23 -6.14 11.70
C THR H 323 14.75 -6.84 10.43
N GLY H 324 13.98 -6.12 9.61
CA GLY H 324 13.40 -6.69 8.39
C GLY H 324 12.35 -7.73 8.71
N SER H 325 11.59 -7.48 9.78
CA SER H 325 10.54 -8.38 10.24
C SER H 325 9.39 -7.54 10.78
N LYS H 326 8.33 -7.45 9.99
CA LYS H 326 7.17 -6.60 10.32
C LYS H 326 6.71 -6.75 11.76
N MET H 327 6.77 -7.97 12.29
CA MET H 327 6.36 -8.26 13.65
C MET H 327 7.18 -7.49 14.69
N ASP H 328 8.49 -7.42 14.48
CA ASP H 328 9.38 -6.61 15.31
C ASP H 328 9.00 -5.13 15.24
N GLU H 329 8.58 -4.70 14.06
CA GLU H 329 8.18 -3.31 13.84
C GLU H 329 6.85 -2.94 14.48
N VAL H 330 5.90 -3.88 14.47
CA VAL H 330 4.58 -3.65 15.06
C VAL H 330 4.67 -3.59 16.59
N ILE H 331 5.45 -4.48 17.18
CA ILE H 331 5.71 -4.48 18.62
C ILE H 331 6.26 -3.13 19.08
N TYR H 332 7.14 -2.55 18.27
CA TYR H 332 7.75 -1.25 18.56
C TYR H 332 6.74 -0.09 18.50
N GLU H 333 5.84 -0.15 17.52
CA GLU H 333 4.81 0.87 17.34
C GLU H 333 3.87 0.97 18.55
N GLU H 334 3.58 -0.18 19.16
CA GLU H 334 2.70 -0.26 20.32
C GLU H 334 3.38 0.18 21.61
N PHE H 335 4.70 0.36 21.56
CA PHE H 335 5.48 0.78 22.71
C PHE H 335 5.97 2.23 22.59
N LYS H 336 5.39 2.98 21.66
CA LYS H 336 5.69 4.40 21.50
C LYS H 336 5.15 5.22 22.67
N GLY H 337 6.05 5.89 23.38
CA GLY H 337 5.67 6.80 24.46
C GLY H 337 5.21 6.13 25.74
N THR H 338 5.26 4.80 25.79
CA THR H 338 4.99 4.05 27.01
C THR H 338 6.16 4.23 27.98
N GLY H 339 7.36 4.36 27.42
CA GLY H 339 8.56 4.64 28.19
C GLY H 339 8.71 6.11 28.49
N ASN H 340 9.30 6.42 29.64
CA ASN H 340 9.53 7.80 30.06
C ASN H 340 10.96 8.27 29.80
N MET H 341 11.71 7.43 29.08
CA MET H 341 13.06 7.74 28.62
C MET H 341 13.36 6.86 27.41
N GLU H 342 13.91 7.45 26.36
CA GLU H 342 14.33 6.69 25.19
C GLU H 342 15.72 7.10 24.71
N LEU H 343 16.51 6.09 24.34
CA LEU H 343 17.87 6.29 23.87
C LEU H 343 18.05 5.60 22.53
N HIS H 344 18.37 6.39 21.50
CA HIS H 344 18.52 5.87 20.15
C HIS H 344 19.96 5.54 19.81
N LEU H 345 20.14 4.46 19.06
CA LEU H 345 21.42 4.12 18.46
C LEU H 345 21.26 4.14 16.95
N SER H 346 21.95 5.06 16.28
CA SER H 346 21.79 5.24 14.84
C SER H 346 22.66 4.29 14.04
N ARG H 347 22.06 3.75 12.97
CA ARG H 347 22.71 2.75 12.10
C ARG H 347 23.97 3.30 11.44
N LYS H 348 23.90 4.54 10.96
CA LYS H 348 25.00 5.18 10.25
C LYS H 348 26.23 5.43 11.13
N ILE H 349 25.99 5.85 12.38
CA ILE H 349 27.08 6.15 13.30
C ILE H 349 27.86 4.89 13.66
N ALA H 350 27.14 3.77 13.75
CA ALA H 350 27.74 2.46 14.02
C ALA H 350 28.56 1.97 12.82
N GLU H 351 28.15 2.39 11.62
CA GLU H 351 28.82 2.00 10.38
C GLU H 351 30.17 2.70 10.17
N LYS H 352 30.22 4.00 10.45
CA LYS H 352 31.49 4.74 10.35
C LYS H 352 32.49 4.22 11.39
N ARG H 353 32.05 3.24 12.17
CA ARG H 353 32.84 2.68 13.25
C ARG H 353 33.21 3.77 14.22
N VAL H 354 32.17 4.44 14.64
CA VAL H 354 32.22 5.52 15.60
C VAL H 354 31.34 5.12 16.77
N PHE H 355 31.85 5.33 17.97
CA PHE H 355 31.15 4.94 19.18
C PHE H 355 31.19 6.07 20.21
N PRO H 356 30.08 6.23 20.94
CA PRO H 356 28.81 5.58 20.62
C PRO H 356 28.10 6.13 19.39
N ALA H 357 26.93 5.58 19.10
CA ALA H 357 26.14 5.95 17.93
C ALA H 357 24.96 6.83 18.32
N ILE H 358 24.83 7.07 19.59
CA ILE H 358 23.63 7.76 20.05
C ILE H 358 23.25 8.96 19.16
N ASP H 359 22.06 8.88 18.58
CA ASP H 359 21.47 10.03 17.90
C ASP H 359 21.02 10.99 18.99
N TYR H 360 21.85 11.99 19.26
CA TYR H 360 21.64 12.93 20.35
C TYR H 360 20.34 13.72 20.21
N ASN H 361 20.01 14.10 18.98
CA ASN H 361 18.80 14.88 18.69
C ASN H 361 17.51 14.19 19.11
N ARG H 362 17.46 12.87 18.92
CA ARG H 362 16.26 12.09 19.19
C ARG H 362 16.23 11.51 20.60
N SER H 363 17.40 11.16 21.12
CA SER H 363 17.54 10.65 22.49
C SER H 363 17.18 11.74 23.50
N GLY H 364 16.56 11.33 24.59
CA GLY H 364 16.11 12.27 25.63
C GLY H 364 15.16 11.63 26.62
N THR H 365 14.95 12.30 27.74
CA THR H 365 14.09 11.80 28.80
C THR H 365 13.06 12.82 29.28
N ARG H 366 11.96 12.32 29.83
CA ARG H 366 10.89 13.18 30.36
C ARG H 366 11.17 13.61 31.78
N LYS H 367 10.67 14.80 32.12
CA LYS H 367 10.91 15.42 33.43
C LYS H 367 12.40 15.45 33.77
N GLU H 368 13.20 15.74 32.74
CA GLU H 368 14.66 15.85 32.84
C GLU H 368 15.07 16.78 33.97
N GLU H 369 14.17 17.68 34.36
CA GLU H 369 14.44 18.74 35.32
C GLU H 369 14.47 18.29 36.79
N LEU H 370 14.12 17.03 37.05
CA LEU H 370 14.25 16.49 38.41
C LEU H 370 15.46 15.55 38.52
N LEU H 371 15.94 15.08 37.37
CA LEU H 371 17.12 14.23 37.29
C LEU H 371 18.40 15.06 37.28
N THR H 372 18.27 16.35 36.98
CA THR H 372 19.40 17.27 36.93
C THR H 372 19.17 18.47 37.82
N THR H 373 20.25 19.11 38.26
CA THR H 373 20.17 20.36 39.00
C THR H 373 20.03 21.53 38.02
N GLN H 374 19.47 22.64 38.51
CA GLN H 374 19.21 23.82 37.68
C GLN H 374 20.45 24.37 36.98
N GLU H 375 21.63 24.11 37.56
CA GLU H 375 22.90 24.43 36.93
C GLU H 375 23.18 23.49 35.76
N GLU H 376 23.10 22.18 36.04
CA GLU H 376 23.38 21.14 35.05
C GLU H 376 22.36 21.13 33.91
N LEU H 377 21.07 21.17 34.27
CA LEU H 377 19.98 21.19 33.29
C LEU H 377 20.12 22.36 32.32
N GLN H 378 20.36 23.54 32.88
CA GLN H 378 20.56 24.76 32.08
C GLN H 378 21.83 24.65 31.24
N LYS H 379 22.85 24.00 31.80
CA LYS H 379 24.11 23.77 31.10
C LYS H 379 23.91 22.88 29.88
N MET H 380 23.33 21.69 30.09
CA MET H 380 23.14 20.71 29.01
C MET H 380 22.09 21.14 27.99
N TRP H 381 21.21 22.05 28.39
CA TRP H 381 20.24 22.65 27.47
C TRP H 381 20.92 23.47 26.38
N ILE H 382 21.95 24.22 26.77
CA ILE H 382 22.75 24.99 25.81
C ILE H 382 23.51 24.04 24.87
N LEU H 383 24.00 22.94 25.44
CA LEU H 383 24.67 21.89 24.68
C LEU H 383 23.71 21.22 23.70
N ARG H 384 22.43 21.19 24.04
CA ARG H 384 21.39 20.62 23.19
C ARG H 384 21.17 21.48 21.95
N LYS H 385 21.01 22.79 22.15
CA LYS H 385 20.74 23.73 21.07
C LYS H 385 21.93 23.92 20.13
N ILE H 386 23.10 23.42 20.54
CA ILE H 386 24.33 23.59 19.78
C ILE H 386 24.59 22.43 18.78
N ILE H 387 23.96 21.28 19.02
CA ILE H 387 24.09 20.12 18.13
C ILE H 387 22.80 19.87 17.32
N HIS H 388 21.73 20.57 17.68
CA HIS H 388 20.42 20.43 17.05
C HIS H 388 20.44 20.38 15.51
N PRO H 389 21.05 21.36 14.84
CA PRO H 389 21.03 21.42 13.38
C PRO H 389 22.05 20.49 12.69
N MET H 390 22.97 19.93 13.47
CA MET H 390 24.02 19.06 12.92
C MET H 390 23.48 17.72 12.44
N GLY H 391 24.18 17.11 11.48
CA GLY H 391 23.82 15.79 10.97
C GLY H 391 24.07 14.69 11.99
N GLU H 392 23.54 13.51 11.71
CA GLU H 392 23.65 12.36 12.63
C GLU H 392 25.10 12.04 12.98
N ILE H 393 25.90 11.77 11.94
CA ILE H 393 27.32 11.45 12.11
C ILE H 393 28.13 12.66 12.57
N ASP H 394 27.75 13.84 12.10
CA ASP H 394 28.38 15.09 12.51
C ASP H 394 28.15 15.38 13.99
N ALA H 395 27.06 14.83 14.53
CA ALA H 395 26.67 15.07 15.92
C ALA H 395 27.60 14.41 16.94
N MET H 396 27.79 13.09 16.80
CA MET H 396 28.56 12.33 17.77
C MET H 396 30.06 12.65 17.75
N GLU H 397 30.61 12.86 16.56
CA GLU H 397 32.01 13.28 16.41
C GLU H 397 32.27 14.60 17.13
N PHE H 398 31.30 15.51 17.04
CA PHE H 398 31.35 16.80 17.73
C PHE H 398 31.36 16.61 19.26
N LEU H 399 30.75 15.51 19.71
CA LEU H 399 30.63 15.22 21.13
C LEU H 399 31.73 14.26 21.61
N ILE H 400 32.24 13.44 20.69
CA ILE H 400 33.32 12.50 20.99
C ILE H 400 34.65 13.22 21.23
N ASN H 401 35.01 14.11 20.31
CA ASN H 401 36.29 14.81 20.36
C ASN H 401 36.44 15.75 21.56
N LYS H 402 35.32 16.29 22.02
CA LYS H 402 35.32 17.28 23.10
C LYS H 402 35.27 16.67 24.51
N LEU H 403 34.45 15.63 24.67
CA LEU H 403 34.38 14.91 25.94
C LEU H 403 35.66 14.15 26.23
N ALA H 404 36.29 13.62 25.18
CA ALA H 404 37.52 12.83 25.29
C ALA H 404 38.75 13.69 25.60
N MET H 405 38.57 14.61 26.55
CA MET H 405 39.65 15.48 27.03
C MET H 405 39.42 15.80 28.51
N THR H 406 38.15 15.79 28.91
CA THR H 406 37.73 16.29 30.21
C THR H 406 37.00 15.24 31.06
N LYS H 407 36.22 15.73 32.03
CA LYS H 407 35.25 14.93 32.77
C LYS H 407 33.88 15.61 32.60
N THR H 408 32.80 14.91 32.97
CA THR H 408 31.44 15.43 32.82
C THR H 408 31.24 16.79 33.48
N ASN H 409 31.74 16.93 34.71
CA ASN H 409 31.57 18.15 35.50
C ASN H 409 32.50 19.28 35.06
N ASP H 410 33.37 18.98 34.10
CA ASP H 410 34.29 19.98 33.55
C ASP H 410 34.04 20.15 32.04
N ASP H 411 32.86 19.72 31.60
CA ASP H 411 32.55 19.66 30.17
C ASP H 411 32.37 21.03 29.52
N PHE H 412 31.40 21.79 30.00
CA PHE H 412 30.95 23.00 29.30
C PHE H 412 31.76 24.26 29.60
N PHE H 413 32.44 24.29 30.74
CA PHE H 413 33.19 25.47 31.16
C PHE H 413 34.23 25.91 30.13
N GLU H 414 34.95 24.94 29.56
CA GLU H 414 36.04 25.22 28.62
C GLU H 414 35.54 25.38 27.17
N MET H 415 34.23 25.39 26.98
CA MET H 415 33.65 25.46 25.63
C MET H 415 33.27 26.88 25.18
N MET H 416 33.16 27.80 26.14
CA MET H 416 32.71 29.18 25.84
C MET H 416 33.86 30.19 25.70
N LYS H 417 34.82 30.11 26.62
CA LYS H 417 36.02 30.97 26.60
C LYS H 417 35.71 32.45 26.83
N MET I 1 -18.95 0.87 57.79
CA MET I 1 -19.58 2.18 57.44
C MET I 1 -19.64 2.38 55.92
N ASN I 2 -19.75 3.66 55.51
CA ASN I 2 -19.74 4.05 54.10
C ASN I 2 -18.63 3.37 53.30
N LEU I 3 -18.99 2.79 52.16
CA LEU I 3 -18.05 2.06 51.30
C LEU I 3 -17.09 3.01 50.56
N THR I 4 -17.63 4.13 50.09
CA THR I 4 -16.83 5.14 49.38
C THR I 4 -15.71 5.70 50.28
N GLU I 5 -16.01 5.89 51.56
CA GLU I 5 -15.01 6.27 52.55
C GLU I 5 -13.97 5.17 52.74
N LEU I 6 -14.44 3.92 52.84
CA LEU I 6 -13.55 2.76 52.95
C LEU I 6 -12.66 2.61 51.72
N LYS I 7 -13.17 3.02 50.57
CA LYS I 7 -12.41 3.02 49.32
C LYS I 7 -11.40 4.16 49.25
N ASN I 8 -11.66 5.24 50.02
CA ASN I 8 -10.81 6.41 50.01
C ASN I 8 -9.81 6.51 51.18
N THR I 9 -9.83 5.50 52.04
CA THR I 9 -8.83 5.39 53.10
C THR I 9 -7.56 4.74 52.57
N PRO I 10 -6.40 5.29 52.93
CA PRO I 10 -5.10 4.70 52.57
C PRO I 10 -5.01 3.22 52.92
N VAL I 11 -4.27 2.46 52.11
CA VAL I 11 -4.16 1.01 52.26
C VAL I 11 -3.56 0.62 53.62
N SER I 12 -2.50 1.34 54.03
CA SER I 12 -1.85 1.11 55.31
C SER I 12 -2.84 1.14 56.48
N GLU I 13 -3.71 2.14 56.48
CA GLU I 13 -4.73 2.30 57.51
C GLU I 13 -5.86 1.27 57.37
N LEU I 14 -6.22 0.97 56.12
CA LEU I 14 -7.32 0.06 55.82
C LEU I 14 -7.05 -1.35 56.36
N ILE I 15 -5.79 -1.75 56.34
CA ILE I 15 -5.37 -3.06 56.84
C ILE I 15 -5.50 -3.15 58.36
N THR I 16 -5.05 -2.11 59.06
CA THR I 16 -5.08 -2.07 60.53
C THR I 16 -6.52 -2.16 61.07
N LEU I 17 -7.42 -1.43 60.42
CA LEU I 17 -8.85 -1.49 60.74
C LEU I 17 -9.36 -2.93 60.70
N GLY I 18 -8.93 -3.67 59.69
CA GLY I 18 -9.30 -5.08 59.53
C GLY I 18 -8.68 -5.99 60.56
N GLU I 19 -7.39 -5.77 60.86
CA GLU I 19 -6.65 -6.56 61.84
C GLU I 19 -7.25 -6.45 63.24
N ASN I 20 -7.90 -5.32 63.51
CA ASN I 20 -8.56 -5.08 64.78
C ASN I 20 -9.98 -5.67 64.83
N MET I 21 -10.33 -6.42 63.79
CA MET I 21 -11.62 -7.11 63.71
C MET I 21 -11.43 -8.63 63.81
N GLY I 22 -10.17 -9.07 63.91
CA GLY I 22 -9.85 -10.49 63.94
C GLY I 22 -9.48 -11.03 62.57
N LEU I 23 -9.50 -10.16 61.56
CA LEU I 23 -9.14 -10.53 60.20
C LEU I 23 -7.65 -10.74 60.06
N GLU I 24 -7.27 -11.91 59.55
CA GLU I 24 -5.88 -12.32 59.46
C GLU I 24 -5.42 -12.36 58.00
N ASN I 25 -4.19 -11.89 57.77
CA ASN I 25 -3.56 -11.87 56.44
C ASN I 25 -4.26 -10.99 55.41
N LEU I 26 -3.99 -9.68 55.51
CA LEU I 26 -4.44 -8.71 54.53
C LEU I 26 -3.22 -7.97 53.98
N ALA I 27 -2.13 -8.04 54.74
CA ALA I 27 -0.88 -7.35 54.43
C ALA I 27 -0.53 -7.33 52.94
N ARG I 28 -0.58 -8.50 52.30
CA ARG I 28 -0.24 -8.64 50.89
C ARG I 28 -1.46 -8.99 50.06
N MET I 29 -2.43 -8.09 50.02
CA MET I 29 -3.64 -8.29 49.23
C MET I 29 -4.03 -7.02 48.48
N ARG I 30 -4.67 -7.18 47.33
CA ARG I 30 -5.22 -6.07 46.58
C ARG I 30 -6.13 -5.28 47.50
N LYS I 31 -6.02 -3.95 47.44
CA LYS I 31 -6.83 -3.05 48.27
C LYS I 31 -8.32 -3.48 48.27
N GLN I 32 -8.75 -4.06 47.15
CA GLN I 32 -10.14 -4.49 46.96
C GLN I 32 -10.46 -5.80 47.69
N ASP I 33 -9.51 -6.73 47.72
CA ASP I 33 -9.65 -7.97 48.48
C ASP I 33 -9.71 -7.70 49.98
N ILE I 34 -9.42 -6.46 50.34
CA ILE I 34 -9.45 -6.00 51.74
C ILE I 34 -10.75 -5.24 52.02
N ILE I 35 -11.04 -4.23 51.20
CA ILE I 35 -12.31 -3.48 51.29
C ILE I 35 -13.50 -4.44 51.31
N PHE I 36 -13.34 -5.59 50.65
CA PHE I 36 -14.36 -6.63 50.65
C PHE I 36 -14.47 -7.33 52.01
N ALA I 37 -13.32 -7.68 52.60
CA ALA I 37 -13.28 -8.39 53.88
C ALA I 37 -13.81 -7.55 55.04
N ILE I 38 -13.58 -6.23 54.99
CA ILE I 38 -14.13 -5.32 55.99
C ILE I 38 -15.65 -5.26 55.90
N LEU I 39 -16.17 -5.29 54.67
CA LEU I 39 -17.61 -5.39 54.44
C LEU I 39 -18.14 -6.77 54.81
N LYS I 40 -17.36 -7.81 54.48
CA LYS I 40 -17.76 -9.20 54.68
C LYS I 40 -17.79 -9.57 56.17
N GLN I 41 -16.68 -9.36 56.86
CA GLN I 41 -16.57 -9.66 58.29
C GLN I 41 -17.41 -8.75 59.18
N HIS I 42 -18.22 -7.89 58.53
CA HIS I 42 -19.16 -7.05 59.24
C HIS I 42 -20.57 -7.65 59.16
N ALA I 43 -20.91 -8.47 60.13
CA ALA I 43 -22.21 -9.14 60.17
C ALA I 43 -23.04 -8.69 61.36
N LYS I 44 -23.16 -7.37 61.55
CA LYS I 44 -23.91 -6.79 62.66
C LYS I 44 -24.69 -5.54 62.27
N SER I 45 -24.03 -4.39 62.32
CA SER I 45 -24.66 -3.07 62.14
C SER I 45 -25.66 -3.03 60.99
N GLY I 46 -26.94 -2.98 61.35
CA GLY I 46 -28.03 -3.04 60.38
C GLY I 46 -28.32 -1.73 59.69
N GLU I 47 -27.32 -1.21 58.96
CA GLU I 47 -27.47 -0.05 58.07
C GLU I 47 -26.14 0.62 57.74
N ASP I 48 -25.10 0.29 58.49
CA ASP I 48 -23.75 0.83 58.24
C ASP I 48 -23.17 0.38 56.90
N ILE I 49 -23.88 -0.52 56.22
CA ILE I 49 -23.51 -0.96 54.89
C ILE I 49 -24.14 -0.06 53.82
N PHE I 50 -23.59 1.15 53.67
CA PHE I 50 -23.99 2.07 52.60
C PHE I 50 -23.03 1.94 51.42
N GLY I 51 -23.56 1.58 50.26
CA GLY I 51 -22.77 1.47 49.04
C GLY I 51 -22.96 2.68 48.14
N ASP I 52 -22.16 2.74 47.07
CA ASP I 52 -22.19 3.85 46.12
C ASP I 52 -21.38 3.53 44.86
N GLY I 53 -21.85 4.04 43.73
CA GLY I 53 -21.13 3.89 42.46
C GLY I 53 -21.95 4.29 41.26
N VAL I 54 -21.31 4.30 40.09
CA VAL I 54 -21.98 4.61 38.84
C VAL I 54 -22.45 3.30 38.19
N LEU I 55 -23.72 3.29 37.75
CA LEU I 55 -24.35 2.07 37.23
C LEU I 55 -23.85 1.68 35.84
N GLU I 56 -23.55 0.39 35.68
CA GLU I 56 -23.26 -0.18 34.37
C GLU I 56 -24.17 -1.39 34.14
N ILE I 57 -25.24 -1.19 33.38
CA ILE I 57 -26.16 -2.27 33.02
C ILE I 57 -25.43 -3.28 32.13
N LEU I 58 -25.60 -4.57 32.45
CA LEU I 58 -24.93 -5.63 31.73
C LEU I 58 -25.87 -6.23 30.66
N GLN I 59 -25.28 -6.99 29.74
CA GLN I 59 -25.99 -7.60 28.61
C GLN I 59 -27.26 -8.36 29.03
N ASP I 60 -27.14 -9.14 30.11
CA ASP I 60 -28.25 -9.98 30.58
C ASP I 60 -29.37 -9.20 31.29
N GLY I 61 -29.06 -7.98 31.74
CA GLY I 61 -30.07 -7.10 32.32
C GLY I 61 -29.77 -6.63 33.74
N PHE I 62 -28.81 -7.28 34.39
CA PHE I 62 -28.38 -6.87 35.73
C PHE I 62 -27.24 -5.86 35.64
N GLY I 63 -27.09 -5.05 36.67
CA GLY I 63 -26.08 -3.98 36.66
C GLY I 63 -25.06 -4.03 37.77
N PHE I 64 -24.22 -3.00 37.83
CA PHE I 64 -23.22 -2.85 38.89
C PHE I 64 -23.07 -1.38 39.28
N LEU I 65 -22.53 -1.14 40.47
CA LEU I 65 -22.17 0.21 40.89
C LEU I 65 -20.66 0.32 41.04
N ARG I 66 -20.03 0.88 40.01
CA ARG I 66 -18.58 1.03 39.97
C ARG I 66 -18.16 2.44 40.38
N SER I 67 -17.07 2.53 41.12
CA SER I 67 -16.61 3.82 41.65
C SER I 67 -15.51 4.44 40.80
N ALA I 68 -15.49 5.77 40.80
CA ALA I 68 -14.47 6.53 40.06
C ALA I 68 -13.10 6.48 40.73
N ASP I 69 -13.06 6.02 41.99
CA ASP I 69 -11.82 5.95 42.76
C ASP I 69 -10.79 5.04 42.10
N SER I 70 -11.27 4.01 41.39
CA SER I 70 -10.39 3.11 40.65
C SER I 70 -10.76 3.11 39.17
N SER I 71 -11.28 4.24 38.70
CA SER I 71 -11.67 4.43 37.29
C SER I 71 -12.64 3.36 36.79
N TYR I 72 -13.65 3.07 37.60
CA TYR I 72 -14.68 2.08 37.29
C TYR I 72 -14.12 0.71 36.89
N LEU I 73 -13.02 0.33 37.52
CA LEU I 73 -12.44 -1.00 37.32
C LEU I 73 -13.31 -2.03 38.03
N ALA I 74 -13.65 -3.09 37.32
CA ALA I 74 -14.46 -4.18 37.86
C ALA I 74 -13.75 -4.87 39.02
N GLY I 75 -14.50 -5.20 40.07
CA GLY I 75 -13.91 -5.82 41.25
C GLY I 75 -14.89 -6.63 42.10
N PRO I 76 -14.39 -7.14 43.23
CA PRO I 76 -15.18 -7.99 44.13
C PRO I 76 -16.22 -7.22 44.95
N ASP I 77 -16.05 -5.91 45.06
CA ASP I 77 -16.99 -5.09 45.82
C ASP I 77 -17.76 -4.09 44.94
N ASP I 78 -18.23 -4.58 43.79
CA ASP I 78 -19.17 -3.84 42.96
C ASP I 78 -20.58 -4.15 43.44
N ILE I 79 -21.33 -3.11 43.77
CA ILE I 79 -22.71 -3.28 44.24
C ILE I 79 -23.56 -3.87 43.12
N TYR I 80 -23.84 -5.17 43.22
CA TYR I 80 -24.69 -5.86 42.26
C TYR I 80 -26.09 -5.28 42.27
N VAL I 81 -26.55 -4.83 41.10
CA VAL I 81 -27.90 -4.32 40.94
C VAL I 81 -28.73 -5.32 40.13
N SER I 82 -29.84 -5.77 40.72
CA SER I 82 -30.72 -6.74 40.06
C SER I 82 -31.59 -6.07 39.01
N PRO I 83 -31.96 -6.81 37.96
CA PRO I 83 -32.84 -6.28 36.90
C PRO I 83 -34.21 -5.82 37.41
N SER I 84 -34.66 -6.41 38.51
CA SER I 84 -35.91 -6.00 39.16
C SER I 84 -35.80 -4.59 39.74
N GLN I 85 -34.60 -4.23 40.19
CA GLN I 85 -34.35 -2.90 40.74
C GLN I 85 -34.24 -1.83 39.66
N ILE I 86 -33.58 -2.17 38.54
CA ILE I 86 -33.41 -1.28 37.40
C ILE I 86 -34.77 -0.86 36.82
N ARG I 87 -35.65 -1.84 36.63
CA ARG I 87 -36.99 -1.64 36.09
C ARG I 87 -37.80 -0.61 36.89
N ARG I 88 -37.74 -0.72 38.21
CA ARG I 88 -38.56 0.09 39.11
C ARG I 88 -38.35 1.60 38.93
N PHE I 89 -37.09 2.03 38.91
CA PHE I 89 -36.78 3.46 38.81
C PHE I 89 -36.22 3.86 37.44
N ASN I 90 -36.55 3.07 36.41
CA ASN I 90 -36.20 3.38 35.01
C ASN I 90 -34.70 3.53 34.78
N LEU I 91 -33.90 2.98 35.69
CA LEU I 91 -32.44 3.19 35.72
C LEU I 91 -31.73 2.92 34.39
N ARG I 92 -30.99 3.91 33.92
CA ARG I 92 -30.12 3.77 32.77
C ARG I 92 -28.65 3.81 33.22
N THR I 93 -27.79 3.14 32.46
CA THR I 93 -26.36 3.12 32.76
C THR I 93 -25.74 4.52 32.72
N GLY I 94 -24.78 4.77 33.62
CA GLY I 94 -24.18 6.08 33.76
C GLY I 94 -24.72 6.85 34.96
N ASP I 95 -25.83 6.37 35.50
CA ASP I 95 -26.45 6.97 36.68
C ASP I 95 -25.63 6.73 37.94
N THR I 96 -25.66 7.69 38.85
CA THR I 96 -24.99 7.56 40.15
C THR I 96 -26.02 7.20 41.22
N ILE I 97 -25.88 6.01 41.80
CA ILE I 97 -26.83 5.50 42.79
C ILE I 97 -26.21 5.42 44.18
N SER I 98 -26.93 5.96 45.17
CA SER I 98 -26.53 5.89 46.57
C SER I 98 -27.55 5.08 47.38
N GLY I 99 -27.11 4.53 48.50
CA GLY I 99 -28.02 3.80 49.39
C GLY I 99 -27.38 2.68 50.19
N LYS I 100 -28.23 1.93 50.90
CA LYS I 100 -27.80 0.82 51.75
C LYS I 100 -27.53 -0.43 50.90
N ILE I 101 -26.59 -1.25 51.35
CA ILE I 101 -26.30 -2.53 50.68
C ILE I 101 -26.42 -3.73 51.62
N ARG I 102 -26.32 -4.93 51.07
CA ARG I 102 -26.43 -6.17 51.86
C ARG I 102 -25.44 -7.25 51.37
N PRO I 103 -24.94 -8.07 52.30
CA PRO I 103 -23.94 -9.10 51.99
C PRO I 103 -24.46 -10.23 51.09
N PRO I 104 -23.55 -10.93 50.39
CA PRO I 104 -23.93 -12.10 49.59
C PRO I 104 -24.50 -13.24 50.44
N LYS I 105 -25.65 -13.75 50.02
CA LYS I 105 -26.35 -14.79 50.78
C LYS I 105 -25.63 -16.14 50.68
N GLU I 106 -25.42 -16.61 49.45
CA GLU I 106 -24.83 -17.91 49.15
C GLU I 106 -25.04 -18.23 47.68
N GLY I 107 -24.00 -18.72 47.01
CA GLY I 107 -23.99 -18.82 45.56
C GLY I 107 -23.86 -17.44 44.95
N GLU I 108 -24.33 -16.44 45.69
CA GLU I 108 -24.12 -15.04 45.38
C GLU I 108 -22.69 -14.65 45.73
N ARG I 109 -22.16 -13.68 44.99
CA ARG I 109 -20.75 -13.33 45.10
C ARG I 109 -20.52 -11.90 45.58
N TYR I 110 -21.45 -11.01 45.25
CA TYR I 110 -21.28 -9.58 45.51
C TYR I 110 -22.38 -8.97 46.37
N PHE I 111 -22.06 -7.87 47.02
CA PHE I 111 -23.02 -7.07 47.78
C PHE I 111 -24.07 -6.48 46.83
N ALA I 112 -25.31 -6.38 47.32
CA ALA I 112 -26.42 -5.92 46.49
C ALA I 112 -26.98 -4.58 46.95
N LEU I 113 -27.72 -3.92 46.06
CA LEU I 113 -28.42 -2.68 46.39
C LEU I 113 -29.68 -3.00 47.19
N LEU I 114 -29.90 -2.28 48.27
CA LEU I 114 -31.03 -2.56 49.16
C LEU I 114 -32.11 -1.49 49.07
N LYS I 115 -31.81 -0.29 49.58
CA LYS I 115 -32.73 0.83 49.47
C LYS I 115 -32.06 2.00 48.76
N VAL I 116 -32.58 2.34 47.58
CA VAL I 116 -32.09 3.48 46.82
C VAL I 116 -32.46 4.77 47.54
N ASN I 117 -31.48 5.62 47.76
CA ASN I 117 -31.70 6.89 48.45
C ASN I 117 -31.47 8.11 47.56
N GLU I 118 -30.69 7.91 46.50
CA GLU I 118 -30.33 9.01 45.59
C GLU I 118 -30.05 8.51 44.19
N VAL I 119 -30.62 9.19 43.19
CA VAL I 119 -30.30 8.95 41.78
C VAL I 119 -29.86 10.27 41.14
N ASN I 120 -28.57 10.36 40.82
CA ASN I 120 -27.95 11.58 40.31
C ASN I 120 -28.17 12.80 41.21
N PHE I 121 -28.06 12.58 42.51
CA PHE I 121 -28.20 13.64 43.53
C PHE I 121 -29.58 14.31 43.47
N ASP I 122 -30.61 13.48 43.43
CA ASP I 122 -32.00 13.91 43.41
C ASP I 122 -32.84 12.81 44.04
N LYS I 123 -34.07 13.14 44.43
CA LYS I 123 -35.03 12.15 44.89
C LYS I 123 -35.14 11.03 43.86
N PRO I 124 -35.07 9.77 44.31
CA PRO I 124 -35.07 8.62 43.40
C PRO I 124 -36.31 8.52 42.50
N GLU I 125 -37.12 9.58 42.47
CA GLU I 125 -38.33 9.62 41.68
C GLU I 125 -38.28 10.71 40.61
N ASN I 126 -37.06 11.13 40.24
CA ASN I 126 -36.86 12.16 39.23
C ASN I 126 -35.81 11.76 38.20
N ASN I 129 -37.07 13.06 33.39
CA ASN I 129 -36.27 13.96 32.56
C ASN I 129 -35.99 13.36 31.19
N LYS I 130 -35.96 14.22 30.18
CA LYS I 130 -35.66 13.81 28.80
C LYS I 130 -34.22 13.33 28.70
N ILE I 131 -33.99 12.42 27.74
CA ILE I 131 -32.67 11.86 27.51
C ILE I 131 -31.84 12.76 26.60
N LEU I 132 -30.53 12.85 26.87
CA LEU I 132 -29.62 13.70 26.08
C LEU I 132 -29.73 13.42 24.59
N PHE I 133 -29.96 12.16 24.25
CA PHE I 133 -30.00 11.71 22.86
C PHE I 133 -31.13 12.36 22.03
N GLU I 134 -32.01 13.11 22.70
CA GLU I 134 -33.10 13.81 22.01
C GLU I 134 -33.23 15.28 22.39
N ASN I 135 -32.26 15.79 23.14
CA ASN I 135 -32.16 17.22 23.41
C ASN I 135 -31.86 17.98 22.12
N LEU I 136 -32.06 19.29 22.14
CA LEU I 136 -31.74 20.11 20.98
C LEU I 136 -30.30 20.58 21.03
N THR I 137 -29.72 20.77 19.84
CA THR I 137 -28.29 21.07 19.72
C THR I 137 -28.06 22.46 19.10
N PRO I 138 -28.19 23.52 19.89
CA PRO I 138 -27.78 24.84 19.42
C PRO I 138 -26.27 25.02 19.51
N LEU I 139 -25.77 26.01 18.78
CA LEU I 139 -24.37 26.37 18.85
C LEU I 139 -24.01 26.82 20.25
N HIS I 140 -23.18 26.01 20.90
CA HIS I 140 -22.47 26.33 22.13
C HIS I 140 -22.17 27.82 22.28
N ALA I 141 -21.99 28.48 21.14
CA ALA I 141 -21.72 29.90 21.08
C ALA I 141 -22.86 30.72 21.72
N ASN I 142 -23.06 30.51 23.02
CA ASN I 142 -24.00 31.28 23.81
C ASN I 142 -23.28 31.87 25.01
N SER I 143 -22.64 30.98 25.77
CA SER I 143 -21.99 31.36 27.02
C SER I 143 -20.51 31.00 27.04
N ARG I 144 -19.68 32.03 27.10
CA ARG I 144 -18.23 31.90 27.11
C ARG I 144 -17.73 31.26 28.40
N LEU I 145 -16.72 30.40 28.28
CA LEU I 145 -16.01 29.86 29.43
C LEU I 145 -14.62 30.47 29.51
N ARG I 146 -14.57 31.80 29.64
CA ARG I 146 -13.30 32.54 29.64
C ARG I 146 -12.32 31.99 30.67
N MET I 147 -11.10 31.71 30.23
CA MET I 147 -10.08 31.09 31.07
C MET I 147 -9.35 32.09 31.96
N GLY I 152 -2.68 37.22 37.94
CA GLY I 152 -1.91 37.46 36.74
C GLY I 152 -0.50 36.92 36.82
N SER I 153 -0.37 35.60 36.75
CA SER I 153 0.92 34.92 36.85
C SER I 153 1.47 34.53 35.47
N THR I 154 2.38 33.55 35.45
CA THR I 154 3.02 33.09 34.21
C THR I 154 2.34 31.84 33.63
N GLU I 155 1.87 30.96 34.52
CA GLU I 155 1.03 29.84 34.12
C GLU I 155 -0.19 30.37 33.39
N ASP I 156 -0.62 31.57 33.78
CA ASP I 156 -1.82 32.21 33.27
C ASP I 156 -1.70 32.65 31.81
N LEU I 157 -0.47 32.82 31.33
CA LEU I 157 -0.22 33.25 29.95
C LEU I 157 -0.79 32.31 28.90
N THR I 158 -0.70 31.00 29.16
CA THR I 158 -1.28 29.98 28.28
C THR I 158 -2.77 30.19 28.13
N ALA I 159 -3.44 30.46 29.26
CA ALA I 159 -4.88 30.69 29.29
C ALA I 159 -5.28 31.97 28.55
N ARG I 160 -4.40 32.97 28.57
CA ARG I 160 -4.68 34.27 27.94
C ARG I 160 -4.41 34.25 26.44
N VAL I 161 -3.35 33.56 26.03
CA VAL I 161 -3.05 33.36 24.61
C VAL I 161 -4.13 32.48 23.97
N LEU I 162 -4.58 31.47 24.72
CA LEU I 162 -5.66 30.58 24.28
C LEU I 162 -6.99 31.32 24.17
N ASP I 163 -7.32 32.12 25.20
CA ASP I 163 -8.56 32.89 25.24
C ASP I 163 -8.73 33.84 24.05
N LEU I 164 -7.62 34.14 23.38
CA LEU I 164 -7.63 35.03 22.22
C LEU I 164 -7.71 34.27 20.91
N ALA I 165 -6.91 33.20 20.80
CA ALA I 165 -6.86 32.39 19.59
C ALA I 165 -8.11 31.53 19.44
N SER I 166 -8.46 30.80 20.49
CA SER I 166 -9.57 29.87 20.45
C SER I 166 -10.52 29.99 21.65
N PRO I 167 -11.51 30.86 21.55
CA PRO I 167 -12.53 31.01 22.59
C PRO I 167 -13.36 29.75 22.80
N ILE I 168 -13.46 29.33 24.06
CA ILE I 168 -14.21 28.13 24.43
C ILE I 168 -15.51 28.50 25.12
N GLY I 169 -16.62 27.92 24.63
CA GLY I 169 -17.92 28.11 25.24
C GLY I 169 -18.48 26.82 25.82
N ARG I 170 -19.64 26.92 26.46
CA ARG I 170 -20.31 25.76 27.04
C ARG I 170 -20.98 24.92 25.96
N GLY I 171 -20.54 23.67 25.83
CA GLY I 171 -21.03 22.78 24.79
C GLY I 171 -20.08 22.69 23.61
N GLN I 172 -18.82 23.04 23.84
CA GLN I 172 -17.81 23.10 22.82
C GLN I 172 -17.28 21.72 22.46
N ARG I 173 -17.08 21.49 21.17
CA ARG I 173 -16.41 20.30 20.67
C ARG I 173 -15.00 20.70 20.24
N GLY I 174 -14.09 20.73 21.22
CA GLY I 174 -12.74 21.25 21.01
C GLY I 174 -11.71 20.18 20.71
N LEU I 175 -10.85 20.48 19.73
CA LEU I 175 -9.82 19.54 19.32
C LEU I 175 -8.42 20.17 19.46
N ILE I 176 -7.65 19.66 20.41
CA ILE I 176 -6.28 20.13 20.60
C ILE I 176 -5.32 19.28 19.76
N VAL I 177 -4.85 19.87 18.66
CA VAL I 177 -3.90 19.20 17.78
C VAL I 177 -2.49 19.41 18.33
N ALA I 178 -1.78 18.31 18.58
CA ALA I 178 -0.47 18.40 19.23
C ALA I 178 0.55 17.36 18.74
N PRO I 179 1.75 17.83 18.41
CA PRO I 179 2.90 16.95 18.21
C PRO I 179 3.44 16.47 19.55
N PRO I 180 4.27 15.42 19.55
CA PRO I 180 4.85 14.89 20.79
C PRO I 180 5.85 15.87 21.41
N LYS I 181 5.88 15.91 22.75
CA LYS I 181 6.73 16.84 23.50
C LYS I 181 6.57 18.29 23.04
N ALA I 182 5.40 18.85 23.30
CA ALA I 182 5.06 20.20 22.85
C ALA I 182 4.15 20.97 23.82
N GLY I 183 4.00 20.43 25.03
CA GLY I 183 3.25 21.11 26.08
C GLY I 183 1.76 20.82 26.06
N LYS I 184 1.40 19.56 25.82
CA LYS I 184 0.01 19.13 25.76
C LYS I 184 -0.52 18.74 27.15
N THR I 185 0.33 18.10 27.95
CA THR I 185 -0.02 17.72 29.32
C THR I 185 -0.22 18.96 30.20
N MET I 186 0.71 19.90 30.11
CA MET I 186 0.62 21.14 30.89
C MET I 186 -0.52 22.05 30.43
N LEU I 187 -0.83 22.00 29.14
CA LEU I 187 -1.97 22.75 28.60
C LEU I 187 -3.28 22.23 29.20
N LEU I 188 -3.47 20.92 29.20
CA LEU I 188 -4.67 20.30 29.75
C LEU I 188 -4.80 20.53 31.26
N GLN I 189 -3.67 20.53 31.96
CA GLN I 189 -3.62 20.88 33.38
C GLN I 189 -4.00 22.33 33.59
N ASN I 190 -3.42 23.20 32.76
CA ASN I 190 -3.70 24.63 32.78
C ASN I 190 -5.18 24.92 32.54
N ILE I 191 -5.76 24.23 31.57
CA ILE I 191 -7.19 24.32 31.29
C ILE I 191 -8.00 23.91 32.53
N ALA I 192 -7.72 22.72 33.05
CA ALA I 192 -8.40 22.19 34.24
C ALA I 192 -8.26 23.13 35.44
N GLN I 193 -7.06 23.66 35.63
CA GLN I 193 -6.80 24.66 36.67
C GLN I 193 -7.68 25.89 36.48
N SER I 194 -7.81 26.32 35.22
CA SER I 194 -8.61 27.48 34.88
C SER I 194 -10.12 27.20 34.93
N ILE I 195 -10.49 25.94 34.71
CA ILE I 195 -11.90 25.52 34.73
C ILE I 195 -12.48 25.55 36.15
N ALA I 196 -11.84 24.82 37.07
CA ALA I 196 -12.32 24.70 38.45
C ALA I 196 -12.23 26.03 39.20
N TYR I 197 -11.27 26.85 38.81
CA TYR I 197 -11.02 28.15 39.44
C TYR I 197 -12.04 29.20 38.99
N ASN I 198 -12.27 29.29 37.69
CA ASN I 198 -13.19 30.29 37.13
C ASN I 198 -14.64 29.83 37.00
N HIS I 199 -14.84 28.53 36.75
CA HIS I 199 -16.18 27.98 36.58
C HIS I 199 -16.38 26.72 37.44
N PRO I 200 -16.43 26.90 38.76
CA PRO I 200 -16.57 25.77 39.69
C PRO I 200 -17.97 25.17 39.71
N ASP I 201 -18.92 25.86 39.06
CA ASP I 201 -20.28 25.36 38.90
C ASP I 201 -20.33 24.18 37.92
N CYS I 202 -19.42 24.19 36.95
CA CYS I 202 -19.33 23.14 35.95
C CYS I 202 -18.69 21.88 36.52
N VAL I 203 -19.18 20.72 36.07
CA VAL I 203 -18.59 19.45 36.45
C VAL I 203 -17.36 19.21 35.57
N LEU I 204 -16.20 19.03 36.22
CA LEU I 204 -14.96 18.77 35.50
C LEU I 204 -14.58 17.30 35.54
N MET I 205 -14.56 16.69 34.36
CA MET I 205 -14.18 15.29 34.21
C MET I 205 -12.98 15.18 33.27
N VAL I 206 -11.84 14.77 33.81
CA VAL I 206 -10.63 14.59 33.02
C VAL I 206 -10.43 13.11 32.69
N LEU I 207 -10.51 12.80 31.40
CA LEU I 207 -10.38 11.42 30.93
C LEU I 207 -9.03 11.18 30.27
N LEU I 208 -8.31 10.17 30.77
CA LEU I 208 -7.02 9.78 30.21
C LEU I 208 -7.11 8.34 29.70
N ILE I 209 -6.84 8.15 28.41
CA ILE I 209 -7.09 6.85 27.77
C ILE I 209 -5.94 5.84 27.86
N ASP I 210 -4.82 6.14 27.22
CA ASP I 210 -3.73 5.17 27.12
C ASP I 210 -2.51 5.64 27.90
N GLU I 211 -2.76 6.25 29.06
CA GLU I 211 -1.74 6.99 29.81
C GLU I 211 -0.79 6.11 30.62
N ARG I 212 0.30 6.72 31.10
CA ARG I 212 1.28 6.06 31.96
C ARG I 212 0.87 6.19 33.42
N PRO I 213 1.16 5.16 34.24
CA PRO I 213 0.77 5.14 35.65
C PRO I 213 1.29 6.33 36.47
N GLU I 214 2.51 6.78 36.17
CA GLU I 214 3.10 7.92 36.88
C GLU I 214 2.48 9.25 36.44
N GLU I 215 2.01 9.31 35.20
CA GLU I 215 1.39 10.51 34.65
C GLU I 215 -0.06 10.63 35.12
N VAL I 216 -0.62 9.49 35.53
CA VAL I 216 -1.99 9.43 36.04
C VAL I 216 -2.13 10.18 37.38
N THR I 217 -1.22 9.90 38.31
CA THR I 217 -1.29 10.45 39.67
C THR I 217 -0.97 11.95 39.72
N GLU I 218 0.07 12.36 38.99
CA GLU I 218 0.42 13.77 38.86
C GLU I 218 -0.80 14.58 38.43
N MET I 219 -1.48 14.09 37.39
CA MET I 219 -2.71 14.69 36.88
C MET I 219 -3.83 14.57 37.91
N GLN I 220 -3.93 13.39 38.53
CA GLN I 220 -4.96 13.08 39.52
C GLN I 220 -4.90 14.01 40.73
N ARG I 221 -3.69 14.50 41.05
CA ARG I 221 -3.48 15.32 42.24
C ARG I 221 -3.63 16.82 41.99
N LEU I 222 -3.35 17.27 40.76
CA LEU I 222 -3.50 18.68 40.42
C LEU I 222 -4.94 19.04 40.09
N VAL I 223 -5.63 18.16 39.37
CA VAL I 223 -6.99 18.42 38.91
C VAL I 223 -8.00 18.34 40.05
N LYS I 224 -8.64 19.47 40.34
CA LYS I 224 -9.76 19.52 41.27
C LYS I 224 -11.01 19.01 40.54
N GLY I 225 -11.33 17.75 40.76
CA GLY I 225 -12.46 17.11 40.07
C GLY I 225 -12.19 15.65 39.78
N GLU I 226 -13.07 15.05 38.98
CA GLU I 226 -13.02 13.62 38.68
C GLU I 226 -11.93 13.31 37.66
N VAL I 227 -11.00 12.45 38.03
CA VAL I 227 -9.96 11.97 37.13
C VAL I 227 -10.13 10.47 36.91
N VAL I 228 -10.55 10.10 35.72
CA VAL I 228 -10.78 8.71 35.36
C VAL I 228 -9.69 8.27 34.41
N ALA I 229 -8.86 7.34 34.89
CA ALA I 229 -7.63 6.99 34.20
C ALA I 229 -7.65 5.57 33.62
N SER I 230 -6.91 5.39 32.54
CA SER I 230 -6.65 4.08 31.98
C SER I 230 -5.19 4.04 31.53
N THR I 231 -4.50 2.96 31.86
CA THR I 231 -3.07 2.85 31.56
C THR I 231 -2.80 1.96 30.34
N PHE I 232 -1.66 2.21 29.69
CA PHE I 232 -1.20 1.34 28.60
C PHE I 232 -0.99 -0.08 29.12
N ASP I 233 -1.04 -0.22 30.44
CA ASP I 233 -0.98 -1.50 31.14
C ASP I 233 -2.20 -2.38 30.89
N GLU I 234 -3.28 -1.77 30.45
CA GLU I 234 -4.59 -2.42 30.44
C GLU I 234 -5.05 -2.78 29.02
N PRO I 235 -5.95 -3.76 28.90
CA PRO I 235 -6.46 -4.19 27.59
C PRO I 235 -7.21 -3.08 26.86
N ALA I 236 -7.37 -3.24 25.55
CA ALA I 236 -8.08 -2.26 24.72
C ALA I 236 -9.56 -2.20 25.06
N SER I 237 -10.11 -3.34 25.49
CA SER I 237 -11.49 -3.42 25.96
C SER I 237 -11.70 -2.59 27.23
N ARG I 238 -10.61 -2.34 27.95
CA ARG I 238 -10.65 -1.56 29.18
C ARG I 238 -10.70 -0.05 28.91
N HIS I 239 -9.80 0.45 28.04
CA HIS I 239 -9.81 1.88 27.67
C HIS I 239 -11.20 2.28 27.17
N VAL I 240 -11.79 1.39 26.37
CA VAL I 240 -13.15 1.55 25.84
C VAL I 240 -14.18 1.69 26.97
N GLN I 241 -14.06 0.83 27.98
CA GLN I 241 -14.99 0.84 29.12
C GLN I 241 -14.91 2.14 29.93
N VAL I 242 -13.68 2.63 30.13
CA VAL I 242 -13.44 3.86 30.88
C VAL I 242 -14.09 5.05 30.17
N ALA I 243 -13.95 5.09 28.84
CA ALA I 243 -14.50 6.19 28.03
C ALA I 243 -16.02 6.21 28.04
N GLU I 244 -16.63 5.03 27.92
CA GLU I 244 -18.09 4.92 27.87
C GLU I 244 -18.77 5.16 29.22
N MET I 245 -18.05 4.89 30.30
CA MET I 245 -18.56 5.16 31.64
C MET I 245 -18.55 6.66 31.91
N VAL I 246 -17.50 7.32 31.44
CA VAL I 246 -17.36 8.77 31.57
C VAL I 246 -18.39 9.52 30.72
N ILE I 247 -18.58 9.07 29.47
CA ILE I 247 -19.49 9.75 28.54
C ILE I 247 -20.97 9.55 28.89
N GLU I 248 -21.34 8.32 29.24
CA GLU I 248 -22.73 8.03 29.59
C GLU I 248 -23.11 8.61 30.94
N LYS I 249 -22.14 8.66 31.86
CA LYS I 249 -22.32 9.35 33.13
C LYS I 249 -22.50 10.84 32.90
N ALA I 250 -21.68 11.41 32.02
CA ALA I 250 -21.74 12.83 31.66
C ALA I 250 -23.09 13.18 31.04
N LYS I 251 -23.71 12.22 30.37
CA LYS I 251 -25.03 12.41 29.78
C LYS I 251 -26.12 12.42 30.85
N ARG I 252 -25.97 11.58 31.88
CA ARG I 252 -26.93 11.52 32.98
C ARG I 252 -26.93 12.81 33.81
N LEU I 253 -25.79 13.50 33.82
CA LEU I 253 -25.65 14.78 34.52
C LEU I 253 -26.25 15.94 33.72
N VAL I 254 -26.02 15.93 32.41
CA VAL I 254 -26.58 16.95 31.51
C VAL I 254 -28.11 16.81 31.42
N GLU I 255 -28.60 15.57 31.50
CA GLU I 255 -30.04 15.29 31.53
C GLU I 255 -30.73 16.00 32.70
N HIS I 256 -29.97 16.22 33.77
CA HIS I 256 -30.46 16.96 34.93
C HIS I 256 -30.03 18.43 34.87
N LYS I 257 -29.88 18.93 33.64
CA LYS I 257 -29.55 20.34 33.36
C LYS I 257 -28.29 20.85 34.05
N LYS I 258 -27.17 20.19 33.80
CA LYS I 258 -25.88 20.62 34.33
C LYS I 258 -24.84 20.78 33.23
N ASP I 259 -23.84 21.64 33.49
CA ASP I 259 -22.76 21.88 32.54
C ASP I 259 -21.56 20.99 32.84
N VAL I 260 -21.42 19.92 32.07
CA VAL I 260 -20.33 18.96 32.24
C VAL I 260 -19.21 19.24 31.24
N ILE I 261 -17.97 19.16 31.70
CA ILE I 261 -16.80 19.33 30.85
C ILE I 261 -15.93 18.09 30.88
N ILE I 262 -15.74 17.46 29.71
CA ILE I 262 -14.83 16.34 29.58
C ILE I 262 -13.54 16.77 28.89
N LEU I 263 -12.45 16.74 29.66
CA LEU I 263 -11.13 16.97 29.09
C LEU I 263 -10.50 15.62 28.74
N LEU I 264 -10.63 15.25 27.47
CA LEU I 264 -10.14 13.97 27.00
C LEU I 264 -8.74 14.11 26.42
N ASP I 265 -7.80 13.37 27.00
CA ASP I 265 -6.46 13.29 26.42
C ASP I 265 -6.42 12.14 25.43
N SER I 266 -6.02 12.46 24.20
CA SER I 266 -5.94 11.53 23.09
C SER I 266 -7.27 10.86 22.71
N ILE I 267 -7.94 11.44 21.72
CA ILE I 267 -9.02 10.78 21.01
C ILE I 267 -8.42 9.76 20.05
N THR I 268 -7.18 10.02 19.63
CA THR I 268 -6.40 9.11 18.79
C THR I 268 -6.12 7.79 19.50
N ARG I 269 -5.98 7.85 20.82
CA ARG I 269 -5.76 6.65 21.63
C ARG I 269 -7.05 5.92 21.96
N LEU I 270 -8.15 6.67 22.06
CA LEU I 270 -9.47 6.08 22.25
C LEU I 270 -9.87 5.31 20.99
N ALA I 271 -9.51 5.86 19.82
CA ALA I 271 -9.80 5.22 18.54
C ALA I 271 -8.97 3.95 18.33
N ARG I 272 -7.70 4.02 18.73
CA ARG I 272 -6.81 2.86 18.70
C ARG I 272 -7.41 1.67 19.46
N ALA I 273 -7.92 1.94 20.66
CA ALA I 273 -8.54 0.93 21.51
C ALA I 273 -9.82 0.38 20.89
N TYR I 274 -10.70 1.29 20.45
CA TYR I 274 -11.94 0.93 19.77
C TYR I 274 -11.68 0.08 18.52
N ASN I 275 -10.62 0.42 17.80
CA ASN I 275 -10.27 -0.24 16.55
C ASN I 275 -9.96 -1.72 16.70
N THR I 276 -9.32 -2.07 17.82
CA THR I 276 -8.92 -3.44 18.09
C THR I 276 -10.04 -4.27 18.69
N VAL I 277 -11.06 -3.59 19.22
CA VAL I 277 -12.20 -4.25 19.84
C VAL I 277 -13.29 -4.59 18.79
N VAL I 278 -13.42 -3.73 17.79
CA VAL I 278 -14.48 -3.86 16.77
C VAL I 278 -14.00 -4.57 15.50
N PRO I 279 -14.68 -5.67 15.14
CA PRO I 279 -14.35 -6.42 13.93
C PRO I 279 -15.28 -6.15 12.73
N ALA I 280 -14.68 -6.02 11.54
CA ALA I 280 -15.42 -5.80 10.30
C ALA I 280 -14.56 -6.10 9.07
N VAL I 284 -13.52 -3.54 5.56
CA VAL I 284 -12.80 -2.47 4.88
C VAL I 284 -11.80 -1.80 5.83
N LEU I 285 -10.52 -1.87 5.47
CA LEU I 285 -9.45 -1.26 6.26
C LEU I 285 -8.71 -0.21 5.44
N THR I 286 -8.06 0.74 6.11
CA THR I 286 -7.37 1.84 5.44
C THR I 286 -6.15 2.38 6.21
N GLY I 287 -5.02 1.71 6.06
CA GLY I 287 -3.78 2.11 6.71
C GLY I 287 -3.68 1.70 8.16
N GLY I 288 -4.25 0.54 8.48
CA GLY I 288 -4.20 0.00 9.84
C GLY I 288 -5.52 0.05 10.59
N VAL I 289 -6.41 0.94 10.15
CA VAL I 289 -7.68 1.17 10.85
C VAL I 289 -8.88 0.61 10.07
N ASP I 290 -9.65 -0.23 10.73
CA ASP I 290 -10.93 -0.71 10.23
C ASP I 290 -11.86 0.50 10.04
N ALA I 291 -12.13 0.82 8.77
CA ALA I 291 -12.91 2.01 8.41
C ALA I 291 -14.25 2.10 9.17
N ASN I 292 -14.78 0.94 9.53
CA ASN I 292 -16.03 0.83 10.27
C ASN I 292 -15.89 1.26 11.74
N ALA I 293 -14.70 1.06 12.31
CA ALA I 293 -14.47 1.19 13.75
C ALA I 293 -14.46 2.62 14.29
N LEU I 294 -14.29 3.61 13.41
CA LEU I 294 -14.24 5.01 13.83
C LEU I 294 -15.61 5.59 14.16
N HIS I 295 -16.65 4.76 13.99
CA HIS I 295 -18.02 5.14 14.31
C HIS I 295 -18.22 5.44 15.79
N ARG I 296 -17.51 4.70 16.64
CA ARG I 296 -17.66 4.80 18.09
C ARG I 296 -16.98 6.04 18.70
N PRO I 297 -15.72 6.31 18.36
CA PRO I 297 -15.05 7.55 18.78
C PRO I 297 -15.77 8.81 18.29
N LYS I 298 -16.31 8.75 17.07
CA LYS I 298 -17.10 9.86 16.53
C LYS I 298 -18.38 10.09 17.32
N ARG I 299 -18.90 9.03 17.93
CA ARG I 299 -20.05 9.14 18.84
C ARG I 299 -19.69 9.85 20.14
N PHE I 300 -18.57 9.42 20.75
CA PHE I 300 -18.06 10.03 21.98
C PHE I 300 -17.90 11.53 21.77
N PHE I 301 -17.03 11.89 20.82
CA PHE I 301 -16.69 13.26 20.51
C PHE I 301 -17.90 14.05 20.01
N GLY I 302 -18.78 13.39 19.27
CA GLY I 302 -19.96 14.03 18.69
C GLY I 302 -21.11 14.30 19.64
N ALA I 303 -20.99 13.80 20.87
CA ALA I 303 -22.01 14.00 21.89
C ALA I 303 -21.93 15.41 22.49
N ALA I 304 -20.76 16.04 22.35
CA ALA I 304 -20.52 17.38 22.88
C ALA I 304 -21.42 18.41 22.23
N ARG I 305 -22.22 19.09 23.04
CA ARG I 305 -23.21 20.05 22.56
C ARG I 305 -23.70 20.97 23.66
N ASN I 306 -24.06 22.18 23.27
CA ASN I 306 -24.85 23.07 24.11
C ASN I 306 -26.30 22.66 23.94
N VAL I 307 -27.02 22.55 25.06
CA VAL I 307 -28.42 22.14 25.02
C VAL I 307 -29.33 23.36 25.15
N GLU I 308 -30.28 23.47 24.22
CA GLU I 308 -31.23 24.57 24.19
C GLU I 308 -32.02 24.65 25.49
N GLU I 309 -32.57 23.52 25.91
CA GLU I 309 -33.38 23.44 27.12
C GLU I 309 -32.52 23.33 28.39
N GLY I 310 -31.47 24.13 28.45
CA GLY I 310 -30.59 24.20 29.63
C GLY I 310 -29.60 23.06 29.72
N GLY I 311 -28.44 23.35 30.30
CA GLY I 311 -27.37 22.36 30.44
C GLY I 311 -26.51 22.27 29.20
N SER I 312 -25.34 21.65 29.33
CA SER I 312 -24.42 21.49 28.21
C SER I 312 -23.36 20.41 28.47
N LEU I 313 -22.91 19.79 27.38
CA LEU I 313 -21.79 18.86 27.42
C LEU I 313 -20.68 19.38 26.51
N THR I 314 -19.49 19.54 27.08
CA THR I 314 -18.35 20.02 26.32
C THR I 314 -17.13 19.10 26.44
N ILE I 315 -16.62 18.67 25.29
CA ILE I 315 -15.46 17.80 25.22
C ILE I 315 -14.29 18.50 24.52
N ILE I 316 -13.16 18.59 25.21
CA ILE I 316 -11.93 19.08 24.61
C ILE I 316 -10.94 17.91 24.50
N ALA I 317 -10.85 17.34 23.32
CA ALA I 317 -10.01 16.16 23.10
C ALA I 317 -8.74 16.49 22.32
N THR I 318 -7.64 15.89 22.72
CA THR I 318 -6.37 16.09 22.01
C THR I 318 -6.21 15.04 20.91
N ALA I 319 -5.72 15.48 19.75
CA ALA I 319 -5.40 14.59 18.66
C ALA I 319 -3.88 14.52 18.51
N LEU I 320 -3.32 13.34 18.73
CA LEU I 320 -1.87 13.14 18.67
C LEU I 320 -1.39 13.08 17.23
N ILE I 321 -0.52 14.02 16.88
CA ILE I 321 -0.04 14.17 15.51
C ILE I 321 1.48 14.09 15.41
N ASP I 322 1.98 13.78 14.21
CA ASP I 322 3.42 13.62 13.95
C ASP I 322 4.06 12.60 14.88
N THR I 323 3.27 11.60 15.27
CA THR I 323 3.71 10.53 16.16
C THR I 323 4.68 9.59 15.44
N GLY I 324 4.50 9.45 14.13
CA GLY I 324 5.27 8.50 13.33
C GLY I 324 4.53 7.19 13.20
N SER I 325 3.20 7.25 13.33
CA SER I 325 2.35 6.08 13.23
C SER I 325 1.22 6.36 12.23
N LYS I 326 1.13 5.53 11.20
CA LYS I 326 0.18 5.72 10.10
C LYS I 326 -1.27 5.69 10.57
N MET I 327 -1.54 4.93 11.63
CA MET I 327 -2.86 4.88 12.26
C MET I 327 -3.26 6.23 12.83
N ASP I 328 -2.39 6.81 13.66
CA ASP I 328 -2.65 8.09 14.32
C ASP I 328 -2.92 9.22 13.32
N GLU I 329 -2.21 9.18 12.18
CA GLU I 329 -2.36 10.19 11.14
C GLU I 329 -3.68 10.06 10.39
N VAL I 330 -4.16 8.82 10.22
CA VAL I 330 -5.44 8.56 9.56
C VAL I 330 -6.63 8.91 10.46
N ILE I 331 -6.48 8.64 11.76
CA ILE I 331 -7.51 8.98 12.74
C ILE I 331 -7.77 10.49 12.75
N TYR I 332 -6.70 11.28 12.75
CA TYR I 332 -6.81 12.74 12.70
C TYR I 332 -7.54 13.23 11.45
N GLU I 333 -7.35 12.53 10.34
CA GLU I 333 -7.98 12.88 9.06
C GLU I 333 -9.51 12.77 9.11
N GLU I 334 -10.01 11.71 9.75
CA GLU I 334 -11.44 11.46 9.84
C GLU I 334 -12.14 12.39 10.83
N PHE I 335 -11.37 12.94 11.76
CA PHE I 335 -11.89 13.89 12.75
C PHE I 335 -11.76 15.35 12.29
N LYS I 336 -11.11 15.56 11.14
CA LYS I 336 -10.97 16.89 10.57
C LYS I 336 -12.33 17.52 10.29
N GLY I 337 -12.60 18.64 10.94
CA GLY I 337 -13.82 19.40 10.71
C GLY I 337 -15.05 18.87 11.42
N THR I 338 -14.84 18.03 12.43
CA THR I 338 -15.94 17.56 13.28
C THR I 338 -16.12 18.52 14.46
N GLY I 339 -15.01 19.12 14.89
CA GLY I 339 -15.03 20.07 16.00
C GLY I 339 -15.43 21.46 15.57
N ASN I 340 -15.87 22.26 16.53
CA ASN I 340 -16.23 23.66 16.31
C ASN I 340 -15.18 24.59 16.93
N MET I 341 -14.07 23.98 17.33
CA MET I 341 -12.96 24.66 18.00
C MET I 341 -11.72 23.80 17.83
N GLU I 342 -10.60 24.42 17.45
CA GLU I 342 -9.33 23.72 17.41
C GLU I 342 -8.13 24.61 17.72
N LEU I 343 -7.24 24.09 18.56
CA LEU I 343 -6.01 24.78 18.93
C LEU I 343 -4.81 23.89 18.62
N HIS I 344 -3.96 24.37 17.73
CA HIS I 344 -2.78 23.62 17.32
C HIS I 344 -1.57 24.01 18.16
N LEU I 345 -0.77 23.02 18.53
CA LEU I 345 0.53 23.26 19.11
C LEU I 345 1.58 22.94 18.06
N SER I 346 2.73 23.59 18.14
CA SER I 346 3.79 23.37 17.17
C SER I 346 5.09 22.94 17.84
N ARG I 347 5.65 21.85 17.34
CA ARG I 347 6.94 21.34 17.80
C ARG I 347 7.99 22.44 17.74
N LYS I 348 7.95 23.23 16.67
CA LYS I 348 8.91 24.32 16.42
C LYS I 348 9.05 25.31 17.58
N ILE I 349 7.93 25.86 18.03
CA ILE I 349 7.92 26.84 19.13
C ILE I 349 8.46 26.21 20.41
N ALA I 350 8.17 24.93 20.61
CA ALA I 350 8.66 24.17 21.76
C ALA I 350 10.16 23.85 21.68
N GLU I 351 10.71 23.91 20.46
CA GLU I 351 12.14 23.68 20.25
C GLU I 351 12.98 24.75 20.94
N LYS I 352 12.49 25.99 20.92
CA LYS I 352 13.20 27.10 21.55
C LYS I 352 12.58 27.46 22.90
N ARG I 353 12.11 26.44 23.61
CA ARG I 353 11.53 26.62 24.93
C ARG I 353 10.69 27.87 25.03
N VAL I 354 9.63 27.83 24.26
CA VAL I 354 8.63 28.88 24.29
C VAL I 354 7.28 28.23 24.51
N PHE I 355 6.52 28.77 25.45
CA PHE I 355 5.22 28.22 25.80
C PHE I 355 4.18 29.33 25.91
N PRO I 356 2.97 29.05 25.44
CA PRO I 356 2.69 27.83 24.66
C PRO I 356 3.24 27.85 23.23
N ALA I 357 3.04 26.75 22.50
CA ALA I 357 3.47 26.63 21.12
C ALA I 357 2.32 26.97 20.21
N ILE I 358 1.25 27.33 20.86
CA ILE I 358 0.04 27.65 20.14
C ILE I 358 0.37 28.29 18.80
N ASP I 359 0.06 27.56 17.74
CA ASP I 359 0.07 28.11 16.40
C ASP I 359 -1.16 29.01 16.29
N TYR I 360 -0.96 30.30 16.53
CA TYR I 360 -2.05 31.27 16.53
C TYR I 360 -2.78 31.31 15.18
N ASN I 361 -2.02 31.15 14.10
CA ASN I 361 -2.55 31.25 12.75
C ASN I 361 -3.46 30.08 12.34
N ARG I 362 -3.17 28.89 12.87
CA ARG I 362 -3.92 27.69 12.52
C ARG I 362 -5.08 27.43 13.49
N SER I 363 -5.09 28.15 14.60
CA SER I 363 -6.13 28.00 15.62
C SER I 363 -7.37 28.85 15.32
N GLY I 364 -8.36 28.77 16.21
CA GLY I 364 -9.63 29.49 16.04
C GLY I 364 -10.83 28.61 16.30
N THR I 365 -11.97 29.24 16.58
CA THR I 365 -13.22 28.50 16.80
C THR I 365 -14.33 29.04 15.91
N ARG I 366 -15.28 28.17 15.56
CA ARG I 366 -16.43 28.56 14.75
C ARG I 366 -17.44 29.33 15.58
N LYS I 367 -18.08 30.30 14.93
CA LYS I 367 -19.12 31.14 15.54
C LYS I 367 -18.62 31.91 16.77
N GLU I 368 -17.43 32.50 16.63
CA GLU I 368 -16.81 33.30 17.70
C GLU I 368 -17.63 34.52 18.08
N GLU I 369 -18.37 35.06 17.11
CA GLU I 369 -19.21 36.23 17.32
C GLU I 369 -20.31 36.00 18.37
N LEU I 370 -20.59 34.73 18.65
CA LEU I 370 -21.57 34.36 19.66
C LEU I 370 -20.91 33.97 20.99
N LEU I 371 -19.57 34.00 21.02
CA LEU I 371 -18.81 33.70 22.22
C LEU I 371 -18.11 34.92 22.84
N THR I 372 -18.16 36.04 22.12
CA THR I 372 -17.48 37.27 22.55
C THR I 372 -18.39 38.49 22.39
N THR I 373 -17.98 39.62 22.95
CA THR I 373 -18.64 40.91 22.70
C THR I 373 -18.17 41.45 21.36
N GLN I 374 -18.97 42.32 20.74
CA GLN I 374 -18.67 42.81 19.38
C GLN I 374 -17.33 43.55 19.29
N GLU I 375 -16.97 44.27 20.34
CA GLU I 375 -15.70 45.01 20.40
C GLU I 375 -14.53 44.07 20.65
N GLU I 376 -14.74 43.10 21.56
CA GLU I 376 -13.75 42.08 21.87
C GLU I 376 -13.43 41.22 20.64
N LEU I 377 -14.48 40.82 19.92
CA LEU I 377 -14.34 40.07 18.68
C LEU I 377 -13.47 40.83 17.68
N GLN I 378 -13.64 42.15 17.65
CA GLN I 378 -12.90 43.01 16.74
C GLN I 378 -11.41 43.07 17.09
N LYS I 379 -11.11 43.38 18.35
CA LYS I 379 -9.73 43.40 18.85
C LYS I 379 -8.98 42.15 18.43
N MET I 380 -9.64 41.01 18.61
CA MET I 380 -9.11 39.71 18.20
C MET I 380 -8.80 39.66 16.71
N TRP I 381 -9.69 40.20 15.90
CA TRP I 381 -9.52 40.22 14.44
C TRP I 381 -8.48 41.24 13.97
N ILE I 382 -8.16 42.21 14.82
CA ILE I 382 -7.02 43.09 14.57
C ILE I 382 -5.73 42.36 14.97
N LEU I 383 -5.72 41.84 16.20
CA LEU I 383 -4.59 41.06 16.71
C LEU I 383 -4.21 39.94 15.73
N ARG I 384 -5.24 39.32 15.16
CA ARG I 384 -5.07 38.22 14.21
C ARG I 384 -4.41 38.67 12.92
N LYS I 385 -4.88 39.80 12.38
CA LYS I 385 -4.38 40.33 11.10
C LYS I 385 -2.95 40.84 11.18
N ILE I 386 -2.54 41.31 12.36
CA ILE I 386 -1.16 41.73 12.61
C ILE I 386 -0.23 40.51 12.68
N ILE I 387 -0.80 39.35 12.97
CA ILE I 387 -0.03 38.12 13.19
C ILE I 387 -0.07 37.15 11.98
N HIS I 388 -1.10 37.28 11.15
CA HIS I 388 -1.30 36.40 9.99
C HIS I 388 -0.05 36.15 9.12
N PRO I 389 0.64 37.21 8.67
CA PRO I 389 1.78 37.06 7.77
C PRO I 389 3.07 36.60 8.47
N MET I 390 3.03 36.45 9.79
CA MET I 390 4.22 36.08 10.56
C MET I 390 4.41 34.58 10.69
N GLY I 391 5.65 34.17 10.92
CA GLY I 391 6.00 32.76 11.13
C GLY I 391 5.51 32.23 12.47
N GLU I 392 5.40 30.92 12.57
CA GLU I 392 4.92 30.25 13.79
C GLU I 392 5.69 30.66 15.04
N ILE I 393 7.01 30.64 14.95
CA ILE I 393 7.89 30.98 16.08
C ILE I 393 7.79 32.46 16.44
N ASP I 394 7.69 33.31 15.41
CA ASP I 394 7.57 34.76 15.57
C ASP I 394 6.27 35.13 16.30
N ALA I 395 5.15 34.71 15.71
CA ALA I 395 3.81 34.99 16.23
C ALA I 395 3.71 34.84 17.74
N MET I 396 4.28 33.75 18.25
CA MET I 396 4.24 33.46 19.68
C MET I 396 5.02 34.48 20.50
N GLU I 397 6.27 34.72 20.11
CA GLU I 397 7.13 35.71 20.78
C GLU I 397 6.51 37.11 20.71
N PHE I 398 6.03 37.48 19.52
CA PHE I 398 5.35 38.76 19.32
C PHE I 398 4.15 38.90 20.26
N LEU I 399 3.36 37.84 20.37
CA LEU I 399 2.17 37.85 21.21
C LEU I 399 2.47 37.70 22.71
N ILE I 400 3.39 36.80 23.05
CA ILE I 400 3.75 36.54 24.45
C ILE I 400 4.18 37.81 25.20
N ASN I 401 5.03 38.61 24.56
CA ASN I 401 5.56 39.84 25.15
C ASN I 401 4.54 40.95 25.30
N LYS I 402 3.75 41.16 24.25
CA LYS I 402 2.72 42.20 24.26
C LYS I 402 1.61 41.92 25.29
N LEU I 403 1.70 40.76 25.94
CA LEU I 403 0.71 40.34 26.92
C LEU I 403 1.32 40.11 28.31
N ALA I 404 2.65 40.12 28.38
CA ALA I 404 3.37 39.85 29.64
C ALA I 404 3.28 40.99 30.66
N MET I 405 2.24 41.81 30.54
CA MET I 405 1.99 42.90 31.48
C MET I 405 1.10 42.41 32.63
N THR I 406 -0.20 42.25 32.35
CA THR I 406 -1.17 41.76 33.35
C THR I 406 -2.22 40.84 32.73
N LYS I 407 -3.39 41.41 32.40
CA LYS I 407 -4.47 40.66 31.77
C LYS I 407 -4.72 41.12 30.32
N THR I 408 -5.50 40.33 29.58
CA THR I 408 -5.68 40.52 28.13
C THR I 408 -6.41 41.80 27.73
N ASN I 409 -7.39 42.22 28.52
CA ASN I 409 -8.18 43.41 28.22
C ASN I 409 -7.40 44.71 28.44
N ASP I 410 -6.36 44.64 29.28
CA ASP I 410 -5.48 45.78 29.52
C ASP I 410 -4.59 46.08 28.31
N ASP I 411 -4.18 45.02 27.63
CA ASP I 411 -3.45 45.14 26.36
C ASP I 411 -4.35 45.78 25.30
N PHE I 412 -5.62 45.39 25.29
CA PHE I 412 -6.63 45.97 24.42
C PHE I 412 -6.82 47.46 24.71
N PHE I 413 -6.99 47.79 25.99
CA PHE I 413 -7.27 49.17 26.41
C PHE I 413 -6.12 50.16 26.18
N GLU I 414 -4.90 49.75 26.54
CA GLU I 414 -3.73 50.65 26.46
C GLU I 414 -3.31 50.97 25.02
N MET I 415 -3.30 49.94 24.17
CA MET I 415 -2.87 50.08 22.78
C MET I 415 -3.86 50.94 22.02
N MET I 416 -5.10 50.47 21.97
CA MET I 416 -6.20 51.19 21.32
C MET I 416 -6.68 52.35 22.20
N LYS I 417 -7.86 52.89 21.88
CA LYS I 417 -8.51 53.89 22.73
C LYS I 417 -9.99 53.57 22.93
N MET J 1 -54.26 10.66 17.42
CA MET J 1 -54.34 11.56 16.23
C MET J 1 -53.44 11.07 15.08
N ASN J 2 -53.23 11.94 14.08
CA ASN J 2 -52.37 11.61 12.95
C ASN J 2 -50.89 11.69 13.30
N LEU J 3 -50.07 10.94 12.57
CA LEU J 3 -48.66 10.75 12.92
C LEU J 3 -47.78 11.97 12.72
N THR J 4 -47.86 12.58 11.53
CA THR J 4 -47.04 13.77 11.20
C THR J 4 -47.06 14.80 12.33
N GLU J 5 -48.24 15.05 12.86
CA GLU J 5 -48.45 16.01 13.95
C GLU J 5 -47.65 15.63 15.20
N LEU J 6 -47.78 14.37 15.60
CA LEU J 6 -47.08 13.84 16.77
C LEU J 6 -45.56 13.99 16.66
N LYS J 7 -45.04 13.86 15.44
CA LYS J 7 -43.61 13.99 15.19
C LYS J 7 -43.15 15.44 15.14
N ASN J 8 -44.11 16.36 14.91
CA ASN J 8 -43.84 17.79 14.92
C ASN J 8 -44.21 18.46 16.25
N THR J 9 -44.18 17.68 17.33
CA THR J 9 -44.40 18.18 18.68
C THR J 9 -43.18 17.89 19.54
N PRO J 10 -42.63 18.94 20.18
CA PRO J 10 -41.51 18.78 21.11
C PRO J 10 -41.82 17.75 22.19
N VAL J 11 -40.84 16.90 22.48
CA VAL J 11 -40.99 15.78 23.42
C VAL J 11 -41.66 16.17 24.74
N SER J 12 -41.38 17.39 25.21
CA SER J 12 -41.99 17.94 26.42
C SER J 12 -43.51 17.76 26.42
N GLU J 13 -44.13 18.01 25.26
CA GLU J 13 -45.57 17.84 25.08
C GLU J 13 -45.96 16.37 24.87
N LEU J 14 -45.03 15.57 24.38
CA LEU J 14 -45.29 14.15 24.14
C LEU J 14 -45.27 13.34 25.44
N ILE J 15 -44.42 13.74 26.38
CA ILE J 15 -44.42 13.18 27.73
C ILE J 15 -45.65 13.69 28.49
N THR J 16 -46.28 14.73 27.97
CA THR J 16 -47.52 15.27 28.53
C THR J 16 -48.74 14.51 28.02
N LEU J 17 -48.92 14.49 26.70
CA LEU J 17 -50.06 13.83 26.07
C LEU J 17 -50.09 12.32 26.29
N GLY J 18 -48.92 11.76 26.63
CA GLY J 18 -48.80 10.34 26.94
C GLY J 18 -49.22 10.03 28.38
N GLU J 19 -48.63 10.76 29.33
CA GLU J 19 -48.95 10.59 30.75
C GLU J 19 -50.44 10.73 31.01
N ASN J 20 -51.02 11.83 30.53
CA ASN J 20 -52.44 12.11 30.69
C ASN J 20 -53.30 11.27 29.74
N MET J 21 -52.85 10.03 29.54
CA MET J 21 -53.51 9.09 28.66
C MET J 21 -53.29 7.69 29.25
N GLY J 22 -52.73 7.68 30.46
CA GLY J 22 -52.48 6.45 31.21
C GLY J 22 -51.15 5.80 30.88
N LEU J 23 -50.18 6.63 30.48
CA LEU J 23 -48.86 6.13 30.10
C LEU J 23 -47.75 6.64 31.02
N GLU J 24 -47.31 5.76 31.92
CA GLU J 24 -46.21 6.07 32.84
C GLU J 24 -44.88 5.51 32.32
N ASN J 25 -43.81 5.77 33.05
CA ASN J 25 -42.46 5.26 32.74
C ASN J 25 -42.00 5.42 31.29
N LEU J 26 -42.27 6.59 30.71
CA LEU J 26 -41.79 6.92 29.37
C LEU J 26 -41.13 8.30 29.29
N ALA J 27 -40.66 8.79 30.44
CA ALA J 27 -39.97 10.08 30.52
C ALA J 27 -38.65 10.04 29.76
N ARG J 28 -37.76 9.14 30.16
CA ARG J 28 -36.45 8.99 29.54
C ARG J 28 -36.46 7.89 28.48
N MET J 29 -37.27 8.07 27.44
CA MET J 29 -37.27 7.20 26.28
C MET J 29 -36.88 7.96 25.03
N ARG J 30 -36.52 7.22 23.98
CA ARG J 30 -36.23 7.82 22.68
C ARG J 30 -37.51 8.41 22.11
N LYS J 31 -37.38 9.51 21.37
CA LYS J 31 -38.54 10.21 20.82
C LYS J 31 -39.43 9.28 20.00
N GLN J 32 -38.80 8.37 19.27
CA GLN J 32 -39.51 7.39 18.45
C GLN J 32 -40.34 6.40 19.29
N ASP J 33 -39.76 5.96 20.41
CA ASP J 33 -40.43 5.04 21.33
C ASP J 33 -41.66 5.68 21.98
N ILE J 34 -41.50 6.92 22.42
CA ILE J 34 -42.59 7.69 23.01
C ILE J 34 -43.73 7.87 22.00
N ILE J 35 -43.37 8.18 20.75
CA ILE J 35 -44.33 8.30 19.65
C ILE J 35 -45.11 7.00 19.43
N PHE J 36 -44.41 5.87 19.56
CA PHE J 36 -45.03 4.55 19.40
C PHE J 36 -46.14 4.30 20.42
N ALA J 37 -45.83 4.55 21.70
CA ALA J 37 -46.77 4.32 22.80
C ALA J 37 -48.03 5.18 22.68
N ILE J 38 -47.87 6.41 22.22
CA ILE J 38 -48.99 7.32 22.01
C ILE J 38 -49.84 6.88 20.82
N LEU J 39 -49.21 6.19 19.86
CA LEU J 39 -49.94 5.60 18.73
C LEU J 39 -50.65 4.32 19.14
N LYS J 40 -50.03 3.55 20.03
CA LYS J 40 -50.57 2.27 20.48
C LYS J 40 -51.78 2.45 21.40
N GLN J 41 -51.56 3.05 22.56
CA GLN J 41 -52.62 3.23 23.57
C GLN J 41 -53.84 4.01 23.04
N HIS J 42 -53.65 4.77 21.96
CA HIS J 42 -54.74 5.40 21.25
C HIS J 42 -55.41 4.38 20.31
N ALA J 43 -55.54 3.14 20.79
CA ALA J 43 -56.20 2.07 20.05
C ALA J 43 -57.66 1.93 20.46
N LYS J 44 -58.14 2.89 21.26
CA LYS J 44 -59.55 2.95 21.63
C LYS J 44 -60.34 3.66 20.53
N SER J 45 -59.72 4.64 19.89
CA SER J 45 -60.32 5.31 18.74
C SER J 45 -60.26 4.41 17.51
N GLY J 46 -59.07 3.92 17.18
CA GLY J 46 -58.89 2.95 16.10
C GLY J 46 -59.02 3.52 14.70
N GLU J 47 -60.18 4.10 14.41
CA GLU J 47 -60.48 4.65 13.09
C GLU J 47 -59.91 6.07 12.90
N ASP J 48 -59.25 6.59 13.93
CA ASP J 48 -58.66 7.93 13.87
C ASP J 48 -57.16 7.96 14.09
N ILE J 49 -56.42 7.43 13.12
CA ILE J 49 -54.98 7.61 13.01
C ILE J 49 -54.59 7.58 11.53
N PHE J 50 -54.22 8.74 10.99
CA PHE J 50 -53.69 8.82 9.63
C PHE J 50 -52.19 8.49 9.64
N GLY J 51 -51.39 9.43 9.14
CA GLY J 51 -49.94 9.25 9.12
C GLY J 51 -49.42 8.83 7.77
N ASP J 52 -48.14 9.14 7.52
CA ASP J 52 -47.52 8.86 6.22
C ASP J 52 -46.00 8.80 6.31
N GLY J 53 -45.36 8.81 5.15
CA GLY J 53 -43.91 8.80 5.04
C GLY J 53 -43.45 8.61 3.61
N VAL J 54 -42.17 8.33 3.44
CA VAL J 54 -41.60 8.02 2.14
C VAL J 54 -41.22 6.55 2.09
N LEU J 55 -41.59 5.89 1.00
CA LEU J 55 -41.43 4.45 0.85
C LEU J 55 -39.97 4.02 0.70
N GLU J 56 -39.50 3.22 1.65
CA GLU J 56 -38.24 2.48 1.48
C GLU J 56 -38.55 1.00 1.31
N ILE J 57 -38.59 0.54 0.06
CA ILE J 57 -38.74 -0.89 -0.23
C ILE J 57 -37.44 -1.61 0.12
N LEU J 58 -37.50 -2.41 1.16
CA LEU J 58 -36.35 -3.18 1.63
C LEU J 58 -36.15 -4.41 0.74
N GLN J 59 -34.99 -5.07 0.91
CA GLN J 59 -34.57 -6.18 0.06
C GLN J 59 -35.60 -7.28 -0.17
N ASP J 60 -36.25 -7.73 0.89
CA ASP J 60 -37.10 -8.94 0.85
C ASP J 60 -38.32 -8.83 -0.08
N GLY J 61 -38.74 -7.60 -0.37
CA GLY J 61 -39.86 -7.35 -1.27
C GLY J 61 -40.90 -6.40 -0.70
N PHE J 62 -40.79 -6.12 0.59
CA PHE J 62 -41.74 -5.25 1.30
C PHE J 62 -41.16 -3.85 1.52
N GLY J 63 -42.06 -2.89 1.70
CA GLY J 63 -41.66 -1.48 1.85
C GLY J 63 -41.90 -0.90 3.23
N PHE J 64 -41.33 0.27 3.47
CA PHE J 64 -41.46 0.99 4.73
C PHE J 64 -41.72 2.47 4.48
N LEU J 65 -42.83 2.98 5.00
CA LEU J 65 -43.06 4.41 5.00
C LEU J 65 -42.22 5.07 6.08
N ARG J 66 -41.37 6.00 5.68
CA ARG J 66 -40.43 6.67 6.59
C ARG J 66 -40.53 8.17 6.46
N SER J 67 -40.53 8.86 7.61
CA SER J 67 -40.67 10.31 7.64
C SER J 67 -39.34 11.04 7.53
N ALA J 68 -39.38 12.21 6.92
CA ALA J 68 -38.19 13.05 6.74
C ALA J 68 -37.75 13.74 8.04
N ASP J 69 -38.60 13.67 9.07
CA ASP J 69 -38.36 14.39 10.33
C ASP J 69 -37.14 13.86 11.09
N SER J 70 -36.86 12.57 10.93
CA SER J 70 -35.66 11.97 11.50
C SER J 70 -34.67 11.59 10.39
N SER J 71 -34.78 12.30 9.26
CA SER J 71 -33.95 12.04 8.07
C SER J 71 -34.03 10.58 7.61
N TYR J 72 -35.26 10.07 7.56
CA TYR J 72 -35.55 8.69 7.16
C TYR J 72 -34.77 7.65 7.96
N LEU J 73 -34.56 7.93 9.24
CA LEU J 73 -33.92 6.98 10.15
C LEU J 73 -34.89 5.88 10.53
N ALA J 74 -34.41 4.64 10.45
CA ALA J 74 -35.19 3.47 10.83
C ALA J 74 -35.53 3.50 12.30
N GLY J 75 -36.81 3.34 12.61
CA GLY J 75 -37.30 3.37 14.00
C GLY J 75 -38.57 2.56 14.18
N PRO J 76 -39.11 2.59 15.41
CA PRO J 76 -40.33 1.85 15.75
C PRO J 76 -41.58 2.43 15.11
N ASP J 77 -41.70 3.76 15.11
CA ASP J 77 -42.89 4.41 14.57
C ASP J 77 -42.86 4.54 13.03
N ASP J 78 -42.21 3.58 12.39
CA ASP J 78 -42.22 3.47 10.93
C ASP J 78 -43.43 2.65 10.47
N ILE J 79 -43.97 3.02 9.32
CA ILE J 79 -45.15 2.35 8.77
C ILE J 79 -44.75 1.28 7.76
N TYR J 80 -45.19 0.05 8.02
CA TYR J 80 -44.94 -1.08 7.12
C TYR J 80 -45.84 -1.03 5.89
N VAL J 81 -45.25 -1.29 4.72
CA VAL J 81 -46.00 -1.38 3.47
C VAL J 81 -45.87 -2.78 2.89
N SER J 82 -47.01 -3.43 2.68
CA SER J 82 -47.05 -4.81 2.19
C SER J 82 -46.70 -4.90 0.71
N PRO J 83 -46.01 -5.97 0.32
CA PRO J 83 -45.66 -6.20 -1.09
C PRO J 83 -46.87 -6.20 -2.01
N SER J 84 -48.04 -6.49 -1.45
CA SER J 84 -49.30 -6.52 -2.20
C SER J 84 -49.81 -5.11 -2.52
N GLN J 85 -49.72 -4.21 -1.55
CA GLN J 85 -50.08 -2.80 -1.74
C GLN J 85 -49.16 -2.18 -2.79
N ILE J 86 -47.89 -2.55 -2.74
CA ILE J 86 -46.90 -2.16 -3.73
C ILE J 86 -47.32 -2.57 -5.14
N ARG J 87 -47.97 -3.73 -5.25
CA ARG J 87 -48.34 -4.31 -6.53
C ARG J 87 -49.52 -3.61 -7.21
N ARG J 88 -50.54 -3.25 -6.43
CA ARG J 88 -51.77 -2.66 -6.96
C ARG J 88 -51.53 -1.31 -7.64
N PHE J 89 -50.60 -0.53 -7.11
CA PHE J 89 -50.36 0.83 -7.59
C PHE J 89 -48.99 0.99 -8.26
N ASN J 90 -48.20 -0.09 -8.26
CA ASN J 90 -46.84 -0.09 -8.81
C ASN J 90 -45.94 0.88 -8.07
N LEU J 91 -45.61 0.54 -6.82
CA LEU J 91 -44.86 1.43 -5.94
C LEU J 91 -43.37 1.12 -5.97
N ARG J 92 -42.57 2.13 -6.29
CA ARG J 92 -41.11 2.03 -6.26
C ARG J 92 -40.59 2.87 -5.11
N THR J 93 -39.68 2.30 -4.33
CA THR J 93 -39.10 2.99 -3.18
C THR J 93 -38.71 4.43 -3.50
N GLY J 94 -39.22 5.37 -2.71
CA GLY J 94 -39.03 6.80 -2.95
C GLY J 94 -40.35 7.54 -3.07
N ASP J 95 -41.44 6.79 -3.20
CA ASP J 95 -42.78 7.35 -3.30
C ASP J 95 -43.24 7.97 -1.99
N THR J 96 -44.07 9.01 -2.10
CA THR J 96 -44.68 9.65 -0.93
C THR J 96 -46.09 9.12 -0.76
N ILE J 97 -46.30 8.30 0.28
CA ILE J 97 -47.61 7.67 0.49
C ILE J 97 -48.34 8.23 1.71
N SER J 98 -49.33 9.09 1.44
CA SER J 98 -50.25 9.57 2.47
C SER J 98 -51.38 8.56 2.62
N GLY J 99 -51.79 8.30 3.86
CA GLY J 99 -52.83 7.31 4.12
C GLY J 99 -53.26 7.11 5.57
N LYS J 100 -54.00 6.03 5.80
CA LYS J 100 -54.47 5.66 7.13
C LYS J 100 -53.81 4.37 7.58
N ILE J 101 -53.42 4.30 8.84
CA ILE J 101 -52.67 3.15 9.36
C ILE J 101 -53.44 2.32 10.39
N ARG J 102 -52.83 1.23 10.84
CA ARG J 102 -53.42 0.32 11.83
C ARG J 102 -52.36 -0.24 12.78
N PRO J 103 -52.75 -0.55 14.03
CA PRO J 103 -51.82 -1.03 15.05
C PRO J 103 -51.28 -2.44 14.78
N PRO J 104 -50.16 -2.80 15.41
CA PRO J 104 -49.59 -4.14 15.26
C PRO J 104 -50.40 -5.20 16.03
N LYS J 105 -51.08 -6.06 15.28
CA LYS J 105 -51.80 -7.18 15.87
C LYS J 105 -50.81 -8.17 16.48
N GLU J 106 -51.16 -8.70 17.66
CA GLU J 106 -50.29 -9.59 18.44
C GLU J 106 -49.34 -10.43 17.57
N GLY J 107 -48.03 -10.21 17.76
CA GLY J 107 -47.01 -10.92 17.00
C GLY J 107 -46.30 -10.03 15.99
N GLU J 108 -46.95 -8.96 15.58
CA GLU J 108 -46.37 -7.98 14.66
C GLU J 108 -45.49 -6.99 15.42
N ARG J 109 -45.02 -5.95 14.73
CA ARG J 109 -44.15 -4.95 15.36
C ARG J 109 -44.36 -3.53 14.85
N TYR J 110 -44.90 -3.39 13.64
CA TYR J 110 -45.07 -2.06 13.05
C TYR J 110 -46.51 -1.77 12.66
N PHE J 111 -46.93 -0.54 12.97
CA PHE J 111 -48.21 -0.01 12.53
C PHE J 111 -48.30 -0.10 11.00
N ALA J 112 -49.02 -1.11 10.52
CA ALA J 112 -49.12 -1.38 9.08
C ALA J 112 -50.05 -0.41 8.37
N LEU J 113 -49.81 -0.22 7.07
CA LEU J 113 -50.66 0.62 6.23
C LEU J 113 -51.96 -0.10 5.91
N LEU J 114 -53.08 0.53 6.26
CA LEU J 114 -54.40 -0.07 6.07
C LEU J 114 -55.21 0.61 4.95
N LYS J 115 -54.76 1.79 4.52
CA LYS J 115 -55.40 2.48 3.40
C LYS J 115 -54.44 3.42 2.66
N VAL J 116 -54.36 3.25 1.35
CA VAL J 116 -53.54 4.12 0.50
C VAL J 116 -54.38 5.32 0.04
N ASN J 117 -54.22 6.43 0.75
CA ASN J 117 -55.03 7.63 0.51
C ASN J 117 -54.50 8.48 -0.64
N GLU J 118 -53.23 8.86 -0.57
CA GLU J 118 -52.56 9.62 -1.62
C GLU J 118 -51.32 8.88 -2.10
N VAL J 119 -50.83 9.25 -3.28
CA VAL J 119 -49.56 8.75 -3.80
C VAL J 119 -48.84 9.87 -4.56
N ASN J 120 -47.63 10.21 -4.10
CA ASN J 120 -46.81 11.27 -4.70
C ASN J 120 -47.56 12.60 -4.89
N PHE J 121 -48.37 12.96 -3.90
CA PHE J 121 -49.25 14.14 -3.96
C PHE J 121 -50.19 14.09 -5.17
N ASP J 122 -50.70 12.89 -5.45
CA ASP J 122 -51.62 12.64 -6.56
C ASP J 122 -52.48 11.42 -6.23
N LYS J 123 -53.45 11.14 -7.11
CA LYS J 123 -54.36 10.00 -6.94
C LYS J 123 -53.59 8.69 -7.01
N PRO J 124 -53.86 7.77 -6.08
CA PRO J 124 -53.17 6.47 -5.99
C PRO J 124 -53.26 5.58 -7.25
N GLU J 125 -53.71 6.15 -8.37
CA GLU J 125 -53.72 5.42 -9.64
C GLU J 125 -52.97 6.20 -10.71
N ASN J 126 -51.65 6.27 -10.53
CA ASN J 126 -50.77 7.00 -11.45
C ASN J 126 -49.51 6.20 -11.78
N ASN J 129 -47.37 7.60 -15.74
CA ASN J 129 -46.24 7.87 -14.86
C ASN J 129 -44.95 7.18 -15.28
N LYS J 130 -44.23 7.81 -16.21
CA LYS J 130 -42.98 7.29 -16.73
C LYS J 130 -41.86 7.38 -15.70
N ILE J 131 -40.75 6.70 -15.98
CA ILE J 131 -39.60 6.72 -15.09
C ILE J 131 -38.63 7.83 -15.49
N LEU J 132 -38.16 8.61 -14.51
CA LEU J 132 -37.12 9.62 -14.73
C LEU J 132 -36.02 9.11 -15.65
N PHE J 133 -35.71 7.82 -15.50
CA PHE J 133 -34.63 7.17 -16.24
C PHE J 133 -34.85 7.13 -17.76
N GLU J 134 -36.07 7.42 -18.20
CA GLU J 134 -36.40 7.42 -19.63
C GLU J 134 -37.11 8.70 -20.08
N ASN J 135 -36.55 9.85 -19.71
CA ASN J 135 -37.04 11.14 -20.16
C ASN J 135 -35.93 11.92 -20.85
N LEU J 136 -36.23 12.43 -22.05
CA LEU J 136 -35.26 13.19 -22.83
C LEU J 136 -34.87 14.48 -22.10
N THR J 137 -33.63 14.93 -22.32
CA THR J 137 -33.02 15.92 -21.44
C THR J 137 -32.42 17.13 -22.18
N PRO J 138 -33.23 18.14 -22.46
CA PRO J 138 -32.73 19.43 -22.94
C PRO J 138 -31.77 20.09 -21.93
N LEU J 139 -30.97 21.04 -22.41
CA LEU J 139 -29.94 21.69 -21.59
C LEU J 139 -30.49 22.57 -20.47
N HIS J 140 -31.77 22.39 -20.16
CA HIS J 140 -32.43 22.94 -18.97
C HIS J 140 -32.56 24.47 -18.94
N ALA J 141 -31.69 25.15 -19.67
CA ALA J 141 -31.58 26.61 -19.62
C ALA J 141 -32.84 27.34 -20.06
N ASN J 142 -33.86 26.58 -20.46
CA ASN J 142 -35.15 27.14 -20.84
C ASN J 142 -36.06 27.50 -19.65
N SER J 143 -35.45 27.70 -18.48
CA SER J 143 -36.18 28.11 -17.27
C SER J 143 -35.20 28.59 -16.19
N ARG J 144 -35.08 29.91 -16.04
CA ARG J 144 -34.10 30.50 -15.12
C ARG J 144 -34.66 30.74 -13.73
N LEU J 145 -33.78 30.71 -12.73
CA LEU J 145 -34.11 31.03 -11.35
C LEU J 145 -33.13 32.07 -10.80
N ARG J 146 -33.63 33.28 -10.59
CA ARG J 146 -32.78 34.40 -10.16
C ARG J 146 -32.69 34.51 -8.64
N MET J 147 -31.47 34.75 -8.16
CA MET J 147 -31.21 34.90 -6.73
C MET J 147 -31.12 36.36 -6.33
N GLY J 152 -33.71 45.01 -0.77
CA GLY J 152 -32.37 45.48 -1.08
C GLY J 152 -31.41 45.38 0.08
N SER J 153 -31.54 44.32 0.87
CA SER J 153 -30.67 44.08 2.02
C SER J 153 -29.27 43.66 1.57
N THR J 154 -28.27 43.90 2.42
CA THR J 154 -26.89 43.48 2.15
C THR J 154 -26.74 41.96 2.25
N GLU J 155 -27.81 41.30 2.70
CA GLU J 155 -27.94 39.84 2.64
C GLU J 155 -28.13 39.43 1.19
N ASP J 156 -28.92 40.21 0.46
CA ASP J 156 -29.20 39.98 -0.96
C ASP J 156 -27.95 40.19 -1.84
N LEU J 157 -26.91 40.80 -1.26
CA LEU J 157 -25.64 41.04 -1.98
C LEU J 157 -25.00 39.76 -2.51
N THR J 158 -25.12 38.66 -1.77
CA THR J 158 -24.67 37.35 -2.21
C THR J 158 -25.50 36.86 -3.39
N ALA J 159 -26.82 37.04 -3.27
CA ALA J 159 -27.75 36.63 -4.32
C ALA J 159 -27.54 37.38 -5.64
N ARG J 160 -26.89 38.54 -5.57
CA ARG J 160 -26.67 39.39 -6.75
C ARG J 160 -25.44 38.99 -7.55
N VAL J 161 -24.32 38.82 -6.86
CA VAL J 161 -23.05 38.47 -7.52
C VAL J 161 -23.09 37.09 -8.19
N LEU J 162 -23.87 36.19 -7.60
CA LEU J 162 -24.05 34.84 -8.14
C LEU J 162 -24.78 34.87 -9.47
N ASP J 163 -25.69 35.83 -9.62
CA ASP J 163 -26.48 35.97 -10.86
C ASP J 163 -25.65 36.44 -12.05
N LEU J 164 -24.63 37.25 -11.78
CA LEU J 164 -23.73 37.73 -12.83
C LEU J 164 -22.70 36.67 -13.20
N ALA J 165 -22.27 35.91 -12.19
CA ALA J 165 -21.23 34.90 -12.35
C ALA J 165 -21.80 33.56 -12.83
N SER J 166 -22.55 32.90 -11.96
CA SER J 166 -23.11 31.58 -12.27
C SER J 166 -24.64 31.57 -12.17
N PRO J 167 -25.32 32.14 -13.16
CA PRO J 167 -26.78 32.07 -13.23
C PRO J 167 -27.29 30.63 -13.20
N ILE J 168 -27.92 30.28 -12.09
CA ILE J 168 -28.55 28.97 -11.92
C ILE J 168 -29.88 28.96 -12.68
N GLY J 169 -30.34 27.77 -13.03
CA GLY J 169 -31.64 27.59 -13.66
C GLY J 169 -32.30 26.30 -13.24
N ARG J 170 -33.37 25.95 -13.92
CA ARG J 170 -34.14 24.76 -13.57
C ARG J 170 -33.61 23.53 -14.28
N GLY J 171 -32.99 22.64 -13.51
CA GLY J 171 -32.35 21.45 -14.06
C GLY J 171 -30.84 21.54 -14.05
N GLN J 172 -30.32 22.58 -13.41
CA GLN J 172 -28.87 22.80 -13.29
C GLN J 172 -28.17 21.65 -12.60
N ARG J 173 -26.92 21.41 -12.98
CA ARG J 173 -26.04 20.52 -12.26
C ARG J 173 -24.86 21.36 -11.75
N GLY J 174 -25.14 22.15 -10.72
CA GLY J 174 -24.18 23.11 -10.20
C GLY J 174 -23.18 22.54 -9.23
N LEU J 175 -21.98 23.13 -9.22
CA LEU J 175 -20.93 22.70 -8.32
C LEU J 175 -20.29 23.88 -7.59
N ILE J 176 -20.70 24.07 -6.33
CA ILE J 176 -20.11 25.09 -5.48
C ILE J 176 -18.75 24.63 -4.98
N VAL J 177 -17.69 25.08 -5.66
CA VAL J 177 -16.33 24.80 -5.25
C VAL J 177 -15.96 25.72 -4.08
N ALA J 178 -15.48 25.13 -2.99
CA ALA J 178 -15.22 25.89 -1.77
C ALA J 178 -14.03 25.36 -0.96
N PRO J 179 -13.18 26.27 -0.47
CA PRO J 179 -12.19 25.95 0.55
C PRO J 179 -12.85 25.99 1.93
N PRO J 180 -12.17 25.49 2.97
CA PRO J 180 -12.72 25.51 4.32
C PRO J 180 -12.84 26.93 4.87
N LYS J 181 -13.90 27.19 5.64
CA LYS J 181 -14.16 28.49 6.25
C LYS J 181 -14.13 29.64 5.22
N ALA J 182 -15.12 29.66 4.34
CA ALA J 182 -15.18 30.63 3.25
C ALA J 182 -16.62 30.99 2.87
N GLY J 183 -17.56 30.71 3.77
CA GLY J 183 -18.97 31.01 3.54
C GLY J 183 -19.66 30.03 2.61
N LYS J 184 -19.44 28.75 2.86
CA LYS J 184 -20.07 27.68 2.09
C LYS J 184 -21.45 27.36 2.64
N THR J 185 -21.57 27.35 3.97
CA THR J 185 -22.85 27.15 4.64
C THR J 185 -23.78 28.34 4.37
N MET J 186 -23.27 29.55 4.60
CA MET J 186 -24.05 30.78 4.41
C MET J 186 -24.40 31.06 2.96
N LEU J 187 -23.60 30.53 2.04
CA LEU J 187 -23.90 30.60 0.61
C LEU J 187 -25.10 29.72 0.31
N LEU J 188 -25.05 28.48 0.84
CA LEU J 188 -26.16 27.54 0.69
C LEU J 188 -27.42 28.05 1.38
N GLN J 189 -27.26 28.58 2.59
CA GLN J 189 -28.38 29.15 3.35
C GLN J 189 -29.01 30.30 2.60
N ASN J 190 -28.19 31.09 1.91
CA ASN J 190 -28.66 32.19 1.07
C ASN J 190 -29.49 31.69 -0.11
N ILE J 191 -28.97 30.67 -0.81
CA ILE J 191 -29.67 30.09 -1.96
C ILE J 191 -31.05 29.57 -1.56
N ALA J 192 -31.11 28.82 -0.45
CA ALA J 192 -32.36 28.25 0.06
C ALA J 192 -33.37 29.33 0.47
N GLN J 193 -32.88 30.37 1.13
CA GLN J 193 -33.72 31.48 1.58
C GLN J 193 -34.16 32.35 0.40
N SER J 194 -33.47 32.17 -0.74
CA SER J 194 -33.85 32.83 -1.99
C SER J 194 -34.80 31.97 -2.81
N ILE J 195 -34.53 30.66 -2.86
CA ILE J 195 -35.37 29.70 -3.59
C ILE J 195 -36.83 29.76 -3.12
N ALA J 196 -37.03 29.78 -1.82
CA ALA J 196 -38.38 29.75 -1.23
C ALA J 196 -39.15 31.06 -1.43
N TYR J 197 -38.51 32.18 -1.09
CA TYR J 197 -39.13 33.51 -1.13
C TYR J 197 -39.30 34.05 -2.56
N ASN J 198 -38.64 33.40 -3.52
CA ASN J 198 -38.65 33.86 -4.90
C ASN J 198 -39.35 32.88 -5.86
N HIS J 199 -39.09 31.58 -5.68
CA HIS J 199 -39.69 30.55 -6.51
C HIS J 199 -40.26 29.42 -5.63
N PRO J 200 -41.41 29.68 -4.99
CA PRO J 200 -42.01 28.74 -4.06
C PRO J 200 -42.67 27.57 -4.77
N ASP J 201 -42.79 27.68 -6.09
CA ASP J 201 -43.31 26.59 -6.93
C ASP J 201 -42.39 25.38 -6.92
N CYS J 202 -41.09 25.62 -6.68
CA CYS J 202 -40.09 24.57 -6.68
C CYS J 202 -39.99 23.90 -5.31
N VAL J 203 -39.91 22.57 -5.31
CA VAL J 203 -39.73 21.80 -4.09
C VAL J 203 -38.25 21.79 -3.69
N LEU J 204 -37.95 22.40 -2.54
CA LEU J 204 -36.58 22.54 -2.07
C LEU J 204 -36.24 21.48 -1.04
N MET J 205 -35.14 20.76 -1.29
CA MET J 205 -34.64 19.74 -0.38
C MET J 205 -33.16 19.98 -0.11
N VAL J 206 -32.85 20.46 1.10
CA VAL J 206 -31.46 20.65 1.50
C VAL J 206 -30.92 19.35 2.09
N LEU J 207 -29.84 18.84 1.50
CA LEU J 207 -29.23 17.59 1.96
C LEU J 207 -27.83 17.82 2.51
N LEU J 208 -27.68 17.62 3.82
CA LEU J 208 -26.39 17.71 4.49
C LEU J 208 -25.91 16.32 4.85
N ILE J 209 -24.70 15.96 4.43
CA ILE J 209 -24.14 14.65 4.72
C ILE J 209 -22.86 14.80 5.54
N ASP J 210 -22.78 14.03 6.63
CA ASP J 210 -21.60 14.01 7.51
C ASP J 210 -21.48 15.32 8.31
N GLU J 211 -22.60 16.03 8.45
CA GLU J 211 -22.63 17.36 9.06
C GLU J 211 -22.53 17.32 10.58
N ARG J 212 -22.06 18.42 11.18
CA ARG J 212 -22.05 18.58 12.63
C ARG J 212 -23.49 18.70 13.14
N PRO J 213 -23.78 18.11 14.30
CA PRO J 213 -25.13 18.11 14.87
C PRO J 213 -25.77 19.50 15.00
N GLU J 214 -25.05 20.43 15.60
CA GLU J 214 -25.58 21.78 15.85
C GLU J 214 -25.81 22.57 14.55
N GLU J 215 -25.08 22.22 13.51
CA GLU J 215 -25.24 22.85 12.21
C GLU J 215 -26.48 22.32 11.49
N VAL J 216 -26.87 21.09 11.80
CA VAL J 216 -28.12 20.51 11.32
C VAL J 216 -29.30 21.29 11.89
N THR J 217 -29.27 21.53 13.19
CA THR J 217 -30.31 22.29 13.89
C THR J 217 -30.49 23.69 13.28
N GLU J 218 -29.38 24.37 13.04
CA GLU J 218 -29.41 25.71 12.47
C GLU J 218 -29.91 25.72 11.02
N MET J 219 -29.38 24.81 10.21
CA MET J 219 -29.81 24.67 8.81
C MET J 219 -31.27 24.26 8.74
N GLN J 220 -31.72 23.52 9.75
CA GLN J 220 -33.09 23.04 9.83
C GLN J 220 -34.07 24.17 10.15
N ARG J 221 -33.57 25.20 10.84
CA ARG J 221 -34.44 26.27 11.34
C ARG J 221 -34.52 27.50 10.44
N LEU J 222 -33.51 27.67 9.57
CA LEU J 222 -33.48 28.83 8.67
C LEU J 222 -34.11 28.54 7.31
N VAL J 223 -34.19 27.26 6.95
CA VAL J 223 -34.66 26.85 5.62
C VAL J 223 -36.15 26.49 5.62
N LYS J 224 -36.90 27.16 4.75
CA LYS J 224 -38.29 26.81 4.49
C LYS J 224 -38.34 25.79 3.35
N GLY J 225 -38.13 24.53 3.71
CA GLY J 225 -38.13 23.42 2.76
C GLY J 225 -37.93 22.10 3.49
N GLU J 226 -37.37 21.12 2.80
CA GLU J 226 -37.09 19.83 3.41
C GLU J 226 -35.61 19.69 3.76
N VAL J 227 -35.28 19.82 5.04
CA VAL J 227 -33.91 19.65 5.51
C VAL J 227 -33.70 18.24 6.04
N VAL J 228 -32.93 17.46 5.28
CA VAL J 228 -32.58 16.10 5.65
C VAL J 228 -31.06 16.01 5.82
N ALA J 229 -30.62 15.57 6.99
CA ALA J 229 -29.19 15.54 7.30
C ALA J 229 -28.77 14.28 8.04
N SER J 230 -27.50 13.91 7.87
CA SER J 230 -26.89 12.85 8.64
C SER J 230 -25.58 13.36 9.24
N THR J 231 -25.43 13.21 10.56
CA THR J 231 -24.27 13.74 11.26
C THR J 231 -23.04 12.85 11.11
N PHE J 232 -21.87 13.40 11.42
CA PHE J 232 -20.61 12.68 11.24
C PHE J 232 -20.47 11.46 12.15
N ASP J 233 -21.16 11.49 13.29
CA ASP J 233 -21.13 10.39 14.24
C ASP J 233 -21.98 9.20 13.80
N GLU J 234 -22.69 9.36 12.69
CA GLU J 234 -23.51 8.29 12.12
C GLU J 234 -22.67 7.42 11.18
N PRO J 235 -23.08 6.16 10.98
CA PRO J 235 -22.35 5.22 10.12
C PRO J 235 -22.34 5.64 8.65
N ALA J 236 -21.39 5.08 7.90
CA ALA J 236 -21.24 5.38 6.47
C ALA J 236 -22.44 4.90 5.66
N SER J 237 -22.98 3.74 6.05
CA SER J 237 -24.20 3.19 5.43
C SER J 237 -25.37 4.15 5.58
N ARG J 238 -25.37 4.87 6.70
CA ARG J 238 -26.40 5.87 7.00
C ARG J 238 -26.27 7.11 6.13
N HIS J 239 -25.04 7.61 5.96
CA HIS J 239 -24.77 8.76 5.08
C HIS J 239 -25.29 8.47 3.67
N VAL J 240 -25.21 7.21 3.27
CA VAL J 240 -25.69 6.74 1.97
C VAL J 240 -27.22 6.68 1.94
N GLN J 241 -27.82 6.17 3.01
CA GLN J 241 -29.27 6.01 3.08
C GLN J 241 -30.02 7.32 2.89
N VAL J 242 -29.68 8.34 3.68
CA VAL J 242 -30.30 9.65 3.57
C VAL J 242 -30.22 10.21 2.16
N ALA J 243 -29.09 9.96 1.49
CA ALA J 243 -28.84 10.46 0.15
C ALA J 243 -29.71 9.74 -0.90
N GLU J 244 -29.74 8.41 -0.82
CA GLU J 244 -30.51 7.61 -1.77
C GLU J 244 -32.02 7.77 -1.61
N MET J 245 -32.47 8.01 -0.37
CA MET J 245 -33.88 8.27 -0.11
C MET J 245 -34.30 9.60 -0.72
N VAL J 246 -33.45 10.62 -0.52
CA VAL J 246 -33.71 11.97 -1.02
C VAL J 246 -33.76 12.03 -2.54
N ILE J 247 -32.79 11.39 -3.20
CA ILE J 247 -32.72 11.40 -4.67
C ILE J 247 -33.88 10.64 -5.31
N GLU J 248 -34.32 9.55 -4.68
CA GLU J 248 -35.44 8.76 -5.19
C GLU J 248 -36.77 9.51 -5.03
N LYS J 249 -36.95 10.17 -3.89
CA LYS J 249 -38.12 10.99 -3.65
C LYS J 249 -38.19 12.15 -4.64
N ALA J 250 -37.04 12.81 -4.84
CA ALA J 250 -36.94 13.93 -5.77
C ALA J 250 -37.26 13.51 -7.21
N LYS J 251 -36.86 12.29 -7.57
CA LYS J 251 -37.16 11.73 -8.88
C LYS J 251 -38.67 11.58 -9.10
N ARG J 252 -39.35 11.05 -8.09
CA ARG J 252 -40.79 10.84 -8.14
C ARG J 252 -41.54 12.14 -8.39
N LEU J 253 -41.10 13.22 -7.74
CA LEU J 253 -41.72 14.52 -7.91
C LEU J 253 -41.54 15.05 -9.33
N VAL J 254 -40.40 14.76 -9.93
CA VAL J 254 -40.14 15.12 -11.33
C VAL J 254 -41.00 14.28 -12.28
N GLU J 255 -41.22 13.02 -11.91
CA GLU J 255 -42.11 12.13 -12.66
C GLU J 255 -43.56 12.64 -12.63
N HIS J 256 -43.83 13.58 -11.72
CA HIS J 256 -45.11 14.27 -11.65
C HIS J 256 -45.00 15.72 -12.10
N LYS J 257 -44.03 15.99 -12.98
CA LYS J 257 -43.84 17.30 -13.62
C LYS J 257 -43.42 18.42 -12.65
N LYS J 258 -43.23 18.08 -11.38
CA LYS J 258 -42.83 19.05 -10.36
C LYS J 258 -41.36 19.39 -10.45
N ASP J 259 -41.04 20.67 -10.24
CA ASP J 259 -39.66 21.14 -10.26
C ASP J 259 -39.04 21.00 -8.87
N VAL J 260 -37.99 20.19 -8.78
CA VAL J 260 -37.36 19.88 -7.50
C VAL J 260 -35.94 20.44 -7.46
N ILE J 261 -35.53 20.93 -6.30
CA ILE J 261 -34.18 21.42 -6.09
C ILE J 261 -33.55 20.76 -4.87
N ILE J 262 -32.39 20.14 -5.08
CA ILE J 262 -31.59 19.60 -3.98
C ILE J 262 -30.31 20.41 -3.83
N LEU J 263 -30.19 21.06 -2.67
CA LEU J 263 -28.94 21.72 -2.31
C LEU J 263 -28.12 20.75 -1.47
N LEU J 264 -27.14 20.12 -2.11
CA LEU J 264 -26.34 19.09 -1.46
C LEU J 264 -25.04 19.67 -0.91
N ASP J 265 -24.88 19.59 0.40
CA ASP J 265 -23.61 19.96 1.03
C ASP J 265 -22.71 18.73 1.07
N SER J 266 -21.64 18.80 0.29
CA SER J 266 -20.62 17.75 0.21
C SER J 266 -21.00 16.58 -0.69
N ILE J 267 -20.74 16.75 -1.99
CA ILE J 267 -20.72 15.63 -2.93
C ILE J 267 -19.49 14.78 -2.64
N THR J 268 -18.50 15.39 -1.99
CA THR J 268 -17.27 14.70 -1.60
C THR J 268 -17.52 13.76 -0.43
N ARG J 269 -18.11 14.28 0.64
CA ARG J 269 -18.44 13.45 1.82
C ARG J 269 -19.39 12.32 1.45
N LEU J 270 -20.27 12.58 0.48
CA LEU J 270 -21.15 11.56 -0.07
C LEU J 270 -20.34 10.46 -0.75
N ALA J 271 -19.37 10.87 -1.57
CA ALA J 271 -18.47 9.94 -2.25
C ALA J 271 -17.57 9.20 -1.26
N ARG J 272 -17.22 9.88 -0.18
CA ARG J 272 -16.41 9.30 0.90
C ARG J 272 -17.17 8.18 1.59
N ALA J 273 -18.49 8.37 1.76
CA ALA J 273 -19.36 7.37 2.36
C ALA J 273 -19.50 6.15 1.46
N TYR J 274 -19.87 6.38 0.21
CA TYR J 274 -19.98 5.32 -0.80
C TYR J 274 -18.69 4.52 -0.94
N ASN J 275 -17.56 5.20 -0.71
CA ASN J 275 -16.25 4.57 -0.80
C ASN J 275 -16.05 3.46 0.22
N THR J 276 -16.40 3.71 1.47
CA THR J 276 -16.21 2.74 2.55
C THR J 276 -17.34 1.71 2.60
N VAL J 277 -18.48 2.05 2.00
CA VAL J 277 -19.64 1.15 1.95
C VAL J 277 -19.50 0.13 0.82
N VAL J 278 -19.27 0.61 -0.40
CA VAL J 278 -19.15 -0.25 -1.57
C VAL J 278 -17.92 -1.16 -1.45
N PRO J 279 -18.04 -2.41 -1.94
CA PRO J 279 -16.91 -3.35 -1.91
C PRO J 279 -15.82 -3.04 -2.92
N ALA J 280 -14.69 -3.75 -2.80
CA ALA J 280 -13.53 -3.54 -3.67
C ALA J 280 -13.85 -3.78 -5.15
N VAL J 284 -7.66 -2.16 -6.97
CA VAL J 284 -7.51 -0.91 -7.72
C VAL J 284 -7.77 0.28 -6.81
N LEU J 285 -6.79 1.19 -6.73
CA LEU J 285 -6.86 2.36 -5.85
C LEU J 285 -6.24 3.61 -6.51
N THR J 286 -6.55 4.78 -5.97
CA THR J 286 -6.05 6.05 -6.51
C THR J 286 -5.89 7.13 -5.42
N GLY J 287 -5.00 6.86 -4.47
CA GLY J 287 -4.75 7.78 -3.36
C GLY J 287 -5.79 7.65 -2.26
N GLY J 288 -6.24 6.42 -2.04
CA GLY J 288 -7.25 6.13 -1.01
C GLY J 288 -8.57 5.69 -1.61
N VAL J 289 -9.08 6.48 -2.54
CA VAL J 289 -10.40 6.25 -3.14
C VAL J 289 -10.41 5.12 -4.17
N ASP J 290 -11.27 4.13 -3.93
CA ASP J 290 -11.58 3.08 -4.90
C ASP J 290 -12.32 3.72 -6.08
N ALA J 291 -11.77 3.54 -7.28
CA ALA J 291 -12.33 4.16 -8.49
C ALA J 291 -13.68 3.55 -8.90
N ASN J 292 -13.84 2.26 -8.60
CA ASN J 292 -15.10 1.55 -8.81
C ASN J 292 -16.25 2.18 -8.01
N ALA J 293 -15.90 2.77 -6.87
CA ALA J 293 -16.88 3.32 -5.92
C ALA J 293 -17.53 4.63 -6.37
N LEU J 294 -16.76 5.48 -7.03
CA LEU J 294 -17.20 6.81 -7.42
C LEU J 294 -18.43 6.82 -8.32
N HIS J 295 -18.85 5.63 -8.75
CA HIS J 295 -19.98 5.45 -9.64
C HIS J 295 -21.32 5.94 -9.08
N ARG J 296 -21.63 5.50 -7.85
CA ARG J 296 -22.90 5.83 -7.21
C ARG J 296 -23.13 7.32 -6.96
N PRO J 297 -22.11 8.05 -6.48
CA PRO J 297 -22.18 9.51 -6.37
C PRO J 297 -22.36 10.22 -7.72
N LYS J 298 -21.70 9.72 -8.76
CA LYS J 298 -21.82 10.29 -10.11
C LYS J 298 -23.26 10.15 -10.63
N ARG J 299 -23.94 9.09 -10.19
CA ARG J 299 -25.35 8.86 -10.50
C ARG J 299 -26.25 9.92 -9.87
N PHE J 300 -26.05 10.14 -8.56
CA PHE J 300 -26.78 11.16 -7.81
C PHE J 300 -26.72 12.50 -8.52
N PHE J 301 -25.50 12.96 -8.79
CA PHE J 301 -25.25 14.22 -9.47
C PHE J 301 -25.71 14.14 -10.93
N GLY J 302 -25.57 12.96 -11.53
CA GLY J 302 -26.00 12.72 -12.91
C GLY J 302 -27.49 12.76 -13.12
N ALA J 303 -28.24 12.51 -12.05
CA ALA J 303 -29.70 12.55 -12.07
C ALA J 303 -30.24 13.96 -12.27
N ALA J 304 -29.37 14.96 -12.10
CA ALA J 304 -29.73 16.36 -12.35
C ALA J 304 -30.00 16.58 -13.84
N ARG J 305 -31.22 16.99 -14.15
CA ARG J 305 -31.69 17.07 -15.52
C ARG J 305 -32.94 17.93 -15.64
N ASN J 306 -33.18 18.46 -16.83
CA ASN J 306 -34.47 19.06 -17.15
C ASN J 306 -35.22 18.11 -18.08
N VAL J 307 -36.32 17.55 -17.56
CA VAL J 307 -37.15 16.63 -18.33
C VAL J 307 -37.87 17.37 -19.44
N GLU J 308 -37.71 16.88 -20.67
CA GLU J 308 -38.31 17.51 -21.85
C GLU J 308 -39.80 17.75 -21.68
N GLU J 309 -40.52 16.70 -21.30
CA GLU J 309 -41.97 16.78 -21.13
C GLU J 309 -42.38 17.39 -19.78
N GLY J 310 -41.65 18.41 -19.35
CA GLY J 310 -41.96 19.12 -18.11
C GLY J 310 -41.43 18.42 -16.87
N GLY J 311 -41.08 19.22 -15.86
CA GLY J 311 -40.46 18.70 -14.64
C GLY J 311 -38.97 18.96 -14.63
N SER J 312 -38.40 19.05 -13.44
CA SER J 312 -36.98 19.37 -13.29
C SER J 312 -36.39 18.92 -11.97
N LEU J 313 -35.17 18.39 -12.05
CA LEU J 313 -34.36 18.09 -10.87
C LEU J 313 -33.05 18.85 -10.97
N THR J 314 -32.98 20.01 -10.30
CA THR J 314 -31.76 20.79 -10.23
C THR J 314 -30.98 20.49 -8.97
N ILE J 315 -29.68 20.24 -9.11
CA ILE J 315 -28.83 19.90 -7.98
C ILE J 315 -27.61 20.82 -7.91
N ILE J 316 -27.47 21.51 -6.78
CA ILE J 316 -26.30 22.33 -6.50
C ILE J 316 -25.55 21.69 -5.34
N ALA J 317 -24.36 21.17 -5.63
CA ALA J 317 -23.56 20.46 -4.63
C ALA J 317 -22.25 21.17 -4.33
N THR J 318 -21.77 21.03 -3.10
CA THR J 318 -20.50 21.62 -2.71
C THR J 318 -19.38 20.58 -2.79
N ALA J 319 -18.34 20.92 -3.54
CA ALA J 319 -17.15 20.10 -3.60
C ALA J 319 -16.08 20.68 -2.69
N LEU J 320 -15.74 19.94 -1.62
CA LEU J 320 -14.74 20.39 -0.66
C LEU J 320 -13.34 20.37 -1.27
N ILE J 321 -12.55 21.38 -0.90
CA ILE J 321 -11.19 21.57 -1.44
C ILE J 321 -10.28 22.11 -0.35
N ASP J 322 -8.96 21.93 -0.55
CA ASP J 322 -7.94 22.43 0.39
C ASP J 322 -8.06 21.83 1.79
N THR J 323 -8.70 20.66 1.88
CA THR J 323 -8.91 20.00 3.17
C THR J 323 -7.61 19.42 3.71
N GLY J 324 -6.63 19.25 2.84
CA GLY J 324 -5.37 18.61 3.20
C GLY J 324 -5.52 17.10 3.19
N SER J 325 -6.60 16.63 2.59
CA SER J 325 -6.87 15.20 2.43
C SER J 325 -6.81 14.84 0.97
N LYS J 326 -5.96 13.87 0.64
CA LYS J 326 -5.74 13.44 -0.73
C LYS J 326 -7.03 12.94 -1.38
N MET J 327 -7.80 12.16 -0.63
CA MET J 327 -9.07 11.60 -1.10
C MET J 327 -10.04 12.69 -1.57
N ASP J 328 -10.21 13.73 -0.74
CA ASP J 328 -11.10 14.85 -1.06
C ASP J 328 -10.75 15.54 -2.39
N GLU J 329 -9.46 15.57 -2.71
CA GLU J 329 -8.98 16.16 -3.96
C GLU J 329 -9.29 15.31 -5.19
N VAL J 330 -9.12 14.00 -5.06
CA VAL J 330 -9.41 13.07 -6.16
C VAL J 330 -10.90 13.01 -6.46
N ILE J 331 -11.73 13.10 -5.42
CA ILE J 331 -13.17 13.20 -5.57
C ILE J 331 -13.51 14.40 -6.47
N TYR J 332 -12.93 15.55 -6.14
CA TYR J 332 -13.12 16.77 -6.93
C TYR J 332 -12.65 16.59 -8.37
N GLU J 333 -11.52 15.91 -8.56
CA GLU J 333 -10.94 15.66 -9.88
C GLU J 333 -11.85 14.84 -10.79
N GLU J 334 -12.41 13.77 -10.25
CA GLU J 334 -13.33 12.90 -10.99
C GLU J 334 -14.67 13.57 -11.23
N PHE J 335 -14.90 14.68 -10.55
CA PHE J 335 -16.14 15.45 -10.69
C PHE J 335 -15.94 16.73 -11.51
N LYS J 336 -14.68 17.15 -11.68
CA LYS J 336 -14.33 18.24 -12.58
C LYS J 336 -14.82 17.90 -13.98
N GLY J 337 -15.71 18.73 -14.51
CA GLY J 337 -16.21 18.56 -15.87
C GLY J 337 -17.55 17.86 -16.00
N THR J 338 -18.06 17.33 -14.89
CA THR J 338 -19.35 16.61 -14.92
C THR J 338 -20.56 17.54 -14.81
N GLY J 339 -20.36 18.72 -14.23
CA GLY J 339 -21.44 19.69 -14.04
C GLY J 339 -21.56 20.70 -15.18
N ASN J 340 -22.64 21.47 -15.17
CA ASN J 340 -22.87 22.51 -16.18
C ASN J 340 -22.99 23.92 -15.59
N MET J 341 -22.47 24.09 -14.39
CA MET J 341 -22.27 25.40 -13.75
C MET J 341 -21.40 25.20 -12.51
N GLU J 342 -20.51 26.15 -12.26
CA GLU J 342 -19.65 26.08 -11.08
C GLU J 342 -19.38 27.44 -10.49
N LEU J 343 -19.48 27.52 -9.17
CA LEU J 343 -19.15 28.73 -8.43
C LEU J 343 -17.98 28.45 -7.51
N HIS J 344 -16.89 29.17 -7.72
CA HIS J 344 -15.69 29.00 -6.91
C HIS J 344 -15.67 29.98 -5.75
N LEU J 345 -15.41 29.48 -4.55
CA LEU J 345 -15.12 30.33 -3.42
C LEU J 345 -13.61 30.34 -3.20
N SER J 346 -13.10 31.41 -2.62
CA SER J 346 -11.67 31.56 -2.43
C SER J 346 -11.32 31.83 -0.97
N ARG J 347 -10.30 31.13 -0.48
CA ARG J 347 -9.79 31.35 0.86
C ARG J 347 -9.10 32.71 0.95
N LYS J 348 -8.54 33.15 -0.18
CA LYS J 348 -7.87 34.45 -0.27
C LYS J 348 -8.80 35.60 0.14
N ILE J 349 -10.01 35.60 -0.41
CA ILE J 349 -11.02 36.61 -0.09
C ILE J 349 -11.59 36.36 1.30
N ALA J 350 -11.60 35.09 1.71
CA ALA J 350 -12.15 34.67 3.00
C ALA J 350 -11.27 35.08 4.17
N GLU J 351 -9.95 34.88 4.03
CA GLU J 351 -8.99 35.26 5.07
C GLU J 351 -9.07 36.75 5.40
N LYS J 352 -9.35 37.56 4.39
CA LYS J 352 -9.48 39.00 4.54
C LYS J 352 -10.93 39.47 4.76
N ARG J 353 -11.81 38.53 5.18
CA ARG J 353 -13.25 38.77 5.45
C ARG J 353 -14.03 39.61 4.45
N VAL J 354 -13.71 39.45 3.17
CA VAL J 354 -14.56 39.95 2.11
C VAL J 354 -15.60 38.84 1.87
N PHE J 355 -16.79 39.04 2.43
CA PHE J 355 -17.82 38.00 2.46
C PHE J 355 -18.26 37.48 1.10
N PRO J 356 -18.60 38.39 0.17
CA PRO J 356 -19.05 37.97 -1.16
C PRO J 356 -17.90 37.44 -2.00
N ALA J 357 -17.27 36.40 -1.45
CA ALA J 357 -16.11 35.75 -2.01
C ALA J 357 -16.54 34.62 -2.91
N ILE J 358 -16.82 35.05 -4.14
CA ILE J 358 -17.13 34.23 -5.27
C ILE J 358 -16.01 34.57 -6.24
N ASP J 359 -15.13 33.63 -6.49
CA ASP J 359 -14.08 33.83 -7.50
C ASP J 359 -14.78 34.08 -8.83
N TYR J 360 -15.09 35.34 -9.09
CA TYR J 360 -15.93 35.74 -10.23
C TYR J 360 -15.42 35.22 -11.57
N ASN J 361 -14.10 35.21 -11.73
CA ASN J 361 -13.48 34.78 -12.98
C ASN J 361 -13.45 33.27 -13.17
N ARG J 362 -13.37 32.53 -12.07
CA ARG J 362 -13.33 31.06 -12.12
C ARG J 362 -14.74 30.46 -12.07
N SER J 363 -15.72 31.30 -11.74
CA SER J 363 -17.13 30.89 -11.70
C SER J 363 -17.76 30.99 -13.09
N GLY J 364 -18.97 30.47 -13.22
CA GLY J 364 -19.69 30.52 -14.49
C GLY J 364 -20.69 29.39 -14.69
N THR J 365 -21.23 29.29 -15.89
CA THR J 365 -22.20 28.26 -16.25
C THR J 365 -22.22 27.94 -17.75
N ARG J 366 -22.63 26.71 -18.07
CA ARG J 366 -22.79 26.28 -19.46
C ARG J 366 -24.10 26.75 -20.04
N LYS J 367 -24.09 27.07 -21.34
CA LYS J 367 -25.23 27.63 -22.05
C LYS J 367 -25.85 28.80 -21.27
N GLU J 368 -24.99 29.68 -20.79
CA GLU J 368 -25.39 30.87 -20.02
C GLU J 368 -26.29 31.80 -20.84
N GLU J 369 -26.26 31.61 -22.16
CA GLU J 369 -27.02 32.44 -23.09
C GLU J 369 -28.52 32.14 -23.10
N LEU J 370 -28.88 30.90 -22.77
CA LEU J 370 -30.29 30.48 -22.80
C LEU J 370 -31.03 30.83 -21.51
N LEU J 371 -30.26 31.04 -20.44
CA LEU J 371 -30.83 31.38 -19.12
C LEU J 371 -31.13 32.87 -18.97
N THR J 372 -30.57 33.68 -19.86
CA THR J 372 -30.73 35.13 -19.79
C THR J 372 -31.48 35.65 -21.01
N THR J 373 -31.65 36.96 -21.08
CA THR J 373 -32.16 37.61 -22.29
C THR J 373 -30.98 38.17 -23.08
N GLN J 374 -31.22 38.50 -24.35
CA GLN J 374 -30.21 39.12 -25.20
C GLN J 374 -29.65 40.39 -24.55
N GLU J 375 -30.45 40.97 -23.66
CA GLU J 375 -30.02 42.09 -22.83
C GLU J 375 -29.00 41.65 -21.79
N GLU J 376 -29.44 40.79 -20.87
CA GLU J 376 -28.66 40.36 -19.72
C GLU J 376 -27.29 39.78 -20.10
N LEU J 377 -27.27 38.89 -21.10
CA LEU J 377 -26.04 38.24 -21.54
C LEU J 377 -24.97 39.24 -22.01
N GLN J 378 -25.37 40.18 -22.86
CA GLN J 378 -24.46 41.18 -23.40
C GLN J 378 -23.97 42.16 -22.33
N LYS J 379 -24.86 42.53 -21.40
CA LYS J 379 -24.48 43.39 -20.28
C LYS J 379 -23.48 42.64 -19.38
N MET J 380 -23.72 41.34 -19.20
CA MET J 380 -22.83 40.49 -18.41
C MET J 380 -21.46 40.32 -19.05
N TRP J 381 -21.44 40.31 -20.39
CA TRP J 381 -20.18 40.16 -21.13
C TRP J 381 -19.21 41.31 -20.94
N ILE J 382 -19.76 42.50 -20.66
CA ILE J 382 -18.94 43.69 -20.39
C ILE J 382 -18.27 43.58 -19.03
N LEU J 383 -19.03 43.14 -18.03
CA LEU J 383 -18.53 43.01 -16.65
C LEU J 383 -17.39 42.00 -16.57
N ARG J 384 -17.49 40.94 -17.39
CA ARG J 384 -16.45 39.93 -17.48
C ARG J 384 -15.16 40.51 -18.04
N LYS J 385 -15.27 41.22 -19.17
CA LYS J 385 -14.13 41.87 -19.83
C LYS J 385 -13.37 42.81 -18.89
N ILE J 386 -14.12 43.55 -18.07
CA ILE J 386 -13.54 44.47 -17.09
C ILE J 386 -12.85 43.71 -15.95
N ILE J 387 -13.55 42.77 -15.35
CA ILE J 387 -13.05 42.03 -14.19
C ILE J 387 -11.98 41.00 -14.57
N HIS J 388 -11.91 40.65 -15.85
CA HIS J 388 -10.98 39.62 -16.34
C HIS J 388 -9.52 39.82 -15.89
N PRO J 389 -8.90 40.94 -16.24
CA PRO J 389 -7.51 41.20 -15.85
C PRO J 389 -7.35 41.55 -14.36
N MET J 390 -8.47 41.82 -13.68
CA MET J 390 -8.46 42.12 -12.25
C MET J 390 -8.10 40.88 -11.43
N GLY J 391 -7.46 41.09 -10.29
CA GLY J 391 -7.09 40.01 -9.38
C GLY J 391 -8.29 39.43 -8.64
N GLU J 392 -8.02 38.43 -7.80
CA GLU J 392 -9.07 37.72 -7.06
C GLU J 392 -9.77 38.62 -6.05
N ILE J 393 -9.02 39.05 -5.02
CA ILE J 393 -9.57 39.90 -3.95
C ILE J 393 -10.10 41.22 -4.51
N ASP J 394 -9.38 41.79 -5.48
CA ASP J 394 -9.76 43.04 -6.14
C ASP J 394 -11.16 42.96 -6.76
N ALA J 395 -11.46 41.81 -7.38
CA ALA J 395 -12.70 41.63 -8.15
C ALA J 395 -13.96 41.75 -7.31
N MET J 396 -13.97 41.10 -6.14
CA MET J 396 -15.17 41.09 -5.29
C MET J 396 -15.39 42.40 -4.55
N GLU J 397 -14.29 43.02 -4.12
CA GLU J 397 -14.35 44.36 -3.52
C GLU J 397 -14.80 45.39 -4.53
N PHE J 398 -14.47 45.17 -5.80
CA PHE J 398 -14.92 46.01 -6.91
C PHE J 398 -16.43 45.87 -7.12
N LEU J 399 -16.95 44.66 -6.95
CA LEU J 399 -18.39 44.41 -7.10
C LEU J 399 -19.19 44.78 -5.85
N ILE J 400 -18.55 44.72 -4.68
CA ILE J 400 -19.18 45.09 -3.42
C ILE J 400 -19.70 46.53 -3.46
N ASN J 401 -18.80 47.48 -3.69
CA ASN J 401 -19.13 48.90 -3.67
C ASN J 401 -20.07 49.30 -4.79
N LYS J 402 -19.89 48.71 -5.96
CA LYS J 402 -20.73 49.00 -7.13
C LYS J 402 -22.15 48.46 -6.95
N LEU J 403 -22.27 47.27 -6.35
CA LEU J 403 -23.59 46.67 -6.09
C LEU J 403 -24.21 47.16 -4.78
N ALA J 404 -23.37 47.63 -3.85
CA ALA J 404 -23.86 48.20 -2.58
C ALA J 404 -24.46 49.59 -2.79
N MET J 405 -24.72 49.93 -4.04
CA MET J 405 -25.34 51.21 -4.40
C MET J 405 -26.82 51.03 -4.73
N THR J 406 -27.12 50.05 -5.58
CA THR J 406 -28.47 49.90 -6.15
C THR J 406 -29.00 48.46 -6.05
N LYS J 407 -30.04 48.17 -6.85
CA LYS J 407 -30.60 46.82 -6.93
C LYS J 407 -29.75 45.88 -7.80
N THR J 408 -30.25 45.50 -8.98
CA THR J 408 -29.55 44.53 -9.84
C THR J 408 -29.13 45.06 -11.22
N ASN J 409 -30.00 44.98 -12.21
CA ASN J 409 -29.72 45.50 -13.55
C ASN J 409 -29.54 47.02 -13.54
N ASP J 410 -30.03 47.64 -12.47
CA ASP J 410 -29.74 49.04 -12.16
C ASP J 410 -28.23 49.25 -12.10
N ASP J 411 -27.53 48.32 -11.45
CA ASP J 411 -26.07 48.35 -11.34
C ASP J 411 -25.38 48.59 -12.69
N PHE J 412 -26.00 48.12 -13.76
CA PHE J 412 -25.40 48.24 -15.09
C PHE J 412 -25.82 49.48 -15.88
N PHE J 413 -27.09 49.88 -15.74
CA PHE J 413 -27.55 51.14 -16.32
C PHE J 413 -26.82 52.31 -15.66
N GLU J 414 -26.53 52.15 -14.37
CA GLU J 414 -25.76 53.14 -13.60
C GLU J 414 -24.27 52.77 -13.52
N MET J 415 -23.75 52.22 -14.61
CA MET J 415 -22.32 51.98 -14.79
C MET J 415 -21.89 52.59 -16.14
N MET J 416 -22.84 52.64 -17.07
CA MET J 416 -22.64 53.29 -18.36
C MET J 416 -22.66 54.81 -18.19
N LYS J 417 -21.77 55.31 -17.32
CA LYS J 417 -21.70 56.73 -16.98
C LYS J 417 -21.17 57.57 -18.13
N MET K 1 -44.65 -6.61 -34.46
CA MET K 1 -44.07 -5.99 -35.68
C MET K 1 -42.54 -6.14 -35.73
N ASN K 2 -41.86 -5.13 -36.27
CA ASN K 2 -40.40 -5.09 -36.30
C ASN K 2 -39.83 -4.49 -35.02
N LEU K 3 -38.67 -4.98 -34.61
CA LEU K 3 -38.03 -4.60 -33.34
C LEU K 3 -37.42 -3.19 -33.36
N THR K 4 -36.56 -2.92 -34.33
CA THR K 4 -35.93 -1.60 -34.47
C THR K 4 -36.97 -0.50 -34.66
N GLU K 5 -38.11 -0.87 -35.24
CA GLU K 5 -39.25 0.04 -35.41
C GLU K 5 -39.79 0.46 -34.04
N LEU K 6 -39.79 -0.47 -33.09
CA LEU K 6 -40.27 -0.22 -31.73
C LEU K 6 -39.31 0.69 -30.95
N LYS K 7 -38.10 0.19 -30.73
CA LYS K 7 -37.06 0.91 -29.97
C LYS K 7 -36.88 2.36 -30.41
N ASN K 8 -37.21 2.64 -31.67
CA ASN K 8 -37.02 3.97 -32.25
C ASN K 8 -38.22 4.91 -32.12
N THR K 9 -39.41 4.36 -31.86
CA THR K 9 -40.58 5.18 -31.55
C THR K 9 -40.53 5.63 -30.09
N PRO K 10 -41.02 6.85 -29.81
CA PRO K 10 -41.07 7.39 -28.44
C PRO K 10 -41.74 6.46 -27.43
N VAL K 11 -41.35 6.57 -26.17
CA VAL K 11 -41.80 5.67 -25.10
C VAL K 11 -43.31 5.69 -24.91
N SER K 12 -43.88 6.89 -24.82
CA SER K 12 -45.33 7.07 -24.61
C SER K 12 -46.19 6.24 -25.54
N GLU K 13 -45.76 6.13 -26.80
CA GLU K 13 -46.46 5.35 -27.82
C GLU K 13 -46.34 3.85 -27.57
N LEU K 14 -45.14 3.42 -27.22
CA LEU K 14 -44.87 2.02 -26.89
C LEU K 14 -45.67 1.59 -25.66
N ILE K 15 -45.94 2.55 -24.77
CA ILE K 15 -46.80 2.32 -23.62
C ILE K 15 -48.24 2.10 -24.06
N THR K 16 -48.72 2.93 -25.00
CA THR K 16 -50.08 2.77 -25.55
C THR K 16 -50.18 1.54 -26.45
N LEU K 17 -49.12 1.27 -27.20
CA LEU K 17 -49.05 0.09 -28.07
C LEU K 17 -49.13 -1.18 -27.24
N GLY K 18 -48.62 -1.10 -26.00
CA GLY K 18 -48.79 -2.17 -25.03
C GLY K 18 -50.18 -2.17 -24.42
N GLU K 19 -50.68 -0.97 -24.12
CA GLU K 19 -52.05 -0.80 -23.59
C GLU K 19 -53.09 -1.33 -24.57
N ASN K 20 -52.89 -1.05 -25.85
CA ASN K 20 -53.76 -1.54 -26.93
C ASN K 20 -53.57 -3.04 -27.20
N MET K 21 -52.99 -3.72 -26.22
CA MET K 21 -52.80 -5.17 -26.24
C MET K 21 -53.15 -5.75 -24.87
N GLY K 22 -53.62 -4.89 -23.98
CA GLY K 22 -53.98 -5.28 -22.62
C GLY K 22 -52.81 -5.33 -21.66
N LEU K 23 -51.98 -4.29 -21.69
CA LEU K 23 -50.84 -4.17 -20.77
C LEU K 23 -50.91 -2.87 -19.99
N GLU K 24 -50.82 -2.98 -18.66
CA GLU K 24 -51.17 -1.88 -17.76
C GLU K 24 -50.00 -1.32 -16.94
N ASN K 25 -49.00 -2.15 -16.66
CA ASN K 25 -47.89 -1.78 -15.79
C ASN K 25 -46.66 -1.21 -16.51
N LEU K 26 -46.84 -0.80 -17.77
CA LEU K 26 -45.71 -0.42 -18.63
C LEU K 26 -45.00 0.88 -18.22
N ALA K 27 -45.77 1.85 -17.75
CA ALA K 27 -45.27 3.20 -17.46
C ALA K 27 -44.11 3.23 -16.46
N ARG K 28 -44.12 2.29 -15.52
CA ARG K 28 -43.08 2.24 -14.49
C ARG K 28 -42.04 1.13 -14.69
N MET K 29 -41.74 0.82 -15.95
CA MET K 29 -40.66 -0.07 -16.31
C MET K 29 -39.73 0.63 -17.30
N ARG K 30 -38.48 0.19 -17.36
CA ARG K 30 -37.50 0.76 -18.30
C ARG K 30 -37.91 0.44 -19.73
N LYS K 31 -37.62 1.37 -20.65
CA LYS K 31 -38.02 1.25 -22.06
C LYS K 31 -37.75 -0.15 -22.62
N GLN K 32 -36.60 -0.72 -22.23
CA GLN K 32 -36.14 -2.00 -22.73
C GLN K 32 -36.98 -3.18 -22.21
N ASP K 33 -37.60 -3.00 -21.05
CA ASP K 33 -38.49 -4.01 -20.47
C ASP K 33 -39.83 -4.06 -21.20
N ILE K 34 -40.36 -2.88 -21.52
CA ILE K 34 -41.61 -2.75 -22.29
C ILE K 34 -41.46 -3.40 -23.67
N ILE K 35 -40.33 -3.13 -24.32
CA ILE K 35 -40.03 -3.71 -25.63
C ILE K 35 -39.98 -5.25 -25.54
N PHE K 36 -39.42 -5.76 -24.45
CA PHE K 36 -39.45 -7.19 -24.17
C PHE K 36 -40.85 -7.66 -23.82
N ALA K 37 -41.61 -6.80 -23.13
CA ALA K 37 -42.99 -7.12 -22.72
C ALA K 37 -43.96 -7.13 -23.89
N ILE K 38 -43.75 -6.22 -24.85
CA ILE K 38 -44.55 -6.18 -26.07
C ILE K 38 -44.28 -7.44 -26.92
N LEU K 39 -42.99 -7.76 -27.08
CA LEU K 39 -42.57 -8.95 -27.82
C LEU K 39 -43.05 -10.24 -27.18
N LYS K 40 -42.96 -10.30 -25.85
CA LYS K 40 -43.33 -11.50 -25.08
C LYS K 40 -44.80 -11.88 -25.31
N GLN K 41 -45.65 -10.88 -25.45
CA GLN K 41 -47.08 -11.11 -25.69
C GLN K 41 -47.39 -11.25 -27.18
N HIS K 42 -46.56 -10.63 -28.03
CA HIS K 42 -46.70 -10.77 -29.48
C HIS K 42 -46.37 -12.20 -29.92
N ALA K 43 -46.23 -13.10 -28.95
CA ALA K 43 -46.08 -14.53 -29.21
C ALA K 43 -47.41 -15.11 -29.74
N LYS K 44 -47.84 -14.57 -30.88
CA LYS K 44 -49.09 -14.94 -31.52
C LYS K 44 -48.85 -15.08 -33.03
N SER K 45 -48.15 -14.11 -33.60
CA SER K 45 -47.87 -14.08 -35.03
C SER K 45 -46.43 -14.55 -35.31
N GLY K 46 -46.31 -15.60 -36.13
CA GLY K 46 -45.03 -16.24 -36.40
C GLY K 46 -44.09 -15.44 -37.29
N GLU K 47 -44.33 -15.53 -38.61
CA GLU K 47 -43.53 -14.86 -39.65
C GLU K 47 -43.37 -13.35 -39.49
N ASP K 48 -43.86 -12.80 -38.39
CA ASP K 48 -44.01 -11.36 -38.26
C ASP K 48 -42.90 -10.65 -37.50
N ILE K 49 -42.29 -11.34 -36.54
CA ILE K 49 -41.28 -10.70 -35.70
C ILE K 49 -39.91 -10.63 -36.36
N PHE K 50 -39.42 -9.41 -36.54
CA PHE K 50 -38.07 -9.18 -37.00
C PHE K 50 -37.20 -8.80 -35.83
N GLY K 51 -35.92 -8.65 -36.11
CA GLY K 51 -34.95 -8.19 -35.13
C GLY K 51 -33.68 -7.85 -35.87
N ASP K 52 -32.85 -7.03 -35.25
CA ASP K 52 -31.55 -6.69 -35.81
C ASP K 52 -30.68 -6.02 -34.75
N GLY K 53 -29.39 -5.98 -35.02
CA GLY K 53 -28.46 -5.33 -34.11
C GLY K 53 -27.01 -5.63 -34.42
N VAL K 54 -26.13 -5.09 -33.59
CA VAL K 54 -24.70 -5.32 -33.72
C VAL K 54 -24.27 -6.42 -32.75
N LEU K 55 -23.55 -7.40 -33.28
CA LEU K 55 -23.15 -8.57 -32.51
C LEU K 55 -22.01 -8.29 -31.55
N GLU K 56 -22.19 -8.72 -30.29
CA GLU K 56 -21.12 -8.73 -29.31
C GLU K 56 -20.94 -10.15 -28.79
N ILE K 57 -19.95 -10.85 -29.34
CA ILE K 57 -19.66 -12.22 -28.91
C ILE K 57 -18.95 -12.22 -27.55
N LEU K 58 -19.59 -12.84 -26.57
CA LEU K 58 -19.04 -12.94 -25.22
C LEU K 58 -17.92 -13.98 -25.15
N GLN K 59 -17.38 -14.20 -23.95
CA GLN K 59 -16.24 -15.08 -23.75
C GLN K 59 -16.54 -16.55 -24.05
N ASP K 60 -17.80 -16.94 -23.92
CA ASP K 60 -18.19 -18.34 -24.05
C ASP K 60 -18.74 -18.73 -25.43
N GLY K 61 -18.15 -18.17 -26.49
CA GLY K 61 -18.50 -18.54 -27.87
C GLY K 61 -19.84 -18.01 -28.35
N PHE K 62 -20.72 -17.69 -27.41
CA PHE K 62 -22.04 -17.15 -27.73
C PHE K 62 -22.03 -15.63 -27.60
N GLY K 63 -22.99 -14.97 -28.24
CA GLY K 63 -23.08 -13.51 -28.19
C GLY K 63 -24.49 -12.97 -28.21
N PHE K 64 -24.59 -11.64 -28.23
CA PHE K 64 -25.88 -10.95 -28.30
C PHE K 64 -25.88 -9.89 -29.39
N LEU K 65 -27.05 -9.66 -29.99
CA LEU K 65 -27.22 -8.58 -30.94
C LEU K 65 -27.76 -7.35 -30.24
N ARG K 66 -26.93 -6.31 -30.18
CA ARG K 66 -27.25 -5.09 -29.42
C ARG K 66 -27.61 -3.94 -30.34
N SER K 67 -28.52 -3.08 -29.86
CA SER K 67 -29.02 -1.96 -30.65
C SER K 67 -28.25 -0.68 -30.37
N ALA K 68 -28.11 0.15 -31.41
CA ALA K 68 -27.38 1.41 -31.32
C ALA K 68 -28.18 2.50 -30.59
N ASP K 69 -29.49 2.29 -30.46
CA ASP K 69 -30.38 3.23 -29.79
C ASP K 69 -30.07 3.32 -28.29
N SER K 70 -29.58 2.21 -27.73
CA SER K 70 -29.18 2.16 -26.32
C SER K 70 -27.68 2.33 -26.18
N SER K 71 -27.02 2.77 -27.27
CA SER K 71 -25.57 2.84 -27.34
C SER K 71 -24.93 1.48 -27.00
N TYR K 72 -25.66 0.42 -27.33
CA TYR K 72 -25.26 -0.97 -27.07
C TYR K 72 -25.26 -1.35 -25.57
N LEU K 73 -26.17 -0.76 -24.81
CA LEU K 73 -26.35 -1.15 -23.41
C LEU K 73 -26.99 -2.53 -23.33
N ALA K 74 -26.35 -3.44 -22.61
CA ALA K 74 -26.86 -4.79 -22.43
C ALA K 74 -28.22 -4.76 -21.73
N GLY K 75 -29.25 -5.21 -22.44
CA GLY K 75 -30.61 -5.20 -21.92
C GLY K 75 -31.32 -6.54 -22.08
N PRO K 76 -32.58 -6.59 -21.64
CA PRO K 76 -33.36 -7.83 -21.70
C PRO K 76 -33.87 -8.16 -23.12
N ASP K 77 -33.82 -7.19 -24.02
CA ASP K 77 -34.30 -7.37 -25.39
C ASP K 77 -33.17 -7.43 -26.42
N ASP K 78 -32.08 -8.08 -26.03
CA ASP K 78 -30.95 -8.30 -26.95
C ASP K 78 -31.03 -9.72 -27.50
N ILE K 79 -31.01 -9.82 -28.83
CA ILE K 79 -31.14 -11.11 -29.51
C ILE K 79 -29.94 -12.01 -29.18
N TYR K 80 -30.23 -13.10 -28.46
CA TYR K 80 -29.22 -14.11 -28.15
C TYR K 80 -28.78 -14.82 -29.42
N VAL K 81 -27.47 -15.01 -29.56
CA VAL K 81 -26.90 -15.79 -30.66
C VAL K 81 -26.13 -16.97 -30.11
N SER K 82 -26.36 -18.16 -30.69
CA SER K 82 -25.72 -19.39 -30.25
C SER K 82 -24.35 -19.60 -30.89
N PRO K 83 -23.44 -20.28 -30.19
CA PRO K 83 -22.10 -20.57 -30.70
C PRO K 83 -22.11 -21.35 -32.01
N SER K 84 -23.22 -22.01 -32.31
CA SER K 84 -23.38 -22.76 -33.55
C SER K 84 -23.67 -21.84 -34.74
N GLN K 85 -24.43 -20.78 -34.48
CA GLN K 85 -24.74 -19.78 -35.51
C GLN K 85 -23.53 -18.91 -35.82
N ILE K 86 -22.71 -18.64 -34.81
CA ILE K 86 -21.45 -17.92 -34.95
C ILE K 86 -20.56 -18.62 -35.97
N ARG K 87 -20.60 -19.95 -35.97
CA ARG K 87 -19.75 -20.78 -36.82
C ARG K 87 -20.39 -21.17 -38.15
N ARG K 88 -21.72 -21.07 -38.23
CA ARG K 88 -22.44 -21.34 -39.48
C ARG K 88 -22.22 -20.22 -40.50
N PHE K 89 -22.21 -18.97 -40.02
CA PHE K 89 -22.08 -17.82 -40.90
C PHE K 89 -20.80 -17.00 -40.67
N ASN K 90 -19.90 -17.56 -39.87
CA ASN K 90 -18.59 -16.95 -39.59
C ASN K 90 -18.70 -15.56 -38.97
N LEU K 91 -19.64 -15.41 -38.06
CA LEU K 91 -19.95 -14.12 -37.45
C LEU K 91 -18.90 -13.68 -36.45
N ARG K 92 -18.56 -12.39 -36.49
CA ARG K 92 -17.63 -11.78 -35.56
C ARG K 92 -18.30 -10.61 -34.86
N THR K 93 -17.63 -10.00 -33.87
CA THR K 93 -18.17 -8.84 -33.18
C THR K 93 -18.14 -7.62 -34.11
N GLY K 94 -19.15 -6.76 -33.99
CA GLY K 94 -19.28 -5.61 -34.88
C GLY K 94 -20.13 -5.93 -36.10
N ASP K 95 -20.39 -7.22 -36.31
CA ASP K 95 -21.23 -7.68 -37.41
C ASP K 95 -22.69 -7.30 -37.19
N THR K 96 -23.23 -6.56 -38.15
CA THR K 96 -24.63 -6.15 -38.12
C THR K 96 -25.47 -7.27 -38.72
N ILE K 97 -26.54 -7.65 -38.01
CA ILE K 97 -27.39 -8.76 -38.46
C ILE K 97 -28.86 -8.36 -38.46
N SER K 98 -29.54 -8.65 -39.57
CA SER K 98 -30.99 -8.50 -39.67
C SER K 98 -31.60 -9.89 -39.87
N GLY K 99 -32.79 -10.09 -39.30
CA GLY K 99 -33.48 -11.37 -39.48
C GLY K 99 -34.58 -11.70 -38.49
N LYS K 100 -35.14 -12.90 -38.66
CA LYS K 100 -36.24 -13.38 -37.83
C LYS K 100 -35.72 -13.86 -36.49
N ILE K 101 -36.43 -13.47 -35.43
CA ILE K 101 -36.06 -13.85 -34.07
C ILE K 101 -37.17 -14.63 -33.40
N ARG K 102 -36.83 -15.76 -32.79
CA ARG K 102 -37.82 -16.58 -32.09
C ARG K 102 -37.84 -16.28 -30.58
N PRO K 103 -39.04 -16.32 -29.99
CA PRO K 103 -39.23 -16.00 -28.57
C PRO K 103 -38.56 -17.02 -27.64
N PRO K 104 -38.45 -16.70 -26.35
CA PRO K 104 -37.83 -17.60 -25.38
C PRO K 104 -38.72 -18.81 -25.09
N LYS K 105 -38.11 -19.98 -24.98
CA LYS K 105 -38.79 -21.18 -24.51
C LYS K 105 -38.75 -21.20 -22.98
N GLU K 106 -38.93 -22.37 -22.39
CA GLU K 106 -38.84 -22.51 -20.94
C GLU K 106 -37.38 -22.65 -20.49
N GLY K 107 -36.99 -21.83 -19.52
CA GLY K 107 -35.60 -21.74 -19.09
C GLY K 107 -34.81 -20.79 -19.97
N GLU K 108 -35.47 -20.25 -20.99
CA GLU K 108 -34.85 -19.27 -21.89
C GLU K 108 -35.13 -17.85 -21.42
N ARG K 109 -34.07 -17.06 -21.33
CA ARG K 109 -34.14 -15.71 -20.80
C ARG K 109 -34.25 -14.69 -21.94
N TYR K 110 -33.71 -15.03 -23.10
CA TYR K 110 -33.66 -14.10 -24.23
C TYR K 110 -34.34 -14.62 -25.49
N PHE K 111 -34.50 -13.71 -26.46
CA PHE K 111 -34.95 -14.04 -27.80
C PHE K 111 -33.73 -14.50 -28.61
N ALA K 112 -33.86 -15.67 -29.23
CA ALA K 112 -32.78 -16.21 -30.06
C ALA K 112 -33.02 -15.88 -31.53
N LEU K 113 -31.92 -15.70 -32.27
CA LEU K 113 -31.99 -15.49 -33.71
C LEU K 113 -32.44 -16.79 -34.39
N LEU K 114 -33.51 -16.70 -35.16
CA LEU K 114 -34.08 -17.89 -35.82
C LEU K 114 -33.57 -18.04 -37.24
N LYS K 115 -33.72 -17.00 -38.05
CA LYS K 115 -33.25 -17.01 -39.44
C LYS K 115 -32.51 -15.71 -39.77
N VAL K 116 -31.32 -15.86 -40.33
CA VAL K 116 -30.48 -14.71 -40.68
C VAL K 116 -30.83 -14.20 -42.07
N ASN K 117 -31.60 -13.10 -42.11
CA ASN K 117 -31.99 -12.47 -43.38
C ASN K 117 -30.82 -11.80 -44.08
N GLU K 118 -29.98 -11.11 -43.30
CA GLU K 118 -28.88 -10.32 -43.86
C GLU K 118 -27.74 -10.09 -42.86
N VAL K 119 -26.52 -10.21 -43.35
CA VAL K 119 -25.31 -9.90 -42.57
C VAL K 119 -24.58 -8.72 -43.22
N ASN K 120 -24.28 -7.71 -42.41
CA ASN K 120 -23.56 -6.50 -42.86
C ASN K 120 -24.13 -5.88 -44.15
N PHE K 121 -25.46 -5.94 -44.28
CA PHE K 121 -26.18 -5.45 -45.47
C PHE K 121 -25.70 -6.11 -46.76
N ASP K 122 -25.54 -7.43 -46.72
CA ASP K 122 -25.06 -8.21 -47.86
C ASP K 122 -25.54 -9.65 -47.72
N LYS K 123 -25.49 -10.40 -48.83
CA LYS K 123 -25.83 -11.83 -48.83
C LYS K 123 -25.14 -12.53 -47.66
N PRO K 124 -25.93 -13.08 -46.74
CA PRO K 124 -25.44 -13.60 -45.45
C PRO K 124 -24.37 -14.70 -45.53
N GLU K 125 -23.95 -15.05 -46.75
CA GLU K 125 -22.94 -16.10 -46.94
C GLU K 125 -21.53 -15.55 -47.18
N ASN K 126 -21.42 -14.23 -47.27
CA ASN K 126 -20.15 -13.58 -47.56
C ASN K 126 -19.62 -12.79 -46.36
N ASN K 129 -14.57 -12.12 -46.91
CA ASN K 129 -14.18 -10.73 -46.66
C ASN K 129 -12.84 -10.62 -45.94
N LYS K 130 -11.85 -10.06 -46.64
CA LYS K 130 -10.53 -9.84 -46.06
C LYS K 130 -10.59 -8.85 -44.91
N ILE K 131 -10.17 -9.31 -43.74
CA ILE K 131 -10.27 -8.55 -42.50
C ILE K 131 -9.45 -7.26 -42.54
N LEU K 132 -9.90 -6.24 -41.80
CA LEU K 132 -9.24 -4.93 -41.77
C LEU K 132 -7.74 -5.01 -41.44
N PHE K 133 -7.37 -6.04 -40.68
CA PHE K 133 -6.03 -6.18 -40.15
C PHE K 133 -4.95 -6.53 -41.20
N GLU K 134 -5.38 -6.92 -42.40
CA GLU K 134 -4.44 -7.12 -43.51
C GLU K 134 -4.73 -6.26 -44.74
N ASN K 135 -5.79 -5.46 -44.67
CA ASN K 135 -6.05 -4.43 -45.67
C ASN K 135 -4.91 -3.41 -45.66
N LEU K 136 -4.45 -3.02 -46.85
CA LEU K 136 -3.29 -2.14 -46.96
C LEU K 136 -3.52 -0.74 -46.40
N THR K 137 -2.44 -0.12 -45.93
CA THR K 137 -2.52 1.13 -45.19
C THR K 137 -1.67 2.24 -45.84
N PRO K 138 -2.18 2.88 -46.89
CA PRO K 138 -1.49 4.00 -47.53
C PRO K 138 -1.76 5.33 -46.83
N LEU K 139 -1.07 6.38 -47.25
CA LEU K 139 -1.14 7.69 -46.61
C LEU K 139 -2.50 8.39 -46.69
N HIS K 140 -3.54 7.64 -47.04
CA HIS K 140 -4.95 8.03 -46.85
C HIS K 140 -5.34 9.42 -47.38
N ALA K 141 -4.42 10.09 -48.05
CA ALA K 141 -4.59 11.48 -48.39
C ALA K 141 -5.36 11.72 -49.70
N ASN K 142 -5.56 10.67 -50.49
CA ASN K 142 -6.44 10.79 -51.65
C ASN K 142 -7.91 10.72 -51.24
N SER K 143 -8.76 11.41 -52.01
CA SER K 143 -10.20 11.52 -51.73
C SER K 143 -10.50 12.50 -50.58
N ARG K 144 -10.39 13.78 -50.89
CA ARG K 144 -10.61 14.87 -49.93
C ARG K 144 -12.08 15.02 -49.55
N LEU K 145 -12.33 15.36 -48.29
CA LEU K 145 -13.65 15.79 -47.84
C LEU K 145 -13.63 17.28 -47.49
N ARG K 146 -14.19 18.08 -48.39
CA ARG K 146 -14.21 19.53 -48.25
C ARG K 146 -15.33 19.96 -47.30
N MET K 147 -15.01 20.88 -46.40
CA MET K 147 -15.95 21.34 -45.38
C MET K 147 -16.58 22.68 -45.77
N GLY K 152 -23.99 29.38 -48.09
CA GLY K 152 -23.00 30.31 -47.57
C GLY K 152 -23.43 30.95 -46.26
N SER K 153 -23.70 30.12 -45.26
CA SER K 153 -24.16 30.59 -43.94
C SER K 153 -23.00 31.07 -43.07
N THR K 154 -23.25 31.14 -41.75
CA THR K 154 -22.25 31.59 -40.78
C THR K 154 -21.53 30.43 -40.09
N GLU K 155 -22.11 29.24 -40.15
CA GLU K 155 -21.45 28.03 -39.67
C GLU K 155 -20.46 27.54 -40.71
N ASP K 156 -20.72 27.89 -41.96
CA ASP K 156 -19.81 27.61 -43.06
C ASP K 156 -18.48 28.33 -42.87
N LEU K 157 -18.50 29.41 -42.08
CA LEU K 157 -17.30 30.17 -41.74
C LEU K 157 -16.22 29.29 -41.10
N THR K 158 -16.60 28.53 -40.07
CA THR K 158 -15.69 27.59 -39.41
C THR K 158 -15.18 26.54 -40.39
N ALA K 159 -16.11 25.91 -41.10
CA ALA K 159 -15.80 24.86 -42.08
C ALA K 159 -14.84 25.35 -43.17
N ARG K 160 -14.83 26.67 -43.38
CA ARG K 160 -13.98 27.28 -44.40
C ARG K 160 -12.60 27.64 -43.87
N VAL K 161 -12.54 28.14 -42.63
CA VAL K 161 -11.27 28.31 -41.92
C VAL K 161 -10.59 26.95 -41.85
N LEU K 162 -11.37 25.93 -41.50
CA LEU K 162 -10.91 24.56 -41.36
C LEU K 162 -10.37 23.98 -42.67
N ASP K 163 -11.10 24.21 -43.77
CA ASP K 163 -10.68 23.76 -45.09
C ASP K 163 -9.31 24.29 -45.49
N LEU K 164 -9.06 25.56 -45.16
CA LEU K 164 -7.79 26.21 -45.45
C LEU K 164 -6.74 25.87 -44.41
N ALA K 165 -7.17 25.76 -43.16
CA ALA K 165 -6.26 25.47 -42.04
C ALA K 165 -5.81 24.01 -42.05
N SER K 166 -6.76 23.10 -41.89
CA SER K 166 -6.45 21.67 -41.84
C SER K 166 -7.47 20.83 -42.61
N PRO K 167 -7.29 20.71 -43.92
CA PRO K 167 -8.15 19.84 -44.75
C PRO K 167 -8.18 18.38 -44.29
N ILE K 168 -9.29 17.70 -44.55
CA ILE K 168 -9.49 16.32 -44.10
C ILE K 168 -9.86 15.41 -45.28
N GLY K 169 -9.28 14.21 -45.29
CA GLY K 169 -9.54 13.23 -46.34
C GLY K 169 -10.12 11.93 -45.82
N ARG K 170 -10.29 10.97 -46.72
CA ARG K 170 -10.96 9.72 -46.42
C ARG K 170 -9.98 8.71 -45.81
N GLY K 171 -10.17 8.44 -44.51
CA GLY K 171 -9.28 7.54 -43.78
C GLY K 171 -8.26 8.28 -42.93
N GLN K 172 -8.58 9.53 -42.58
CA GLN K 172 -7.69 10.38 -41.81
C GLN K 172 -7.74 10.10 -40.31
N ARG K 173 -6.65 10.47 -39.63
CA ARG K 173 -6.55 10.31 -38.18
C ARG K 173 -6.20 11.67 -37.57
N GLY K 174 -7.22 12.47 -37.33
CA GLY K 174 -7.05 13.84 -36.83
C GLY K 174 -7.24 13.98 -35.33
N LEU K 175 -6.48 14.87 -34.73
CA LEU K 175 -6.53 15.10 -33.29
C LEU K 175 -6.91 16.54 -32.97
N ILE K 176 -8.19 16.77 -32.67
CA ILE K 176 -8.68 18.09 -32.32
C ILE K 176 -8.25 18.46 -30.88
N VAL K 177 -7.23 19.30 -30.79
CA VAL K 177 -6.73 19.75 -29.49
C VAL K 177 -7.58 20.92 -28.99
N ALA K 178 -8.12 20.80 -27.78
CA ALA K 178 -9.04 21.79 -27.24
C ALA K 178 -8.95 21.97 -25.71
N PRO K 179 -8.72 23.21 -25.27
CA PRO K 179 -8.86 23.56 -23.86
C PRO K 179 -10.33 23.65 -23.47
N PRO K 180 -10.63 23.68 -22.16
CA PRO K 180 -12.01 23.74 -21.69
C PRO K 180 -12.78 24.98 -22.17
N LYS K 181 -14.01 24.78 -22.63
CA LYS K 181 -14.90 25.86 -23.10
C LYS K 181 -14.25 26.73 -24.18
N ALA K 182 -14.17 26.20 -25.40
CA ALA K 182 -13.50 26.90 -26.50
C ALA K 182 -14.11 26.60 -27.87
N GLY K 183 -15.28 25.95 -27.88
CA GLY K 183 -15.96 25.61 -29.12
C GLY K 183 -15.51 24.28 -29.68
N LYS K 184 -15.44 23.29 -28.81
CA LYS K 184 -15.06 21.93 -29.19
C LYS K 184 -16.29 21.14 -29.62
N THR K 185 -17.35 21.24 -28.83
CA THR K 185 -18.62 20.56 -29.12
C THR K 185 -19.27 21.09 -30.38
N MET K 186 -19.29 22.42 -30.53
CA MET K 186 -19.87 23.06 -31.72
C MET K 186 -19.08 22.80 -32.99
N LEU K 187 -17.75 22.66 -32.84
CA LEU K 187 -16.88 22.33 -33.96
C LEU K 187 -17.20 20.95 -34.54
N LEU K 188 -17.42 19.98 -33.66
CA LEU K 188 -17.77 18.62 -34.06
C LEU K 188 -19.15 18.55 -34.71
N GLN K 189 -20.10 19.32 -34.17
CA GLN K 189 -21.44 19.42 -34.72
C GLN K 189 -21.42 20.07 -36.11
N ASN K 190 -20.51 21.01 -36.28
CA ASN K 190 -20.26 21.65 -37.57
C ASN K 190 -19.77 20.64 -38.59
N ILE K 191 -18.85 19.77 -38.17
CA ILE K 191 -18.34 18.69 -39.01
C ILE K 191 -19.45 17.68 -39.31
N ALA K 192 -20.28 17.40 -38.29
CA ALA K 192 -21.41 16.48 -38.43
C ALA K 192 -22.32 16.86 -39.60
N GLN K 193 -22.65 18.15 -39.69
CA GLN K 193 -23.41 18.68 -40.82
C GLN K 193 -22.59 18.60 -42.10
N SER K 194 -21.36 19.11 -42.04
CA SER K 194 -20.46 19.17 -43.19
C SER K 194 -20.10 17.78 -43.73
N ILE K 195 -20.39 16.73 -42.94
CA ILE K 195 -20.23 15.35 -43.38
C ILE K 195 -21.57 14.77 -43.83
N ALA K 196 -22.66 15.21 -43.21
CA ALA K 196 -24.01 14.74 -43.58
C ALA K 196 -24.54 15.44 -44.83
N TYR K 197 -24.37 16.76 -44.88
CA TYR K 197 -24.82 17.56 -46.02
C TYR K 197 -23.92 17.31 -47.24
N ASN K 198 -22.62 17.50 -47.06
CA ASN K 198 -21.65 17.43 -48.17
C ASN K 198 -21.27 16.02 -48.62
N HIS K 199 -21.11 15.12 -47.65
CA HIS K 199 -20.62 13.77 -47.97
C HIS K 199 -21.52 12.65 -47.42
N PRO K 200 -22.75 12.55 -47.93
CA PRO K 200 -23.72 11.56 -47.42
C PRO K 200 -23.42 10.14 -47.89
N ASP K 201 -22.34 9.98 -48.64
CA ASP K 201 -21.89 8.69 -49.13
C ASP K 201 -21.19 7.88 -48.03
N CYS K 202 -20.44 8.57 -47.18
CA CYS K 202 -19.74 7.96 -46.06
C CYS K 202 -20.70 7.65 -44.92
N VAL K 203 -20.40 6.59 -44.17
CA VAL K 203 -21.16 6.27 -42.96
C VAL K 203 -20.60 7.08 -41.79
N LEU K 204 -21.47 7.81 -41.11
CA LEU K 204 -21.05 8.67 -40.01
C LEU K 204 -21.35 8.04 -38.64
N MET K 205 -20.31 7.96 -37.81
CA MET K 205 -20.42 7.40 -36.46
C MET K 205 -19.87 8.40 -35.45
N VAL K 206 -20.76 8.97 -34.64
CA VAL K 206 -20.37 9.91 -33.59
C VAL K 206 -20.27 9.19 -32.26
N LEU K 207 -19.07 9.22 -31.67
CA LEU K 207 -18.83 8.55 -30.41
C LEU K 207 -18.53 9.53 -29.27
N LEU K 208 -19.45 9.59 -28.31
CA LEU K 208 -19.31 10.44 -27.14
C LEU K 208 -19.01 9.59 -25.91
N ILE K 209 -17.78 9.69 -25.41
CA ILE K 209 -17.27 8.71 -24.43
C ILE K 209 -17.63 8.97 -22.96
N ASP K 210 -17.69 10.23 -22.54
CA ASP K 210 -17.92 10.52 -21.12
C ASP K 210 -18.89 11.69 -20.91
N GLU K 211 -19.80 11.88 -21.86
CA GLU K 211 -20.63 13.08 -21.95
C GLU K 211 -21.67 13.24 -20.85
N ARG K 212 -22.10 14.50 -20.65
CA ARG K 212 -23.22 14.81 -19.77
C ARG K 212 -24.53 14.43 -20.48
N PRO K 213 -25.45 13.79 -19.74
CA PRO K 213 -26.70 13.26 -20.32
C PRO K 213 -27.47 14.21 -21.24
N GLU K 214 -27.40 15.51 -20.93
CA GLU K 214 -28.09 16.53 -21.73
C GLU K 214 -27.32 16.87 -23.01
N GLU K 215 -25.99 16.85 -22.92
CA GLU K 215 -25.13 17.09 -24.07
C GLU K 215 -25.26 15.94 -25.08
N VAL K 216 -25.79 14.82 -24.61
CA VAL K 216 -26.05 13.64 -25.44
C VAL K 216 -27.27 13.86 -26.34
N THR K 217 -28.42 14.15 -25.74
CA THR K 217 -29.67 14.30 -26.49
C THR K 217 -29.65 15.49 -27.45
N GLU K 218 -28.81 16.48 -27.16
CA GLU K 218 -28.58 17.60 -28.07
C GLU K 218 -27.86 17.12 -29.32
N MET K 219 -26.78 16.35 -29.12
CA MET K 219 -26.01 15.78 -30.21
C MET K 219 -26.80 14.70 -30.95
N GLN K 220 -27.56 13.93 -30.19
CA GLN K 220 -28.38 12.84 -30.72
C GLN K 220 -29.42 13.35 -31.73
N ARG K 221 -29.66 14.65 -31.71
CA ARG K 221 -30.65 15.30 -32.58
C ARG K 221 -30.01 16.00 -33.79
N LEU K 222 -28.96 16.78 -33.53
CA LEU K 222 -28.35 17.62 -34.56
C LEU K 222 -27.44 16.83 -35.51
N VAL K 223 -27.41 15.50 -35.34
CA VAL K 223 -26.54 14.65 -36.15
C VAL K 223 -27.33 13.64 -37.00
N LYS K 224 -27.11 13.71 -38.32
CA LYS K 224 -27.67 12.74 -39.25
C LYS K 224 -26.69 11.58 -39.42
N GLY K 225 -26.77 10.62 -38.50
CA GLY K 225 -25.88 9.47 -38.47
C GLY K 225 -26.12 8.66 -37.21
N GLU K 226 -25.10 7.91 -36.78
CA GLU K 226 -25.22 7.11 -35.56
C GLU K 226 -24.47 7.77 -34.41
N VAL K 227 -25.23 8.25 -33.43
CA VAL K 227 -24.65 8.87 -32.23
C VAL K 227 -24.64 7.86 -31.09
N VAL K 228 -23.44 7.38 -30.76
CA VAL K 228 -23.25 6.40 -29.69
C VAL K 228 -22.58 7.10 -28.51
N ALA K 229 -23.17 6.97 -27.32
CA ALA K 229 -22.71 7.74 -26.17
C ALA K 229 -22.81 6.99 -24.84
N SER K 230 -21.78 7.14 -24.02
CA SER K 230 -21.83 6.72 -22.62
C SER K 230 -21.69 7.94 -21.72
N THR K 231 -22.59 8.04 -20.74
CA THR K 231 -22.64 9.19 -19.84
C THR K 231 -21.64 9.04 -18.69
N PHE K 232 -21.34 10.16 -18.02
CA PHE K 232 -20.35 10.16 -16.94
C PHE K 232 -20.79 9.36 -15.71
N ASP K 233 -22.10 9.16 -15.56
CA ASP K 233 -22.66 8.41 -14.44
C ASP K 233 -22.74 6.91 -14.72
N GLU K 234 -21.93 6.44 -15.67
CA GLU K 234 -21.85 5.03 -16.02
C GLU K 234 -20.46 4.48 -15.66
N PRO K 235 -20.37 3.17 -15.40
CA PRO K 235 -19.09 2.55 -15.04
C PRO K 235 -18.03 2.70 -16.12
N ALA K 236 -16.77 2.55 -15.74
CA ALA K 236 -15.64 2.65 -16.67
C ALA K 236 -15.67 1.52 -17.71
N SER K 237 -16.24 0.39 -17.31
CA SER K 237 -16.41 -0.75 -18.21
C SER K 237 -17.29 -0.41 -19.40
N ARG K 238 -18.29 0.44 -19.17
CA ARG K 238 -19.22 0.87 -20.21
C ARG K 238 -18.53 1.72 -21.27
N HIS K 239 -17.78 2.73 -20.83
CA HIS K 239 -17.03 3.60 -21.75
C HIS K 239 -16.18 2.76 -22.69
N VAL K 240 -15.45 1.79 -22.12
CA VAL K 240 -14.65 0.84 -22.87
C VAL K 240 -15.51 0.10 -23.90
N GLN K 241 -16.59 -0.52 -23.42
CA GLN K 241 -17.48 -1.32 -24.27
C GLN K 241 -18.01 -0.54 -25.47
N VAL K 242 -18.61 0.62 -25.19
CA VAL K 242 -19.17 1.50 -26.21
C VAL K 242 -18.16 1.80 -27.33
N ALA K 243 -16.94 2.14 -26.93
CA ALA K 243 -15.87 2.45 -27.88
C ALA K 243 -15.47 1.24 -28.73
N GLU K 244 -15.42 0.07 -28.11
CA GLU K 244 -15.01 -1.15 -28.80
C GLU K 244 -16.08 -1.65 -29.76
N MET K 245 -17.35 -1.48 -29.39
CA MET K 245 -18.47 -1.88 -30.24
C MET K 245 -18.53 -1.04 -31.51
N VAL K 246 -18.11 0.21 -31.40
CA VAL K 246 -18.11 1.13 -32.53
C VAL K 246 -16.98 0.80 -33.51
N ILE K 247 -15.75 0.73 -33.02
CA ILE K 247 -14.58 0.50 -33.87
C ILE K 247 -14.62 -0.85 -34.58
N GLU K 248 -15.25 -1.84 -33.94
CA GLU K 248 -15.42 -3.17 -34.55
C GLU K 248 -16.51 -3.15 -35.61
N LYS K 249 -17.65 -2.52 -35.29
CA LYS K 249 -18.71 -2.29 -36.29
C LYS K 249 -18.16 -1.47 -37.45
N ALA K 250 -17.24 -0.57 -37.13
CA ALA K 250 -16.58 0.26 -38.14
C ALA K 250 -15.61 -0.56 -39.00
N LYS K 251 -14.91 -1.51 -38.37
CA LYS K 251 -13.97 -2.38 -39.08
C LYS K 251 -14.67 -3.27 -40.11
N ARG K 252 -15.81 -3.82 -39.73
CA ARG K 252 -16.57 -4.75 -40.59
C ARG K 252 -17.19 -4.04 -41.79
N LEU K 253 -17.48 -2.75 -41.63
CA LEU K 253 -18.07 -1.97 -42.72
C LEU K 253 -17.04 -1.58 -43.77
N VAL K 254 -15.82 -1.25 -43.33
CA VAL K 254 -14.71 -0.97 -44.24
C VAL K 254 -14.25 -2.27 -44.91
N GLU K 255 -14.56 -3.40 -44.28
CA GLU K 255 -14.36 -4.72 -44.87
C GLU K 255 -15.27 -4.97 -46.07
N HIS K 256 -16.31 -4.14 -46.19
CA HIS K 256 -17.20 -4.15 -47.36
C HIS K 256 -16.93 -2.93 -48.24
N LYS K 257 -15.68 -2.44 -48.19
CA LYS K 257 -15.19 -1.32 -49.02
C LYS K 257 -15.88 0.03 -48.77
N LYS K 258 -16.57 0.15 -47.63
CA LYS K 258 -17.24 1.40 -47.28
C LYS K 258 -16.27 2.41 -46.65
N ASP K 259 -16.65 3.68 -46.73
CA ASP K 259 -15.91 4.75 -46.05
C ASP K 259 -16.66 5.14 -44.78
N VAL K 260 -16.03 4.89 -43.63
CA VAL K 260 -16.69 5.14 -42.34
C VAL K 260 -15.97 6.25 -41.57
N ILE K 261 -16.76 7.20 -41.05
CA ILE K 261 -16.22 8.33 -40.30
C ILE K 261 -16.63 8.26 -38.83
N ILE K 262 -15.64 8.34 -37.95
CA ILE K 262 -15.90 8.39 -36.51
C ILE K 262 -15.51 9.73 -35.93
N LEU K 263 -16.50 10.42 -35.36
CA LEU K 263 -16.25 11.66 -34.62
C LEU K 263 -16.27 11.34 -33.13
N LEU K 264 -15.09 11.20 -32.55
CA LEU K 264 -14.95 10.79 -31.15
C LEU K 264 -14.72 11.99 -30.24
N ASP K 265 -15.50 12.06 -29.16
CA ASP K 265 -15.31 13.10 -28.17
C ASP K 265 -14.41 12.60 -27.05
N SER K 266 -13.22 13.20 -26.97
CA SER K 266 -12.17 12.84 -26.01
C SER K 266 -11.70 11.39 -26.08
N ILE K 267 -10.62 11.17 -26.83
CA ILE K 267 -9.85 9.93 -26.78
C ILE K 267 -9.14 9.87 -25.43
N THR K 268 -8.92 11.03 -24.83
CA THR K 268 -8.36 11.15 -23.50
C THR K 268 -9.31 10.60 -22.43
N ARG K 269 -10.60 10.90 -22.56
CA ARG K 269 -11.60 10.32 -21.66
C ARG K 269 -11.76 8.82 -21.90
N LEU K 270 -11.49 8.38 -23.13
CA LEU K 270 -11.46 6.97 -23.46
C LEU K 270 -10.23 6.31 -22.84
N ALA K 271 -9.13 7.05 -22.79
CA ALA K 271 -7.90 6.57 -22.16
C ALA K 271 -8.04 6.48 -20.64
N ARG K 272 -8.86 7.37 -20.07
CA ARG K 272 -9.19 7.34 -18.64
C ARG K 272 -9.88 6.02 -18.28
N ALA K 273 -10.76 5.57 -19.18
CA ALA K 273 -11.54 4.36 -18.96
C ALA K 273 -10.68 3.10 -18.94
N TYR K 274 -9.92 2.88 -20.01
CA TYR K 274 -9.01 1.74 -20.10
C TYR K 274 -8.03 1.72 -18.94
N ASN K 275 -7.63 2.90 -18.49
CA ASN K 275 -6.69 3.04 -17.37
C ASN K 275 -7.20 2.42 -16.07
N THR K 276 -8.46 2.65 -15.75
CA THR K 276 -9.05 2.09 -14.53
C THR K 276 -9.52 0.65 -14.76
N VAL K 277 -9.88 0.33 -16.01
CA VAL K 277 -10.37 -1.00 -16.35
C VAL K 277 -9.24 -2.04 -16.44
N VAL K 278 -8.14 -1.67 -17.09
CA VAL K 278 -7.04 -2.60 -17.34
C VAL K 278 -6.33 -3.01 -16.04
N PRO K 279 -6.06 -4.32 -15.89
CA PRO K 279 -5.21 -4.81 -14.81
C PRO K 279 -3.81 -4.19 -14.87
N ALA K 280 -3.28 -3.86 -13.68
CA ALA K 280 -1.99 -3.18 -13.57
C ALA K 280 -0.84 -4.00 -14.14
N LEU K 285 3.38 3.26 -13.46
CA LEU K 285 2.58 4.46 -13.73
C LEU K 285 3.49 5.65 -14.03
N THR K 286 3.01 6.58 -14.86
CA THR K 286 3.81 7.72 -15.31
C THR K 286 3.40 9.05 -14.68
N GLY K 287 2.09 9.26 -14.58
CA GLY K 287 1.53 10.45 -13.92
C GLY K 287 0.18 10.16 -13.32
N GLY K 288 0.06 8.96 -12.73
CA GLY K 288 -1.22 8.45 -12.25
C GLY K 288 -1.82 7.45 -13.22
N VAL K 289 -1.23 7.36 -14.41
CA VAL K 289 -1.71 6.47 -15.46
C VAL K 289 -0.71 5.35 -15.78
N ASP K 290 -1.21 4.12 -15.77
CA ASP K 290 -0.41 2.92 -16.05
C ASP K 290 0.18 2.96 -17.46
N ALA K 291 1.40 2.42 -17.60
CA ALA K 291 2.11 2.41 -18.87
C ALA K 291 1.50 1.41 -19.86
N ASN K 292 1.09 0.26 -19.35
CA ASN K 292 0.50 -0.80 -20.17
C ASN K 292 -0.95 -0.50 -20.56
N ALA K 293 -1.54 0.51 -19.91
CA ALA K 293 -2.95 0.88 -20.11
C ALA K 293 -3.23 1.48 -21.48
N LEU K 294 -2.41 2.46 -21.87
CA LEU K 294 -2.64 3.27 -23.07
C LEU K 294 -2.50 2.49 -24.38
N HIS K 295 -2.20 1.19 -24.27
CA HIS K 295 -2.04 0.31 -25.43
C HIS K 295 -3.36 0.16 -26.22
N ARG K 296 -4.47 0.01 -25.49
CA ARG K 296 -5.78 -0.18 -26.12
C ARG K 296 -6.32 1.06 -26.85
N PRO K 297 -6.24 2.24 -26.23
CA PRO K 297 -6.62 3.50 -26.91
C PRO K 297 -5.82 3.79 -28.19
N LYS K 298 -4.51 3.55 -28.15
CA LYS K 298 -3.66 3.76 -29.32
C LYS K 298 -4.03 2.82 -30.46
N ARG K 299 -4.52 1.63 -30.11
CA ARG K 299 -5.07 0.68 -31.07
C ARG K 299 -6.31 1.24 -31.76
N PHE K 300 -7.24 1.77 -30.95
CA PHE K 300 -8.48 2.36 -31.43
C PHE K 300 -8.21 3.50 -32.42
N PHE K 301 -7.39 4.46 -31.98
CA PHE K 301 -7.02 5.61 -32.79
C PHE K 301 -6.26 5.16 -34.04
N GLY K 302 -5.22 4.35 -33.84
CA GLY K 302 -4.36 3.89 -34.93
C GLY K 302 -5.06 3.13 -36.05
N ALA K 303 -6.27 2.65 -35.76
CA ALA K 303 -7.07 1.90 -36.74
C ALA K 303 -7.52 2.76 -37.92
N ALA K 304 -7.46 4.08 -37.74
CA ALA K 304 -7.83 5.03 -38.79
C ALA K 304 -6.87 4.97 -39.97
N ARG K 305 -7.40 4.67 -41.15
CA ARG K 305 -6.58 4.41 -42.34
C ARG K 305 -7.40 4.50 -43.62
N ASN K 306 -6.75 4.90 -44.71
CA ASN K 306 -7.30 4.66 -46.04
C ASN K 306 -6.98 3.22 -46.41
N VAL K 307 -7.93 2.56 -47.06
CA VAL K 307 -7.74 1.18 -47.48
C VAL K 307 -7.55 1.14 -48.99
N GLU K 308 -6.37 0.70 -49.42
CA GLU K 308 -6.01 0.63 -50.84
C GLU K 308 -6.92 -0.32 -51.60
N GLU K 309 -7.36 -1.38 -50.92
CA GLU K 309 -8.26 -2.38 -51.50
C GLU K 309 -9.74 -1.97 -51.39
N GLY K 310 -9.98 -0.67 -51.26
CA GLY K 310 -11.34 -0.13 -51.27
C GLY K 310 -11.83 0.27 -49.89
N GLY K 311 -12.25 1.53 -49.75
CA GLY K 311 -12.78 2.03 -48.50
C GLY K 311 -11.75 2.74 -47.63
N SER K 312 -12.16 3.10 -46.41
CA SER K 312 -11.30 3.80 -45.45
C SER K 312 -12.02 4.00 -44.12
N LEU K 313 -11.24 4.07 -43.05
CA LEU K 313 -11.76 4.44 -41.74
C LEU K 313 -11.10 5.72 -41.26
N THR K 314 -11.89 6.76 -41.07
CA THR K 314 -11.38 8.05 -40.58
C THR K 314 -11.88 8.40 -39.18
N ILE K 315 -10.94 8.76 -38.32
CA ILE K 315 -11.26 9.13 -36.93
C ILE K 315 -10.73 10.53 -36.63
N ILE K 316 -11.65 11.43 -36.26
CA ILE K 316 -11.27 12.75 -35.78
C ILE K 316 -11.71 12.89 -34.32
N ALA K 317 -10.77 12.62 -33.42
CA ALA K 317 -11.05 12.63 -31.99
C ALA K 317 -10.53 13.89 -31.32
N THR K 318 -11.21 14.32 -30.26
CA THR K 318 -10.81 15.52 -29.52
C THR K 318 -9.82 15.19 -28.40
N ALA K 319 -8.67 15.86 -28.42
CA ALA K 319 -7.69 15.72 -27.37
C ALA K 319 -7.89 16.82 -26.34
N LEU K 320 -8.56 16.50 -25.24
CA LEU K 320 -8.79 17.44 -24.15
C LEU K 320 -7.46 17.81 -23.48
N ILE K 321 -7.23 19.11 -23.35
CA ILE K 321 -5.98 19.64 -22.84
C ILE K 321 -6.28 20.76 -21.84
N ASP K 322 -5.35 21.00 -20.92
CA ASP K 322 -5.48 22.03 -19.89
C ASP K 322 -6.69 21.85 -18.97
N THR K 323 -7.03 20.59 -18.69
CA THR K 323 -8.14 20.26 -17.79
C THR K 323 -7.78 20.60 -16.34
N GLY K 324 -6.49 20.55 -16.04
CA GLY K 324 -6.01 20.72 -14.67
C GLY K 324 -5.63 19.38 -14.07
N SER K 325 -5.83 18.32 -14.84
CA SER K 325 -5.47 16.96 -14.44
C SER K 325 -4.15 16.56 -15.09
N LYS K 326 -3.22 16.09 -14.27
CA LYS K 326 -1.93 15.62 -14.76
C LYS K 326 -2.10 14.48 -15.74
N MET K 327 -3.05 13.58 -15.46
CA MET K 327 -3.25 12.39 -16.27
C MET K 327 -3.85 12.68 -17.65
N ASP K 328 -4.73 13.68 -17.73
CA ASP K 328 -5.24 14.18 -19.02
C ASP K 328 -4.10 14.74 -19.87
N GLU K 329 -3.13 15.35 -19.20
CA GLU K 329 -1.94 15.89 -19.84
C GLU K 329 -0.97 14.79 -20.26
N VAL K 330 -0.77 13.81 -19.38
CA VAL K 330 0.12 12.67 -19.67
C VAL K 330 -0.41 11.84 -20.84
N ILE K 331 -1.73 11.70 -20.92
CA ILE K 331 -2.38 11.04 -22.05
C ILE K 331 -2.08 11.76 -23.36
N TYR K 332 -2.14 13.10 -23.32
CA TYR K 332 -1.92 13.93 -24.52
C TYR K 332 -0.50 13.77 -25.09
N GLU K 333 0.50 13.72 -24.22
CA GLU K 333 1.90 13.56 -24.62
C GLU K 333 2.09 12.29 -25.45
N GLU K 334 1.45 11.20 -25.02
CA GLU K 334 1.56 9.90 -25.67
C GLU K 334 0.85 9.87 -27.02
N PHE K 335 -0.16 10.72 -27.18
CA PHE K 335 -0.93 10.80 -28.42
C PHE K 335 -0.40 11.85 -29.39
N LYS K 336 0.66 12.56 -28.99
CA LYS K 336 1.32 13.51 -29.86
C LYS K 336 2.05 12.79 -30.98
N GLY K 337 1.77 13.19 -32.22
CA GLY K 337 2.44 12.62 -33.38
C GLY K 337 1.77 11.41 -33.98
N THR K 338 0.95 10.73 -33.18
CA THR K 338 0.25 9.52 -33.62
C THR K 338 -0.80 9.82 -34.70
N GLY K 339 -1.09 11.11 -34.89
CA GLY K 339 -2.06 11.56 -35.89
C GLY K 339 -1.43 12.11 -37.15
N ASN K 340 -2.24 12.18 -38.21
CA ASN K 340 -1.81 12.72 -39.49
C ASN K 340 -2.46 14.07 -39.78
N MET K 341 -3.14 14.60 -38.77
CA MET K 341 -3.79 15.90 -38.86
C MET K 341 -3.94 16.49 -37.45
N GLU K 342 -3.70 17.80 -37.35
CA GLU K 342 -3.88 18.51 -36.10
C GLU K 342 -4.91 19.62 -36.26
N LEU K 343 -5.61 19.92 -35.17
CA LEU K 343 -6.51 21.08 -35.12
C LEU K 343 -6.56 21.62 -33.71
N HIS K 344 -5.71 22.60 -33.44
CA HIS K 344 -5.57 23.19 -32.11
C HIS K 344 -6.55 24.32 -31.91
N LEU K 345 -7.08 24.41 -30.71
CA LEU K 345 -7.88 25.56 -30.29
C LEU K 345 -7.17 26.28 -29.17
N SER K 346 -7.42 27.58 -29.06
CA SER K 346 -6.92 28.39 -27.95
C SER K 346 -8.08 29.05 -27.25
N ARG K 347 -7.99 29.18 -25.93
CA ARG K 347 -9.02 29.86 -25.16
C ARG K 347 -8.96 31.37 -25.40
N LYS K 348 -7.79 31.87 -25.79
CA LYS K 348 -7.59 33.27 -26.16
C LYS K 348 -8.60 33.73 -27.21
N ILE K 349 -8.75 32.92 -28.26
CA ILE K 349 -9.69 33.22 -29.35
C ILE K 349 -11.12 33.12 -28.84
N ALA K 350 -11.36 32.21 -27.91
CA ALA K 350 -12.68 32.06 -27.28
C ALA K 350 -12.97 33.16 -26.27
N GLU K 351 -11.92 33.81 -25.77
CA GLU K 351 -12.05 34.91 -24.80
C GLU K 351 -12.79 36.09 -25.40
N LYS K 352 -12.23 36.66 -26.47
CA LYS K 352 -12.82 37.81 -27.15
C LYS K 352 -14.09 37.47 -27.94
N ARG K 353 -14.70 36.33 -27.60
CA ARG K 353 -15.92 35.83 -28.26
C ARG K 353 -15.70 35.72 -29.74
N VAL K 354 -14.47 35.34 -30.06
CA VAL K 354 -14.04 35.23 -31.43
C VAL K 354 -14.31 33.84 -31.93
N PHE K 355 -14.97 33.76 -33.08
CA PHE K 355 -15.26 32.48 -33.66
C PHE K 355 -14.41 32.02 -34.85
N PRO K 356 -14.57 30.77 -35.18
CA PRO K 356 -13.61 29.73 -34.79
C PRO K 356 -12.46 30.22 -33.88
N ALA K 357 -12.12 29.37 -32.90
CA ALA K 357 -10.97 29.62 -32.04
C ALA K 357 -9.68 29.36 -32.80
N ILE K 358 -9.66 28.22 -33.49
CA ILE K 358 -8.55 27.78 -34.32
C ILE K 358 -7.25 28.60 -34.26
N ASP K 359 -6.19 27.90 -33.91
CA ASP K 359 -4.83 28.41 -33.93
C ASP K 359 -4.20 28.04 -35.27
N TYR K 360 -4.44 28.89 -36.28
CA TYR K 360 -4.04 28.63 -37.68
C TYR K 360 -2.57 28.21 -37.82
N ASN K 361 -1.70 28.83 -37.04
CA ASN K 361 -0.26 28.57 -37.12
C ASN K 361 0.18 27.27 -36.44
N ARG K 362 -0.77 26.60 -35.78
CA ARG K 362 -0.49 25.34 -35.08
C ARG K 362 -1.28 24.18 -35.68
N SER K 363 -2.39 24.51 -36.34
CA SER K 363 -3.22 23.51 -37.01
C SER K 363 -2.60 23.07 -38.33
N GLY K 364 -3.27 22.16 -39.04
CA GLY K 364 -2.79 21.65 -40.31
C GLY K 364 -2.75 20.13 -40.37
N THR K 365 -2.82 19.60 -41.58
CA THR K 365 -2.74 18.16 -41.81
C THR K 365 -1.43 17.78 -42.49
N ARG K 366 -1.10 16.49 -42.44
CA ARG K 366 0.07 15.95 -43.13
C ARG K 366 -0.29 15.48 -44.53
N LYS K 367 0.67 15.57 -45.45
CA LYS K 367 0.48 15.18 -46.85
C LYS K 367 -0.76 15.83 -47.45
N GLU K 368 -0.83 17.16 -47.29
CA GLU K 368 -1.93 17.97 -47.80
C GLU K 368 -2.08 17.82 -49.31
N GLU K 369 -0.95 17.56 -49.96
CA GLU K 369 -0.84 17.47 -51.42
C GLU K 369 -1.87 16.55 -52.09
N LEU K 370 -2.15 15.40 -51.47
CA LEU K 370 -3.04 14.41 -52.08
C LEU K 370 -4.52 14.75 -51.92
N LEU K 371 -4.84 15.62 -50.97
CA LEU K 371 -6.23 16.04 -50.72
C LEU K 371 -6.49 17.45 -51.23
N THR K 372 -5.76 17.87 -52.26
CA THR K 372 -5.80 19.25 -52.75
C THR K 372 -5.12 19.36 -54.11
N THR K 373 -5.79 20.03 -55.05
CA THR K 373 -5.18 20.34 -56.35
C THR K 373 -4.09 21.39 -56.16
N GLN K 374 -2.97 21.19 -56.83
CA GLN K 374 -1.79 22.08 -56.70
C GLN K 374 -2.15 23.57 -56.72
N GLU K 375 -3.09 23.94 -57.60
CA GLU K 375 -3.62 25.31 -57.67
C GLU K 375 -4.08 25.84 -56.32
N GLU K 376 -4.87 25.04 -55.61
CA GLU K 376 -5.37 25.37 -54.28
C GLU K 376 -4.25 25.33 -53.24
N LEU K 377 -3.32 24.39 -53.41
CA LEU K 377 -2.23 24.17 -52.44
C LEU K 377 -1.37 25.41 -52.24
N GLN K 378 -0.89 25.99 -53.34
CA GLN K 378 -0.05 27.18 -53.31
C GLN K 378 -0.81 28.36 -52.71
N LYS K 379 -2.08 28.50 -53.09
CA LYS K 379 -2.97 29.53 -52.55
C LYS K 379 -2.97 29.48 -51.02
N MET K 380 -3.17 28.28 -50.48
CA MET K 380 -3.18 28.07 -49.03
C MET K 380 -1.80 28.31 -48.42
N TRP K 381 -0.76 28.03 -49.19
CA TRP K 381 0.62 28.22 -48.74
C TRP K 381 1.00 29.70 -48.61
N ILE K 382 0.41 30.55 -49.45
CA ILE K 382 0.61 32.01 -49.36
C ILE K 382 -0.20 32.57 -48.19
N LEU K 383 -1.46 32.14 -48.08
CA LEU K 383 -2.34 32.51 -46.98
C LEU K 383 -1.69 32.20 -45.64
N ARG K 384 -1.02 31.05 -45.56
CA ARG K 384 -0.30 30.63 -44.36
C ARG K 384 0.93 31.50 -44.12
N LYS K 385 1.58 31.93 -45.20
CA LYS K 385 2.76 32.80 -45.10
C LYS K 385 2.42 34.21 -44.61
N ILE K 386 1.21 34.68 -44.92
CA ILE K 386 0.78 36.02 -44.48
C ILE K 386 0.18 35.99 -43.06
N ILE K 387 -0.49 34.90 -42.71
CA ILE K 387 -1.10 34.74 -41.39
C ILE K 387 -0.08 34.29 -40.34
N HIS K 388 1.03 33.73 -40.81
CA HIS K 388 2.08 33.20 -39.93
C HIS K 388 2.52 34.18 -38.81
N PRO K 389 3.02 35.37 -39.16
CA PRO K 389 3.56 36.30 -38.17
C PRO K 389 2.49 36.89 -37.24
N MET K 390 1.23 36.80 -37.66
CA MET K 390 0.11 37.31 -36.88
C MET K 390 -0.09 36.50 -35.60
N GLY K 391 -0.33 37.21 -34.50
CA GLY K 391 -0.61 36.57 -33.22
C GLY K 391 -1.91 35.80 -33.25
N GLU K 392 -2.08 34.87 -32.31
CA GLU K 392 -3.26 34.02 -32.23
C GLU K 392 -4.57 34.79 -32.43
N ILE K 393 -4.76 35.84 -31.64
CA ILE K 393 -5.99 36.64 -31.65
C ILE K 393 -6.18 37.38 -32.96
N ASP K 394 -5.11 37.98 -33.47
CA ASP K 394 -5.15 38.71 -34.75
C ASP K 394 -5.49 37.79 -35.91
N ALA K 395 -4.68 36.73 -36.05
CA ALA K 395 -4.77 35.80 -37.17
C ALA K 395 -6.19 35.33 -37.48
N MET K 396 -6.94 35.01 -36.44
CA MET K 396 -8.34 34.56 -36.61
C MET K 396 -9.25 35.68 -37.07
N GLU K 397 -9.31 36.76 -36.29
CA GLU K 397 -10.15 37.91 -36.64
C GLU K 397 -9.83 38.48 -38.02
N PHE K 398 -8.58 38.28 -38.46
CA PHE K 398 -8.17 38.65 -39.81
C PHE K 398 -8.78 37.71 -40.86
N LEU K 399 -8.93 36.44 -40.51
CA LEU K 399 -9.41 35.42 -41.45
C LEU K 399 -10.93 35.43 -41.60
N ILE K 400 -11.65 35.35 -40.47
CA ILE K 400 -13.12 35.40 -40.48
C ILE K 400 -13.58 36.68 -41.19
N ASN K 401 -12.76 37.72 -41.05
CA ASN K 401 -12.98 39.01 -41.69
C ASN K 401 -13.05 38.91 -43.21
N LYS K 402 -12.00 38.33 -43.80
CA LYS K 402 -11.88 38.22 -45.25
C LYS K 402 -12.80 37.14 -45.83
N LEU K 403 -13.02 36.07 -45.06
CA LEU K 403 -13.86 34.95 -45.51
C LEU K 403 -15.33 35.35 -45.65
N ALA K 404 -15.85 36.10 -44.66
CA ALA K 404 -17.27 36.44 -44.58
C ALA K 404 -17.83 37.08 -45.85
N MET K 405 -16.99 37.79 -46.59
CA MET K 405 -17.42 38.55 -47.76
C MET K 405 -17.63 37.68 -49.02
N THR K 406 -17.24 36.41 -48.93
CA THR K 406 -17.27 35.50 -50.08
C THR K 406 -17.53 34.05 -49.67
N LYS K 407 -17.19 33.12 -50.57
CA LYS K 407 -16.98 31.71 -50.24
C LYS K 407 -15.51 31.40 -50.47
N THR K 408 -15.06 30.21 -50.05
CA THR K 408 -13.64 29.84 -50.12
C THR K 408 -12.96 30.06 -51.48
N ASN K 409 -13.64 29.63 -52.54
CA ASN K 409 -13.09 29.71 -53.90
C ASN K 409 -12.78 31.13 -54.33
N ASP K 410 -13.63 32.07 -53.93
CA ASP K 410 -13.47 33.48 -54.27
C ASP K 410 -12.45 34.16 -53.35
N ASP K 411 -12.34 33.66 -52.11
CA ASP K 411 -11.40 34.18 -51.12
C ASP K 411 -10.02 34.47 -51.70
N PHE K 412 -9.60 33.62 -52.65
CA PHE K 412 -8.30 33.79 -53.30
C PHE K 412 -8.28 34.94 -54.31
N PHE K 413 -9.02 34.80 -55.41
CA PHE K 413 -9.12 35.84 -56.44
C PHE K 413 -9.26 37.23 -55.82
N GLU K 414 -10.11 37.31 -54.79
CA GLU K 414 -10.37 38.55 -54.08
C GLU K 414 -9.12 39.08 -53.37
N MET K 415 -8.45 38.21 -52.63
CA MET K 415 -7.25 38.61 -51.88
C MET K 415 -5.96 38.33 -52.64
N MET K 416 -6.07 38.13 -53.94
CA MET K 416 -4.90 38.03 -54.81
C MET K 416 -4.33 39.42 -55.03
N LYS K 417 -5.11 40.28 -55.69
CA LYS K 417 -4.74 41.66 -55.94
C LYS K 417 -5.90 42.61 -55.71
N MET L 1 5.52 -26.22 -50.28
CA MET L 1 6.23 -24.98 -50.73
C MET L 1 7.06 -24.35 -49.63
N ASN L 2 7.84 -23.34 -49.99
CA ASN L 2 8.63 -22.57 -49.03
C ASN L 2 7.74 -21.62 -48.22
N LEU L 3 8.11 -21.40 -46.96
CA LEU L 3 7.38 -20.49 -46.07
C LEU L 3 7.43 -19.04 -46.56
N THR L 4 8.62 -18.60 -46.98
CA THR L 4 8.82 -17.25 -47.52
C THR L 4 7.92 -16.99 -48.72
N GLU L 5 7.68 -18.02 -49.51
CA GLU L 5 6.76 -17.95 -50.65
C GLU L 5 5.32 -17.66 -50.19
N LEU L 6 4.90 -18.31 -49.11
CA LEU L 6 3.55 -18.12 -48.56
C LEU L 6 3.45 -16.83 -47.74
N LYS L 7 4.52 -16.48 -47.04
CA LYS L 7 4.58 -15.25 -46.24
C LYS L 7 4.60 -13.99 -47.09
N ASN L 8 5.15 -14.11 -48.29
CA ASN L 8 5.23 -12.97 -49.22
C ASN L 8 4.28 -13.08 -50.41
N THR L 9 3.05 -13.53 -50.14
CA THR L 9 1.98 -13.55 -51.13
C THR L 9 0.76 -12.79 -50.62
N PRO L 10 0.07 -12.09 -51.52
CA PRO L 10 -1.16 -11.37 -51.16
C PRO L 10 -2.20 -12.28 -50.52
N VAL L 11 -2.95 -11.73 -49.57
CA VAL L 11 -3.97 -12.48 -48.82
C VAL L 11 -5.06 -13.03 -49.75
N SER L 12 -5.33 -12.30 -50.83
CA SER L 12 -6.32 -12.72 -51.83
C SER L 12 -5.96 -14.05 -52.48
N GLU L 13 -4.68 -14.25 -52.76
CA GLU L 13 -4.19 -15.46 -53.42
C GLU L 13 -4.10 -16.65 -52.47
N LEU L 14 -3.83 -16.36 -51.20
CA LEU L 14 -3.68 -17.39 -50.17
C LEU L 14 -5.01 -18.08 -49.86
N ILE L 15 -6.11 -17.35 -49.98
CA ILE L 15 -7.45 -17.88 -49.73
C ILE L 15 -7.90 -18.84 -50.84
N THR L 16 -7.66 -18.45 -52.10
CA THR L 16 -7.94 -19.30 -53.24
C THR L 16 -7.11 -20.59 -53.21
N LEU L 17 -5.93 -20.49 -52.63
CA LEU L 17 -5.06 -21.64 -52.43
C LEU L 17 -5.64 -22.56 -51.35
N GLY L 18 -6.16 -21.96 -50.28
CA GLY L 18 -6.80 -22.70 -49.19
C GLY L 18 -8.14 -23.28 -49.59
N GLU L 19 -8.84 -22.57 -50.46
CA GLU L 19 -10.13 -23.02 -51.01
C GLU L 19 -9.92 -24.27 -51.86
N ASN L 20 -8.75 -24.35 -52.50
CA ASN L 20 -8.38 -25.49 -53.33
C ASN L 20 -7.84 -26.67 -52.51
N MET L 21 -8.17 -26.70 -51.22
CA MET L 21 -7.74 -27.77 -50.32
C MET L 21 -8.89 -28.25 -49.42
N GLY L 22 -10.09 -27.74 -49.69
CA GLY L 22 -11.29 -28.13 -48.95
C GLY L 22 -11.37 -27.51 -47.57
N LEU L 23 -10.62 -26.42 -47.36
CA LEU L 23 -10.61 -25.72 -46.08
C LEU L 23 -11.83 -24.83 -45.92
N GLU L 24 -12.48 -24.92 -44.77
CA GLU L 24 -13.59 -24.03 -44.45
C GLU L 24 -13.09 -22.59 -44.59
N ASN L 25 -13.94 -21.72 -45.13
CA ASN L 25 -13.56 -20.33 -45.44
C ASN L 25 -12.65 -19.67 -44.38
N LEU L 26 -11.48 -19.25 -44.85
CA LEU L 26 -10.48 -18.60 -44.01
C LEU L 26 -10.46 -17.09 -44.28
N ALA L 27 -11.43 -16.62 -45.06
CA ALA L 27 -11.51 -15.23 -45.50
C ALA L 27 -11.39 -14.21 -44.37
N ARG L 28 -11.93 -14.54 -43.20
CA ARG L 28 -11.97 -13.62 -42.06
C ARG L 28 -10.91 -13.89 -41.00
N MET L 29 -9.96 -14.77 -41.32
CA MET L 29 -8.82 -15.03 -40.44
C MET L 29 -7.67 -14.05 -40.71
N ARG L 30 -6.73 -13.99 -39.78
CA ARG L 30 -5.51 -13.21 -39.97
C ARG L 30 -4.55 -13.92 -40.91
N LYS L 31 -3.76 -13.14 -41.65
CA LYS L 31 -2.80 -13.69 -42.62
C LYS L 31 -1.92 -14.78 -42.01
N GLN L 32 -1.42 -14.52 -40.81
CA GLN L 32 -0.59 -15.49 -40.07
C GLN L 32 -1.30 -16.81 -39.82
N ASP L 33 -2.61 -16.76 -39.57
CA ASP L 33 -3.41 -17.95 -39.32
C ASP L 33 -3.68 -18.74 -40.61
N ILE L 34 -3.62 -18.06 -41.75
CA ILE L 34 -3.80 -18.69 -43.06
C ILE L 34 -2.63 -19.61 -43.37
N ILE L 35 -1.41 -19.08 -43.25
CA ILE L 35 -0.18 -19.84 -43.51
C ILE L 35 -0.13 -21.09 -42.64
N PHE L 36 -0.39 -20.93 -41.34
CA PHE L 36 -0.44 -22.06 -40.40
C PHE L 36 -1.52 -23.06 -40.77
N ALA L 37 -2.67 -22.56 -41.24
CA ALA L 37 -3.79 -23.42 -41.65
C ALA L 37 -3.47 -24.22 -42.91
N ILE L 38 -2.75 -23.59 -43.84
CA ILE L 38 -2.34 -24.26 -45.08
C ILE L 38 -1.20 -25.26 -44.81
N LEU L 39 -0.22 -24.83 -44.02
CA LEU L 39 0.91 -25.69 -43.65
C LEU L 39 0.47 -26.96 -42.93
N LYS L 40 -0.54 -26.83 -42.06
CA LYS L 40 -1.10 -27.97 -41.35
C LYS L 40 -1.90 -28.88 -42.29
N GLN L 41 -2.52 -28.29 -43.29
CA GLN L 41 -3.24 -29.05 -44.32
C GLN L 41 -2.31 -29.65 -45.37
N HIS L 42 -1.19 -28.98 -45.62
CA HIS L 42 -0.16 -29.50 -46.52
C HIS L 42 0.79 -30.43 -45.77
N ALA L 43 0.40 -30.82 -44.57
CA ALA L 43 1.19 -31.73 -43.73
C ALA L 43 0.79 -33.19 -43.94
N LYS L 44 0.30 -33.49 -45.14
CA LYS L 44 -0.14 -34.84 -45.50
C LYS L 44 0.45 -35.24 -46.84
N SER L 45 0.13 -34.47 -47.87
CA SER L 45 0.67 -34.67 -49.21
C SER L 45 1.73 -33.62 -49.53
N GLY L 46 2.89 -34.07 -50.01
CA GLY L 46 4.03 -33.22 -50.24
C GLY L 46 5.12 -33.50 -49.22
N GLU L 47 4.87 -33.09 -47.98
CA GLU L 47 5.75 -33.38 -46.83
C GLU L 47 7.17 -32.83 -46.96
N ASP L 48 7.34 -31.79 -47.78
CA ASP L 48 8.65 -31.17 -47.98
C ASP L 48 8.85 -29.95 -47.08
N ILE L 49 7.90 -29.00 -47.18
CA ILE L 49 7.80 -27.84 -46.28
C ILE L 49 9.14 -27.20 -45.89
N PHE L 50 9.60 -26.25 -46.70
CA PHE L 50 10.79 -25.48 -46.37
C PHE L 50 10.42 -24.20 -45.63
N GLY L 51 11.30 -23.75 -44.74
CA GLY L 51 11.06 -22.54 -43.94
C GLY L 51 12.33 -21.82 -43.54
N ASP L 52 12.25 -20.50 -43.49
CA ASP L 52 13.37 -19.67 -43.06
C ASP L 52 12.90 -18.49 -42.20
N GLY L 53 13.81 -18.00 -41.34
CA GLY L 53 13.52 -16.86 -40.47
C GLY L 53 14.67 -16.50 -39.56
N VAL L 54 14.63 -15.28 -39.02
CA VAL L 54 15.65 -14.81 -38.08
C VAL L 54 15.37 -15.36 -36.68
N LEU L 55 16.41 -15.93 -36.07
CA LEU L 55 16.26 -16.62 -34.80
C LEU L 55 16.20 -15.66 -33.60
N GLU L 56 15.07 -15.71 -32.88
CA GLU L 56 14.95 -15.07 -31.58
C GLU L 56 14.95 -16.14 -30.50
N ILE L 57 15.90 -16.04 -29.58
CA ILE L 57 16.00 -16.98 -28.47
C ILE L 57 15.43 -16.36 -27.19
N LEU L 58 14.44 -17.03 -26.60
CA LEU L 58 13.77 -16.54 -25.40
C LEU L 58 14.54 -16.91 -24.13
N GLN L 59 14.08 -16.39 -22.99
CA GLN L 59 14.74 -16.57 -21.69
C GLN L 59 14.90 -18.03 -21.27
N ASP L 60 13.93 -18.87 -21.64
CA ASP L 60 13.88 -20.26 -21.21
C ASP L 60 15.03 -21.13 -21.76
N GLY L 61 15.53 -20.77 -22.93
CA GLY L 61 16.65 -21.48 -23.55
C GLY L 61 16.40 -21.91 -24.98
N PHE L 62 15.16 -21.85 -25.42
CA PHE L 62 14.77 -22.21 -26.78
C PHE L 62 14.54 -20.97 -27.65
N GLY L 63 14.35 -21.18 -28.95
CA GLY L 63 14.16 -20.08 -29.88
C GLY L 63 13.07 -20.27 -30.91
N PHE L 64 12.72 -19.19 -31.60
CA PHE L 64 11.76 -19.21 -32.70
C PHE L 64 12.32 -18.53 -33.93
N LEU L 65 11.89 -18.97 -35.11
CA LEU L 65 12.27 -18.33 -36.37
C LEU L 65 11.23 -17.29 -36.78
N ARG L 66 11.52 -16.03 -36.46
CA ARG L 66 10.62 -14.92 -36.73
C ARG L 66 10.73 -14.48 -38.19
N SER L 67 9.61 -14.00 -38.74
CA SER L 67 9.55 -13.59 -40.15
C SER L 67 9.88 -12.11 -40.33
N ALA L 68 10.67 -11.81 -41.36
CA ALA L 68 11.13 -10.45 -41.63
C ALA L 68 10.05 -9.55 -42.22
N ASP L 69 9.14 -10.15 -42.99
CA ASP L 69 8.07 -9.39 -43.65
C ASP L 69 6.99 -8.90 -42.68
N SER L 70 6.96 -9.50 -41.49
CA SER L 70 6.02 -9.09 -40.45
C SER L 70 6.75 -8.39 -39.30
N SER L 71 7.95 -7.89 -39.58
CA SER L 71 8.80 -7.18 -38.61
C SER L 71 9.07 -8.00 -37.34
N TYR L 72 9.24 -9.31 -37.53
CA TYR L 72 9.58 -10.26 -36.46
C TYR L 72 8.52 -10.33 -35.34
N LEU L 73 7.27 -10.09 -35.70
CA LEU L 73 6.15 -10.22 -34.78
C LEU L 73 5.87 -11.70 -34.50
N ALA L 74 5.60 -11.99 -33.22
CA ALA L 74 5.29 -13.36 -32.80
C ALA L 74 4.01 -13.86 -33.47
N GLY L 75 4.16 -14.85 -34.34
CA GLY L 75 3.03 -15.44 -35.06
C GLY L 75 2.90 -16.93 -34.81
N PRO L 76 1.70 -17.47 -35.07
CA PRO L 76 1.44 -18.90 -34.90
C PRO L 76 2.21 -19.77 -35.91
N ASP L 77 2.73 -19.14 -36.96
CA ASP L 77 3.48 -19.85 -37.99
C ASP L 77 4.99 -19.64 -37.88
N ASP L 78 5.44 -19.17 -36.71
CA ASP L 78 6.86 -19.04 -36.42
C ASP L 78 7.45 -20.39 -36.04
N ILE L 79 8.59 -20.72 -36.63
CA ILE L 79 9.19 -22.05 -36.49
C ILE L 79 9.93 -22.21 -35.17
N TYR L 80 9.58 -23.28 -34.44
CA TYR L 80 10.20 -23.59 -33.16
C TYR L 80 11.60 -24.18 -33.35
N VAL L 81 12.56 -23.66 -32.58
CA VAL L 81 13.92 -24.16 -32.58
C VAL L 81 14.29 -24.68 -31.19
N SER L 82 14.56 -25.98 -31.11
CA SER L 82 14.92 -26.64 -29.85
C SER L 82 16.32 -26.26 -29.40
N PRO L 83 16.53 -26.17 -28.08
CA PRO L 83 17.85 -25.82 -27.51
C PRO L 83 19.00 -26.67 -28.03
N SER L 84 18.69 -27.87 -28.51
CA SER L 84 19.68 -28.78 -29.07
C SER L 84 20.22 -28.27 -30.40
N GLN L 85 19.31 -27.85 -31.28
CA GLN L 85 19.66 -27.27 -32.57
C GLN L 85 20.44 -25.98 -32.38
N ILE L 86 20.15 -25.28 -31.28
CA ILE L 86 20.90 -24.10 -30.87
C ILE L 86 22.31 -24.49 -30.41
N ARG L 87 22.39 -25.53 -29.59
CA ARG L 87 23.67 -25.99 -29.05
C ARG L 87 24.55 -26.70 -30.09
N ARG L 88 23.91 -27.40 -31.01
CA ARG L 88 24.60 -28.19 -32.04
C ARG L 88 25.45 -27.31 -32.94
N PHE L 89 24.83 -26.29 -33.52
CA PHE L 89 25.53 -25.37 -34.41
C PHE L 89 25.89 -24.07 -33.69
N ASN L 90 25.83 -24.12 -32.36
CA ASN L 90 26.08 -22.96 -31.49
C ASN L 90 25.43 -21.67 -32.00
N LEU L 91 24.10 -21.69 -32.09
CA LEU L 91 23.33 -20.57 -32.63
C LEU L 91 23.18 -19.44 -31.63
N ARG L 92 23.18 -18.22 -32.14
CA ARG L 92 22.94 -17.03 -31.32
C ARG L 92 21.80 -16.21 -31.89
N THR L 93 21.05 -15.55 -31.00
CA THR L 93 19.89 -14.75 -31.39
C THR L 93 20.27 -13.67 -32.41
N GLY L 94 19.80 -13.84 -33.64
CA GLY L 94 20.14 -12.94 -34.74
C GLY L 94 20.61 -13.68 -36.00
N ASP L 95 20.66 -15.01 -35.92
CA ASP L 95 21.08 -15.85 -37.05
C ASP L 95 19.96 -16.02 -38.07
N THR L 96 20.33 -16.27 -39.31
CA THR L 96 19.38 -16.51 -40.40
C THR L 96 19.38 -17.99 -40.78
N ILE L 97 18.36 -18.71 -40.33
CA ILE L 97 18.28 -20.16 -40.52
C ILE L 97 17.30 -20.54 -41.64
N SER L 98 17.67 -21.58 -42.39
CA SER L 98 16.80 -22.15 -43.44
C SER L 98 16.79 -23.67 -43.37
N GLY L 99 15.77 -24.29 -43.99
CA GLY L 99 15.69 -25.74 -44.08
C GLY L 99 14.29 -26.31 -43.96
N LYS L 100 14.22 -27.64 -43.87
CA LYS L 100 12.95 -28.35 -43.75
C LYS L 100 12.32 -28.12 -42.38
N ILE L 101 11.00 -27.99 -42.36
CA ILE L 101 10.28 -27.82 -41.10
C ILE L 101 9.13 -28.82 -40.97
N ARG L 102 9.06 -29.47 -39.81
CA ARG L 102 8.08 -30.52 -39.56
C ARG L 102 6.84 -30.00 -38.82
N PRO L 103 5.68 -30.63 -39.07
CA PRO L 103 4.44 -30.29 -38.38
C PRO L 103 4.45 -30.70 -36.90
N PRO L 104 3.62 -30.05 -36.07
CA PRO L 104 3.58 -30.34 -34.64
C PRO L 104 2.85 -31.63 -34.32
N LYS L 105 3.41 -32.42 -33.41
CA LYS L 105 2.73 -33.62 -32.90
C LYS L 105 1.64 -33.22 -31.93
N GLU L 106 0.49 -33.89 -32.02
CA GLU L 106 -0.66 -33.59 -31.15
C GLU L 106 -0.25 -33.37 -29.69
N GLY L 107 -0.52 -32.16 -29.20
CA GLY L 107 -0.04 -31.72 -27.90
C GLY L 107 0.93 -30.56 -28.01
N GLU L 108 1.32 -30.25 -29.26
CA GLU L 108 2.20 -29.11 -29.54
C GLU L 108 1.41 -27.99 -30.24
N ARG L 109 2.10 -26.89 -30.54
CA ARG L 109 1.45 -25.74 -31.18
C ARG L 109 2.13 -25.31 -32.48
N TYR L 110 3.46 -25.20 -32.46
CA TYR L 110 4.20 -24.59 -33.57
C TYR L 110 4.96 -25.60 -34.42
N PHE L 111 5.12 -25.26 -35.70
CA PHE L 111 5.97 -26.01 -36.61
C PHE L 111 7.42 -25.96 -36.13
N ALA L 112 8.10 -27.10 -36.17
CA ALA L 112 9.46 -27.21 -35.68
C ALA L 112 10.46 -27.39 -36.81
N LEU L 113 11.65 -26.82 -36.63
CA LEU L 113 12.74 -26.96 -37.59
C LEU L 113 13.23 -28.40 -37.60
N LEU L 114 13.18 -29.03 -38.78
CA LEU L 114 13.60 -30.42 -38.93
C LEU L 114 15.10 -30.53 -39.20
N LYS L 115 15.60 -29.72 -40.13
CA LYS L 115 17.02 -29.72 -40.48
C LYS L 115 17.53 -28.31 -40.78
N VAL L 116 18.67 -27.98 -40.20
CA VAL L 116 19.32 -26.68 -40.41
C VAL L 116 20.24 -26.77 -41.61
N ASN L 117 19.76 -26.32 -42.77
CA ASN L 117 20.52 -26.40 -44.02
C ASN L 117 21.38 -25.17 -44.29
N GLU L 118 20.97 -24.03 -43.75
CA GLU L 118 21.69 -22.76 -43.93
C GLU L 118 21.75 -21.97 -42.63
N VAL L 119 22.96 -21.51 -42.28
CA VAL L 119 23.15 -20.61 -41.13
C VAL L 119 23.88 -19.36 -41.60
N ASN L 120 23.25 -18.19 -41.39
CA ASN L 120 23.78 -16.90 -41.85
C ASN L 120 24.19 -16.89 -43.33
N PHE L 121 23.39 -17.57 -44.16
CA PHE L 121 23.63 -17.72 -45.60
C PHE L 121 24.93 -18.48 -45.92
N ASP L 122 25.48 -19.16 -44.92
CA ASP L 122 26.74 -19.88 -45.07
C ASP L 122 26.58 -21.35 -44.65
N LYS L 123 27.70 -22.05 -44.51
CA LYS L 123 27.70 -23.45 -44.07
C LYS L 123 27.17 -23.57 -42.65
N PRO L 124 26.37 -24.61 -42.38
CA PRO L 124 25.79 -24.83 -41.05
C PRO L 124 26.82 -24.98 -39.93
N GLU L 125 27.96 -25.60 -40.25
CA GLU L 125 29.01 -25.84 -39.25
C GLU L 125 29.94 -24.64 -39.05
N ASN L 126 30.17 -23.88 -40.11
CA ASN L 126 31.02 -22.68 -40.04
C ASN L 126 30.32 -21.54 -39.29
N ASN L 129 33.06 -18.88 -35.72
CA ASN L 129 33.22 -17.50 -36.15
C ASN L 129 33.52 -16.55 -34.99
N LYS L 130 34.14 -15.41 -35.32
CA LYS L 130 34.46 -14.38 -34.34
C LYS L 130 33.21 -13.63 -33.89
N ILE L 131 33.26 -13.09 -32.68
CA ILE L 131 32.12 -12.39 -32.09
C ILE L 131 32.31 -10.87 -32.21
N LEU L 132 31.21 -10.15 -32.41
CA LEU L 132 31.24 -8.68 -32.49
C LEU L 132 31.58 -8.06 -31.14
N PHE L 133 31.34 -8.81 -30.06
CA PHE L 133 31.70 -8.38 -28.70
C PHE L 133 33.14 -7.87 -28.61
N GLU L 134 34.05 -8.54 -29.30
CA GLU L 134 35.44 -8.08 -29.44
C GLU L 134 35.94 -8.24 -30.87
N ASN L 135 36.32 -7.12 -31.48
CA ASN L 135 36.86 -7.11 -32.83
C ASN L 135 37.90 -6.02 -33.02
N LEU L 136 38.99 -6.37 -33.69
CA LEU L 136 40.03 -5.40 -34.02
C LEU L 136 39.47 -4.40 -35.02
N THR L 137 39.37 -3.14 -34.58
CA THR L 137 38.70 -2.11 -35.36
C THR L 137 39.62 -0.92 -35.65
N PRO L 138 39.58 -0.40 -36.89
CA PRO L 138 40.26 0.84 -37.23
C PRO L 138 39.57 2.04 -36.58
N LEU L 139 39.99 3.25 -36.94
CA LEU L 139 39.42 4.48 -36.38
C LEU L 139 37.97 4.71 -36.82
N HIS L 140 37.47 3.85 -37.71
CA HIS L 140 36.07 3.88 -38.19
C HIS L 140 35.82 4.98 -39.22
N ALA L 141 36.75 5.15 -40.15
CA ALA L 141 36.63 6.17 -41.19
C ALA L 141 37.38 5.76 -42.46
N ASN L 142 37.17 4.52 -42.90
CA ASN L 142 37.83 3.99 -44.10
C ASN L 142 37.16 4.52 -45.37
N SER L 143 36.73 3.61 -46.25
CA SER L 143 36.03 4.00 -47.48
C SER L 143 34.66 4.58 -47.15
N ARG L 144 34.44 5.82 -47.57
CA ARG L 144 33.19 6.52 -47.27
C ARG L 144 32.03 6.04 -48.15
N LEU L 145 30.81 6.34 -47.70
CA LEU L 145 29.61 6.10 -48.50
C LEU L 145 29.14 7.41 -49.13
N ARG L 146 29.39 7.57 -50.42
CA ARG L 146 29.04 8.79 -51.15
C ARG L 146 27.61 8.72 -51.68
N MET L 147 26.97 9.88 -51.78
CA MET L 147 25.56 9.95 -52.17
C MET L 147 25.31 11.11 -53.13
N GLY L 152 22.13 12.91 -62.72
CA GLY L 152 22.01 14.31 -62.35
C GLY L 152 20.57 14.77 -62.25
N SER L 153 19.78 14.07 -61.44
CA SER L 153 18.37 14.38 -61.24
C SER L 153 18.17 15.55 -60.27
N THR L 154 16.92 15.75 -59.85
CA THR L 154 16.57 16.83 -58.92
C THR L 154 16.51 16.36 -57.46
N GLU L 155 16.27 15.06 -57.28
CA GLU L 155 16.25 14.46 -55.94
C GLU L 155 17.66 14.36 -55.37
N ASP L 156 18.66 14.42 -56.25
CA ASP L 156 20.06 14.33 -55.86
C ASP L 156 20.55 15.57 -55.12
N LEU L 157 19.81 16.67 -55.26
CA LEU L 157 20.13 17.93 -54.57
C LEU L 157 20.19 17.74 -53.06
N THR L 158 19.35 16.86 -52.54
CA THR L 158 19.37 16.49 -51.13
C THR L 158 20.64 15.70 -50.81
N ALA L 159 20.99 14.77 -51.70
CA ALA L 159 22.15 13.90 -51.52
C ALA L 159 23.47 14.65 -51.68
N ARG L 160 23.51 15.62 -52.58
CA ARG L 160 24.73 16.40 -52.85
C ARG L 160 25.05 17.37 -51.72
N VAL L 161 24.02 18.01 -51.17
CA VAL L 161 24.16 18.86 -49.99
C VAL L 161 24.59 18.02 -48.79
N LEU L 162 24.00 16.83 -48.67
CA LEU L 162 24.34 15.87 -47.63
C LEU L 162 25.79 15.39 -47.77
N ASP L 163 26.25 15.27 -49.03
CA ASP L 163 27.64 14.93 -49.33
C ASP L 163 28.62 15.98 -48.80
N LEU L 164 28.28 17.26 -49.03
CA LEU L 164 29.16 18.37 -48.66
C LEU L 164 29.04 18.73 -47.18
N ALA L 165 27.82 18.70 -46.65
CA ALA L 165 27.56 19.06 -45.26
C ALA L 165 28.12 18.04 -44.27
N SER L 166 27.69 16.79 -44.41
CA SER L 166 28.12 15.72 -43.52
C SER L 166 28.36 14.40 -44.25
N PRO L 167 29.61 14.17 -44.65
CA PRO L 167 30.01 12.89 -45.29
C PRO L 167 29.75 11.67 -44.41
N ILE L 168 29.28 10.59 -45.02
CA ILE L 168 29.03 9.33 -44.31
C ILE L 168 30.14 8.32 -44.61
N GLY L 169 30.70 7.74 -43.55
CA GLY L 169 31.70 6.69 -43.67
C GLY L 169 31.23 5.38 -43.07
N ARG L 170 31.96 4.30 -43.37
CA ARG L 170 31.64 2.98 -42.85
C ARG L 170 31.96 2.89 -41.36
N GLY L 171 30.99 2.44 -40.58
CA GLY L 171 31.15 2.30 -39.14
C GLY L 171 31.02 3.60 -38.37
N GLN L 172 30.12 4.47 -38.83
CA GLN L 172 29.93 5.77 -38.20
C GLN L 172 28.60 5.86 -37.46
N ARG L 173 28.63 6.53 -36.31
CA ARG L 173 27.42 6.85 -35.58
C ARG L 173 26.81 8.14 -36.13
N GLY L 174 26.00 7.98 -37.18
CA GLY L 174 25.28 9.11 -37.78
C GLY L 174 24.07 9.48 -36.96
N LEU L 175 23.81 10.78 -36.85
CA LEU L 175 22.67 11.28 -36.10
C LEU L 175 22.01 12.46 -36.81
N ILE L 176 20.72 12.33 -37.08
CA ILE L 176 19.96 13.40 -37.71
C ILE L 176 19.09 14.11 -36.68
N VAL L 177 19.53 15.28 -36.24
CA VAL L 177 18.74 16.13 -35.36
C VAL L 177 17.62 16.77 -36.19
N ALA L 178 16.38 16.50 -35.82
CA ALA L 178 15.24 16.95 -36.61
C ALA L 178 14.06 17.41 -35.76
N PRO L 179 13.61 18.64 -36.00
CA PRO L 179 12.35 19.13 -35.45
C PRO L 179 11.17 18.60 -36.25
N PRO L 180 9.97 18.62 -35.69
CA PRO L 180 8.77 18.20 -36.42
C PRO L 180 8.58 18.95 -37.74
N LYS L 181 8.17 18.21 -38.77
CA LYS L 181 7.90 18.75 -40.11
C LYS L 181 9.10 19.50 -40.69
N ALA L 182 10.18 18.76 -40.93
CA ALA L 182 11.43 19.34 -41.44
C ALA L 182 12.05 18.49 -42.56
N GLY L 183 11.30 17.49 -43.02
CA GLY L 183 11.75 16.61 -44.10
C GLY L 183 12.60 15.45 -43.63
N LYS L 184 12.38 15.03 -42.38
CA LYS L 184 13.15 13.94 -41.77
C LYS L 184 12.87 12.59 -42.44
N THR L 185 11.61 12.37 -42.81
CA THR L 185 11.21 11.15 -43.50
C THR L 185 11.78 11.10 -44.92
N MET L 186 11.53 12.15 -45.70
CA MET L 186 11.99 12.22 -47.09
C MET L 186 13.52 12.25 -47.19
N LEU L 187 14.18 12.84 -46.19
CA LEU L 187 15.64 12.81 -46.11
C LEU L 187 16.15 11.39 -45.90
N LEU L 188 15.49 10.65 -45.00
CA LEU L 188 15.81 9.24 -44.76
C LEU L 188 15.49 8.37 -45.95
N GLN L 189 14.36 8.66 -46.61
CA GLN L 189 13.97 7.97 -47.85
C GLN L 189 14.97 8.27 -48.97
N ASN L 190 15.53 9.47 -48.94
CA ASN L 190 16.54 9.89 -49.91
C ASN L 190 17.88 9.18 -49.69
N ILE L 191 18.28 9.07 -48.42
CA ILE L 191 19.50 8.33 -48.06
C ILE L 191 19.37 6.87 -48.48
N ALA L 192 18.21 6.27 -48.19
CA ALA L 192 17.92 4.89 -48.54
C ALA L 192 17.90 4.65 -50.06
N GLN L 193 17.35 5.61 -50.80
CA GLN L 193 17.32 5.56 -52.27
C GLN L 193 18.72 5.65 -52.87
N SER L 194 19.59 6.43 -52.21
CA SER L 194 20.95 6.64 -52.67
C SER L 194 21.86 5.46 -52.28
N ILE L 195 21.65 4.92 -51.08
CA ILE L 195 22.40 3.74 -50.61
C ILE L 195 22.14 2.53 -51.53
N ALA L 196 20.89 2.36 -51.95
CA ALA L 196 20.50 1.25 -52.81
C ALA L 196 21.12 1.35 -54.21
N TYR L 197 21.21 2.57 -54.74
CA TYR L 197 21.76 2.81 -56.07
C TYR L 197 23.29 2.81 -56.08
N ASN L 198 23.89 3.55 -55.15
CA ASN L 198 25.34 3.69 -55.09
C ASN L 198 26.07 2.44 -54.60
N HIS L 199 25.60 1.87 -53.49
CA HIS L 199 26.25 0.71 -52.89
C HIS L 199 25.28 -0.47 -52.74
N PRO L 200 25.13 -1.26 -53.80
CA PRO L 200 24.21 -2.40 -53.80
C PRO L 200 24.74 -3.59 -53.00
N ASP L 201 26.04 -3.59 -52.72
CA ASP L 201 26.68 -4.67 -51.96
C ASP L 201 26.36 -4.59 -50.46
N CYS L 202 25.88 -3.43 -50.03
CA CYS L 202 25.59 -3.18 -48.61
C CYS L 202 24.18 -3.61 -48.23
N VAL L 203 24.07 -4.26 -47.08
CA VAL L 203 22.78 -4.68 -46.55
C VAL L 203 22.12 -3.50 -45.83
N LEU L 204 21.10 -2.94 -46.47
CA LEU L 204 20.41 -1.77 -45.94
C LEU L 204 19.25 -2.17 -45.02
N MET L 205 19.35 -1.75 -43.76
CA MET L 205 18.32 -2.04 -42.77
C MET L 205 17.67 -0.76 -42.26
N VAL L 206 16.42 -0.52 -42.68
CA VAL L 206 15.67 0.64 -42.21
C VAL L 206 14.76 0.24 -41.06
N LEU L 207 15.00 0.86 -39.91
CA LEU L 207 14.27 0.53 -38.68
C LEU L 207 13.41 1.70 -38.22
N LEU L 208 12.09 1.46 -38.18
CA LEU L 208 11.14 2.49 -37.76
C LEU L 208 10.44 2.08 -36.47
N ILE L 209 10.66 2.84 -35.41
CA ILE L 209 10.08 2.55 -34.11
C ILE L 209 8.99 3.57 -33.75
N ASP L 210 7.84 3.05 -33.31
CA ASP L 210 6.70 3.87 -32.87
C ASP L 210 6.06 4.61 -34.04
N GLU L 211 6.27 4.09 -35.26
CA GLU L 211 5.83 4.74 -36.50
C GLU L 211 4.32 4.61 -36.71
N ARG L 212 3.75 5.54 -37.48
CA ARG L 212 2.35 5.48 -37.89
C ARG L 212 2.16 4.41 -38.96
N PRO L 213 1.05 3.67 -38.88
CA PRO L 213 0.80 2.53 -39.79
C PRO L 213 0.90 2.87 -41.28
N GLU L 214 0.35 4.01 -41.67
CA GLU L 214 0.36 4.43 -43.08
C GLU L 214 1.73 4.89 -43.55
N GLU L 215 2.54 5.39 -42.62
CA GLU L 215 3.89 5.84 -42.92
C GLU L 215 4.84 4.65 -43.07
N VAL L 216 4.42 3.49 -42.56
CA VAL L 216 5.21 2.26 -42.64
C VAL L 216 5.21 1.68 -44.06
N THR L 217 4.03 1.46 -44.63
CA THR L 217 3.89 0.85 -45.95
C THR L 217 4.42 1.75 -47.07
N GLU L 218 4.42 3.06 -46.82
CA GLU L 218 4.96 4.03 -47.76
C GLU L 218 6.49 3.94 -47.82
N MET L 219 7.11 3.74 -46.66
CA MET L 219 8.54 3.50 -46.54
C MET L 219 8.91 2.11 -47.06
N GLN L 220 7.97 1.17 -46.88
CA GLN L 220 8.16 -0.23 -47.25
C GLN L 220 8.24 -0.43 -48.76
N ARG L 221 7.52 0.42 -49.49
CA ARG L 221 7.43 0.32 -50.95
C ARG L 221 8.49 1.18 -51.68
N LEU L 222 9.38 1.80 -50.91
CA LEU L 222 10.41 2.67 -51.49
C LEU L 222 11.82 2.14 -51.26
N VAL L 223 12.11 1.77 -50.01
CA VAL L 223 13.45 1.33 -49.62
C VAL L 223 13.80 -0.01 -50.25
N LYS L 224 14.82 -0.01 -51.10
CA LYS L 224 15.35 -1.25 -51.65
C LYS L 224 16.25 -1.92 -50.63
N GLY L 225 15.64 -2.77 -49.80
CA GLY L 225 16.32 -3.43 -48.69
C GLY L 225 15.31 -3.92 -47.67
N GLU L 226 15.77 -4.16 -46.45
CA GLU L 226 14.89 -4.67 -45.40
C GLU L 226 14.36 -3.54 -44.51
N VAL L 227 13.05 -3.33 -44.58
CA VAL L 227 12.37 -2.33 -43.77
C VAL L 227 11.62 -3.01 -42.64
N VAL L 228 12.05 -2.75 -41.41
CA VAL L 228 11.45 -3.37 -40.23
C VAL L 228 10.88 -2.28 -39.32
N ALA L 229 9.58 -2.36 -39.04
CA ALA L 229 8.89 -1.28 -38.34
C ALA L 229 7.91 -1.77 -37.27
N SER L 230 7.86 -1.04 -36.16
CA SER L 230 6.86 -1.27 -35.12
C SER L 230 5.99 -0.02 -34.96
N THR L 231 4.67 -0.20 -35.10
CA THR L 231 3.73 0.90 -35.04
C THR L 231 3.44 1.35 -33.60
N PHE L 232 2.82 2.51 -33.45
CA PHE L 232 2.56 3.09 -32.13
C PHE L 232 1.45 2.38 -31.35
N ASP L 233 0.57 1.69 -32.05
CA ASP L 233 -0.51 0.93 -31.42
C ASP L 233 -0.02 -0.39 -30.83
N GLU L 234 1.30 -0.57 -30.83
CA GLU L 234 1.93 -1.76 -30.26
C GLU L 234 2.64 -1.40 -28.96
N PRO L 235 2.65 -2.33 -27.99
CA PRO L 235 3.25 -2.09 -26.67
C PRO L 235 4.74 -1.76 -26.73
N ALA L 236 5.26 -1.20 -25.64
CA ALA L 236 6.66 -0.79 -25.54
C ALA L 236 7.65 -1.96 -25.65
N SER L 237 7.21 -3.14 -25.22
CA SER L 237 8.01 -4.36 -25.31
C SER L 237 8.25 -4.78 -26.76
N ARG L 238 7.35 -4.37 -27.64
CA ARG L 238 7.46 -4.64 -29.07
C ARG L 238 8.54 -3.77 -29.73
N HIS L 239 8.61 -2.50 -29.35
CA HIS L 239 9.62 -1.58 -29.88
C HIS L 239 11.03 -2.06 -29.53
N VAL L 240 11.19 -2.53 -28.31
CA VAL L 240 12.44 -3.11 -27.83
C VAL L 240 12.76 -4.39 -28.60
N GLN L 241 11.75 -5.22 -28.82
CA GLN L 241 11.89 -6.49 -29.52
C GLN L 241 12.41 -6.30 -30.96
N VAL L 242 11.79 -5.37 -31.69
CA VAL L 242 12.15 -5.10 -33.08
C VAL L 242 13.59 -4.60 -33.21
N ALA L 243 13.95 -3.62 -32.38
CA ALA L 243 15.29 -3.04 -32.41
C ALA L 243 16.37 -4.04 -32.02
N GLU L 244 16.10 -4.84 -31.00
CA GLU L 244 17.02 -5.88 -30.53
C GLU L 244 17.22 -6.95 -31.61
N MET L 245 16.15 -7.22 -32.37
CA MET L 245 16.19 -8.19 -33.46
C MET L 245 17.01 -7.66 -34.63
N VAL L 246 16.75 -6.42 -35.01
CA VAL L 246 17.42 -5.78 -36.14
C VAL L 246 18.93 -5.65 -35.91
N ILE L 247 19.31 -5.17 -34.73
CA ILE L 247 20.73 -4.98 -34.39
C ILE L 247 21.50 -6.30 -34.32
N GLU L 248 20.84 -7.34 -33.82
CA GLU L 248 21.45 -8.67 -33.68
C GLU L 248 21.56 -9.38 -35.03
N LYS L 249 20.57 -9.20 -35.89
CA LYS L 249 20.64 -9.69 -37.27
C LYS L 249 21.72 -8.94 -38.04
N ALA L 250 21.90 -7.66 -37.71
CA ALA L 250 22.93 -6.84 -38.30
C ALA L 250 24.32 -7.23 -37.78
N LYS L 251 24.40 -7.56 -36.49
CA LYS L 251 25.66 -7.95 -35.85
C LYS L 251 26.24 -9.24 -36.42
N ARG L 252 25.37 -10.21 -36.72
CA ARG L 252 25.79 -11.50 -37.25
C ARG L 252 26.31 -11.38 -38.69
N LEU L 253 25.73 -10.46 -39.45
CA LEU L 253 26.17 -10.20 -40.82
C LEU L 253 27.53 -9.50 -40.87
N VAL L 254 27.83 -8.71 -39.84
CA VAL L 254 29.15 -8.09 -39.70
C VAL L 254 30.18 -9.16 -39.30
N GLU L 255 29.76 -10.12 -38.47
CA GLU L 255 30.61 -11.25 -38.07
C GLU L 255 30.96 -12.14 -39.26
N HIS L 256 30.19 -12.01 -40.33
CA HIS L 256 30.47 -12.71 -41.59
C HIS L 256 31.00 -11.75 -42.66
N LYS L 257 31.61 -10.66 -42.19
CA LYS L 257 32.33 -9.69 -43.05
C LYS L 257 31.45 -9.04 -44.12
N LYS L 258 30.46 -8.27 -43.67
CA LYS L 258 29.59 -7.51 -44.58
C LYS L 258 29.35 -6.09 -44.07
N ASP L 259 29.16 -5.17 -45.02
CA ASP L 259 28.84 -3.77 -44.69
C ASP L 259 27.34 -3.60 -44.45
N VAL L 260 26.98 -3.29 -43.21
CA VAL L 260 25.58 -3.13 -42.83
C VAL L 260 25.27 -1.69 -42.44
N ILE L 261 24.25 -1.13 -43.07
CA ILE L 261 23.79 0.23 -42.78
C ILE L 261 22.40 0.18 -42.14
N ILE L 262 22.30 0.67 -40.90
CA ILE L 262 21.02 0.78 -40.22
C ILE L 262 20.53 2.22 -40.21
N LEU L 263 19.42 2.46 -40.89
CA LEU L 263 18.76 3.75 -40.84
C LEU L 263 17.64 3.71 -39.80
N LEU L 264 17.97 4.12 -38.58
CA LEU L 264 17.02 4.10 -37.48
C LEU L 264 16.18 5.36 -37.45
N ASP L 265 14.87 5.18 -37.30
CA ASP L 265 13.97 6.31 -37.12
C ASP L 265 13.71 6.51 -35.63
N SER L 266 14.19 7.64 -35.12
CA SER L 266 14.10 8.03 -33.71
C SER L 266 14.75 7.07 -32.71
N ILE L 267 15.97 7.43 -32.30
CA ILE L 267 16.63 6.83 -31.14
C ILE L 267 15.92 7.29 -29.87
N THR L 268 15.21 8.42 -29.99
CA THR L 268 14.40 8.98 -28.90
C THR L 268 13.17 8.11 -28.62
N ARG L 269 12.55 7.60 -29.68
CA ARG L 269 11.39 6.71 -29.54
C ARG L 269 11.79 5.33 -29.03
N LEU L 270 13.01 4.92 -29.34
CA LEU L 270 13.57 3.68 -28.80
C LEU L 270 13.89 3.85 -27.31
N ALA L 271 14.40 5.03 -26.95
CA ALA L 271 14.73 5.35 -25.55
C ALA L 271 13.47 5.48 -24.70
N ARG L 272 12.40 6.00 -25.28
CA ARG L 272 11.11 6.10 -24.61
C ARG L 272 10.49 4.73 -24.36
N ALA L 273 10.75 3.79 -25.27
CA ALA L 273 10.26 2.42 -25.15
C ALA L 273 11.03 1.63 -24.11
N TYR L 274 12.35 1.80 -24.09
CA TYR L 274 13.22 1.17 -23.09
C TYR L 274 12.89 1.64 -21.68
N ASN L 275 12.76 2.95 -21.52
CA ASN L 275 12.47 3.57 -20.23
C ASN L 275 11.27 2.95 -19.51
N THR L 276 10.22 2.67 -20.28
CA THR L 276 8.99 2.11 -19.74
C THR L 276 9.08 0.59 -19.49
N VAL L 277 9.99 -0.07 -20.21
CA VAL L 277 10.09 -1.53 -20.14
C VAL L 277 11.08 -2.02 -19.05
N VAL L 278 12.06 -1.18 -18.71
CA VAL L 278 13.05 -1.53 -17.69
C VAL L 278 12.65 -0.89 -16.35
N PRO L 279 12.55 -1.70 -15.30
CA PRO L 279 12.18 -1.23 -13.96
C PRO L 279 13.25 -0.31 -13.32
N ALA L 280 13.00 0.09 -12.07
CA ALA L 280 13.86 1.03 -11.34
C ALA L 280 15.28 0.51 -11.16
N VAL L 284 15.68 5.92 -9.84
CA VAL L 284 16.05 7.33 -9.74
C VAL L 284 15.48 8.11 -10.93
N LEU L 285 14.84 9.24 -10.64
CA LEU L 285 14.19 10.06 -11.67
C LEU L 285 15.08 11.20 -12.14
N THR L 286 15.14 11.37 -13.46
CA THR L 286 15.91 12.45 -14.07
C THR L 286 15.07 13.11 -15.18
N GLY L 287 14.05 13.86 -14.78
CA GLY L 287 13.13 14.51 -15.72
C GLY L 287 12.20 13.51 -16.37
N GLY L 288 11.70 12.55 -15.59
CA GLY L 288 10.80 11.52 -16.08
C GLY L 288 11.50 10.20 -16.37
N VAL L 289 12.58 10.27 -17.16
CA VAL L 289 13.34 9.09 -17.57
C VAL L 289 14.18 8.52 -16.41
N ASP L 290 14.39 7.22 -16.44
CA ASP L 290 15.29 6.55 -15.50
C ASP L 290 16.72 6.70 -16.00
N ALA L 291 17.60 7.22 -15.14
CA ALA L 291 19.00 7.49 -15.50
C ALA L 291 19.77 6.20 -15.80
N ASN L 292 19.15 5.06 -15.55
CA ASN L 292 19.74 3.76 -15.81
C ASN L 292 19.27 3.15 -17.13
N ALA L 293 18.05 3.54 -17.55
CA ALA L 293 17.43 3.01 -18.77
C ALA L 293 18.11 3.51 -20.05
N LEU L 294 18.89 4.58 -19.93
CA LEU L 294 19.62 5.17 -21.06
C LEU L 294 20.83 4.33 -21.50
N HIS L 295 21.17 3.33 -20.70
CA HIS L 295 22.27 2.41 -21.00
C HIS L 295 21.99 1.58 -22.25
N ARG L 296 20.75 1.13 -22.40
CA ARG L 296 20.35 0.23 -23.48
C ARG L 296 20.46 0.85 -24.89
N PRO L 297 19.89 2.04 -25.11
CA PRO L 297 19.99 2.71 -26.41
C PRO L 297 21.41 3.16 -26.76
N LYS L 298 22.19 3.54 -25.74
CA LYS L 298 23.59 3.91 -25.92
C LYS L 298 24.41 2.75 -26.47
N ARG L 299 24.09 1.54 -26.01
CA ARG L 299 24.75 0.32 -26.47
C ARG L 299 24.31 -0.08 -27.88
N PHE L 300 23.03 0.17 -28.19
CA PHE L 300 22.49 -0.03 -29.53
C PHE L 300 23.21 0.88 -30.52
N PHE L 301 23.37 2.14 -30.14
CA PHE L 301 24.02 3.15 -30.98
C PHE L 301 25.53 2.95 -31.01
N GLY L 302 26.11 2.62 -29.85
CA GLY L 302 27.56 2.39 -29.73
C GLY L 302 28.03 1.07 -30.33
N ALA L 303 27.14 0.39 -31.04
CA ALA L 303 27.48 -0.84 -31.74
C ALA L 303 28.07 -0.54 -33.12
N ALA L 304 27.86 0.69 -33.59
CA ALA L 304 28.32 1.11 -34.92
C ALA L 304 29.85 1.17 -34.99
N ARG L 305 30.41 0.36 -35.90
CA ARG L 305 31.87 0.22 -36.02
C ARG L 305 32.33 -0.39 -37.35
N ASN L 306 33.40 0.17 -37.90
CA ASN L 306 34.12 -0.45 -39.02
C ASN L 306 35.20 -1.37 -38.47
N VAL L 307 35.26 -2.59 -38.99
CA VAL L 307 36.12 -3.64 -38.44
C VAL L 307 37.25 -4.00 -39.40
N GLU L 308 38.42 -4.33 -38.84
CA GLU L 308 39.59 -4.77 -39.62
C GLU L 308 39.36 -6.12 -40.29
N GLU L 309 38.58 -6.98 -39.64
CA GLU L 309 38.32 -8.33 -40.13
C GLU L 309 37.57 -8.32 -41.46
N GLY L 310 36.80 -7.26 -41.69
CA GLY L 310 36.01 -7.12 -42.91
C GLY L 310 34.60 -6.68 -42.60
N GLY L 311 34.05 -5.83 -43.47
CA GLY L 311 32.69 -5.31 -43.29
C GLY L 311 32.60 -4.24 -42.22
N SER L 312 31.39 -3.71 -42.03
CA SER L 312 31.16 -2.64 -41.05
C SER L 312 29.71 -2.59 -40.59
N LEU L 313 29.47 -1.83 -39.52
CA LEU L 313 28.13 -1.53 -39.05
C LEU L 313 27.98 -0.02 -38.88
N THR L 314 27.16 0.59 -39.74
CA THR L 314 26.91 2.04 -39.69
C THR L 314 25.47 2.30 -39.29
N ILE L 315 25.29 3.16 -38.29
CA ILE L 315 23.95 3.52 -37.82
C ILE L 315 23.70 5.02 -37.97
N ILE L 316 22.68 5.36 -38.76
CA ILE L 316 22.23 6.75 -38.89
C ILE L 316 20.84 6.89 -38.26
N ALA L 317 20.83 7.37 -37.01
CA ALA L 317 19.60 7.45 -36.22
C ALA L 317 19.16 8.89 -36.04
N THR L 318 17.84 9.11 -36.11
CA THR L 318 17.30 10.46 -35.96
C THR L 318 16.96 10.76 -34.50
N ALA L 319 17.39 11.93 -34.03
CA ALA L 319 17.00 12.44 -32.73
C ALA L 319 15.99 13.56 -32.91
N LEU L 320 14.93 13.53 -32.11
CA LEU L 320 13.80 14.44 -32.28
C LEU L 320 13.79 15.56 -31.24
N ILE L 321 13.90 16.80 -31.73
CA ILE L 321 13.88 17.98 -30.88
C ILE L 321 12.58 18.78 -31.08
N ASP L 322 12.25 19.63 -30.11
CA ASP L 322 11.11 20.54 -30.18
C ASP L 322 9.76 19.81 -30.30
N THR L 323 9.50 18.90 -29.36
CA THR L 323 8.24 18.17 -29.30
C THR L 323 7.33 18.76 -28.22
N GLY L 324 7.94 19.19 -27.11
CA GLY L 324 7.19 19.68 -25.96
C GLY L 324 7.27 18.70 -24.80
N SER L 325 7.43 17.42 -25.14
CA SER L 325 7.59 16.37 -24.14
C SER L 325 8.92 16.57 -23.40
N LYS L 326 8.83 16.84 -22.11
CA LYS L 326 10.00 17.19 -21.30
C LYS L 326 11.07 16.10 -21.28
N MET L 327 10.66 14.84 -21.44
CA MET L 327 11.61 13.73 -21.48
C MET L 327 12.25 13.54 -22.87
N ASP L 328 11.54 13.95 -23.92
CA ASP L 328 12.09 13.93 -25.28
C ASP L 328 13.27 14.90 -25.41
N GLU L 329 13.22 15.97 -24.62
CA GLU L 329 14.31 16.94 -24.56
C GLU L 329 15.49 16.37 -23.77
N VAL L 330 15.19 15.55 -22.76
CA VAL L 330 16.20 14.91 -21.92
C VAL L 330 16.96 13.83 -22.70
N ILE L 331 16.25 13.10 -23.55
CA ILE L 331 16.85 12.03 -24.37
C ILE L 331 17.83 12.60 -25.41
N TYR L 332 17.42 13.68 -26.08
CA TYR L 332 18.29 14.37 -27.04
C TYR L 332 19.57 14.89 -26.38
N GLU L 333 19.45 15.28 -25.11
CA GLU L 333 20.59 15.81 -24.34
C GLU L 333 21.68 14.76 -24.07
N GLU L 334 21.27 13.50 -23.95
CA GLU L 334 22.20 12.42 -23.62
C GLU L 334 22.77 11.74 -24.86
N PHE L 335 22.53 12.33 -26.03
CA PHE L 335 23.03 11.79 -27.29
C PHE L 335 23.74 12.83 -28.16
N LYS L 336 23.34 14.09 -28.01
CA LYS L 336 23.93 15.19 -28.79
C LYS L 336 25.43 15.32 -28.55
N GLY L 337 26.21 15.09 -29.59
CA GLY L 337 27.67 15.22 -29.52
C GLY L 337 28.41 13.90 -29.56
N THR L 338 27.79 12.84 -29.05
CA THR L 338 28.43 11.52 -28.98
C THR L 338 28.64 10.90 -30.35
N GLY L 339 27.62 11.00 -31.21
CA GLY L 339 27.70 10.51 -32.58
C GLY L 339 28.72 11.32 -33.39
N ASN L 340 29.67 10.62 -33.99
CA ASN L 340 30.74 11.26 -34.76
C ASN L 340 30.29 11.91 -36.07
N MET L 341 28.98 12.13 -36.18
CA MET L 341 28.36 12.80 -37.31
C MET L 341 26.96 13.24 -36.90
N GLU L 342 26.68 14.53 -37.01
CA GLU L 342 25.32 15.03 -36.78
C GLU L 342 24.86 16.04 -37.83
N LEU L 343 23.65 15.81 -38.34
CA LEU L 343 23.04 16.68 -39.33
C LEU L 343 21.77 17.29 -38.76
N HIS L 344 21.78 18.62 -38.61
CA HIS L 344 20.65 19.34 -38.04
C HIS L 344 19.71 19.81 -39.12
N LEU L 345 18.48 19.30 -39.09
CA LEU L 345 17.41 19.88 -39.89
C LEU L 345 16.84 21.07 -39.13
N SER L 346 16.32 22.05 -39.86
CA SER L 346 15.80 23.26 -39.24
C SER L 346 14.36 23.55 -39.66
N ARG L 347 13.57 24.02 -38.70
CA ARG L 347 12.18 24.39 -38.94
C ARG L 347 12.07 25.59 -39.87
N LYS L 348 13.02 26.52 -39.72
CA LYS L 348 13.04 27.77 -40.48
C LYS L 348 13.08 27.54 -41.99
N ILE L 349 13.99 26.68 -42.44
CA ILE L 349 14.15 26.39 -43.87
C ILE L 349 12.98 25.58 -44.40
N ALA L 350 12.47 24.69 -43.55
CA ALA L 350 11.31 23.85 -43.90
C ALA L 350 10.04 24.67 -44.02
N GLU L 351 9.88 25.66 -43.13
CA GLU L 351 8.72 26.56 -43.15
C GLU L 351 8.67 27.42 -44.40
N LYS L 352 9.84 27.77 -44.93
CA LYS L 352 9.94 28.62 -46.12
C LYS L 352 10.15 27.81 -47.41
N ARG L 353 9.79 26.54 -47.37
CA ARG L 353 9.77 25.63 -48.52
C ARG L 353 11.14 25.35 -49.18
N VAL L 354 12.23 25.86 -48.58
CA VAL L 354 13.58 25.62 -49.09
C VAL L 354 14.18 24.44 -48.39
N PHE L 355 14.00 23.30 -49.07
CA PHE L 355 14.35 22.03 -48.51
C PHE L 355 15.84 21.72 -48.51
N PRO L 356 16.23 20.47 -48.64
CA PRO L 356 17.06 19.91 -47.61
C PRO L 356 17.29 20.94 -46.49
N ALA L 357 16.32 20.98 -45.59
CA ALA L 357 16.36 21.82 -44.40
C ALA L 357 17.56 21.47 -43.55
N ILE L 358 18.72 21.35 -44.20
CA ILE L 358 19.98 21.08 -43.53
C ILE L 358 20.60 22.40 -43.09
N ASP L 359 20.66 22.57 -41.77
CA ASP L 359 21.38 23.69 -41.16
C ASP L 359 22.86 23.43 -41.34
N TYR L 360 23.41 23.95 -42.43
CA TYR L 360 24.77 23.63 -42.88
C TYR L 360 25.84 23.96 -41.84
N ASN L 361 25.71 25.10 -41.19
CA ASN L 361 26.74 25.59 -40.26
C ASN L 361 26.81 24.87 -38.91
N ARG L 362 25.82 24.03 -38.64
CA ARG L 362 25.81 23.24 -37.41
C ARG L 362 25.95 21.74 -37.72
N SER L 363 25.80 21.38 -38.99
CA SER L 363 25.98 20.00 -39.45
C SER L 363 27.47 19.69 -39.62
N GLY L 364 27.77 18.43 -39.92
CA GLY L 364 29.15 18.00 -40.17
C GLY L 364 29.55 16.71 -39.47
N THR L 365 30.76 16.26 -39.76
CA THR L 365 31.30 15.04 -39.14
C THR L 365 32.65 15.30 -38.49
N ARG L 366 32.94 14.53 -37.44
CA ARG L 366 34.24 14.58 -36.79
C ARG L 366 35.23 13.70 -37.56
N LYS L 367 36.48 14.14 -37.62
CA LYS L 367 37.52 13.50 -38.44
C LYS L 367 37.09 13.37 -39.90
N GLU L 368 36.93 14.52 -40.55
CA GLU L 368 36.39 14.62 -41.91
C GLU L 368 37.44 14.28 -42.97
N GLU L 369 38.70 14.29 -42.58
CA GLU L 369 39.83 14.11 -43.51
C GLU L 369 39.99 12.68 -44.03
N LEU L 370 39.54 11.71 -43.25
CA LEU L 370 39.77 10.29 -43.55
C LEU L 370 38.77 9.72 -44.56
N LEU L 371 37.66 10.44 -44.77
CA LEU L 371 36.64 10.04 -45.71
C LEU L 371 36.88 10.63 -47.10
N THR L 372 37.60 11.75 -47.14
CA THR L 372 37.84 12.49 -48.38
C THR L 372 39.32 12.54 -48.76
N THR L 373 39.59 12.89 -50.01
CA THR L 373 40.95 13.16 -50.48
C THR L 373 41.32 14.60 -50.14
N GLN L 374 42.62 14.87 -50.00
CA GLN L 374 43.12 16.21 -49.69
C GLN L 374 42.66 17.26 -50.71
N GLU L 375 42.56 16.85 -51.97
CA GLU L 375 42.12 17.73 -53.04
C GLU L 375 40.63 18.09 -52.90
N GLU L 376 39.87 17.18 -52.29
CA GLU L 376 38.43 17.40 -52.05
C GLU L 376 38.16 18.01 -50.67
N LEU L 377 38.95 17.59 -49.68
CA LEU L 377 38.80 18.08 -48.30
C LEU L 377 39.04 19.58 -48.21
N GLN L 378 40.10 20.05 -48.88
CA GLN L 378 40.39 21.49 -48.95
C GLN L 378 39.24 22.24 -49.60
N LYS L 379 38.74 21.72 -50.71
CA LYS L 379 37.59 22.29 -51.41
C LYS L 379 36.35 22.36 -50.51
N MET L 380 36.16 21.34 -49.67
CA MET L 380 35.04 21.28 -48.73
C MET L 380 35.11 22.37 -47.67
N TRP L 381 36.26 22.48 -47.00
CA TRP L 381 36.44 23.43 -45.90
C TRP L 381 36.60 24.88 -46.38
N ILE L 382 36.83 25.07 -47.67
CA ILE L 382 36.75 26.40 -48.27
C ILE L 382 35.29 26.82 -48.35
N LEU L 383 34.46 25.94 -48.91
CA LEU L 383 33.02 26.16 -49.08
C LEU L 383 32.29 26.35 -47.75
N ARG L 384 32.91 25.89 -46.67
CA ARG L 384 32.35 26.04 -45.32
C ARG L 384 32.62 27.43 -44.77
N LYS L 385 33.78 27.99 -45.12
CA LYS L 385 34.17 29.33 -44.68
C LYS L 385 33.44 30.44 -45.45
N ILE L 386 32.92 30.09 -46.63
CA ILE L 386 32.13 31.04 -47.43
C ILE L 386 30.66 31.05 -47.02
N ILE L 387 30.22 29.99 -46.35
CA ILE L 387 28.81 29.83 -45.96
C ILE L 387 28.55 30.26 -44.51
N HIS L 388 29.59 30.14 -43.67
CA HIS L 388 29.47 30.45 -42.24
C HIS L 388 28.71 31.75 -41.90
N PRO L 389 29.02 32.87 -42.55
CA PRO L 389 28.33 34.13 -42.26
C PRO L 389 26.87 34.20 -42.71
N MET L 390 26.45 33.24 -43.53
CA MET L 390 25.09 33.25 -44.08
C MET L 390 24.01 32.84 -43.08
N GLY L 391 22.82 33.42 -43.23
CA GLY L 391 21.66 33.03 -42.44
C GLY L 391 21.11 31.69 -42.87
N GLU L 392 20.47 31.00 -41.93
CA GLU L 392 19.99 29.62 -42.15
C GLU L 392 19.27 29.40 -43.49
N ILE L 393 18.20 30.17 -43.70
CA ILE L 393 17.38 30.05 -44.91
C ILE L 393 18.14 30.52 -46.16
N ASP L 394 18.99 31.54 -45.98
CA ASP L 394 19.81 32.08 -47.06
C ASP L 394 20.91 31.11 -47.49
N ALA L 395 21.54 30.48 -46.51
CA ALA L 395 22.65 29.54 -46.76
C ALA L 395 22.20 28.33 -47.57
N MET L 396 20.95 27.93 -47.40
CA MET L 396 20.40 26.77 -48.09
C MET L 396 20.01 27.12 -49.52
N GLU L 397 19.29 28.23 -49.69
CA GLU L 397 18.91 28.74 -51.01
C GLU L 397 20.15 28.96 -51.88
N PHE L 398 21.22 29.43 -51.25
CA PHE L 398 22.49 29.68 -51.94
C PHE L 398 23.11 28.39 -52.49
N LEU L 399 23.11 27.33 -51.69
CA LEU L 399 23.67 26.04 -52.10
C LEU L 399 22.84 25.39 -53.21
N ILE L 400 21.53 25.30 -53.01
CA ILE L 400 20.63 24.70 -54.00
C ILE L 400 20.63 25.49 -55.30
N ASN L 401 20.64 26.81 -55.19
CA ASN L 401 20.67 27.70 -56.35
C ASN L 401 21.92 27.49 -57.23
N LYS L 402 23.07 27.34 -56.58
CA LYS L 402 24.35 27.26 -57.30
C LYS L 402 24.84 25.83 -57.53
N LEU L 403 24.37 24.89 -56.72
CA LEU L 403 24.71 23.48 -56.89
C LEU L 403 23.87 22.86 -58.02
N ALA L 404 22.63 23.33 -58.16
CA ALA L 404 21.73 22.86 -59.22
C ALA L 404 22.08 23.46 -60.58
N MET L 405 23.34 23.34 -60.97
CA MET L 405 23.83 23.77 -62.28
C MET L 405 24.75 22.71 -62.87
N THR L 406 25.30 21.87 -61.99
CA THR L 406 26.30 20.88 -62.36
C THR L 406 26.00 19.51 -61.73
N LYS L 407 26.98 18.97 -61.01
CA LYS L 407 26.80 17.71 -60.27
C LYS L 407 27.17 17.86 -58.78
N THR L 408 28.48 17.79 -58.48
CA THR L 408 29.00 18.04 -57.13
C THR L 408 30.48 18.42 -57.13
N ASN L 409 31.26 17.74 -57.98
CA ASN L 409 32.68 18.03 -58.13
C ASN L 409 32.91 19.13 -59.15
N ASP L 410 31.84 19.45 -59.90
CA ASP L 410 31.84 20.58 -60.82
C ASP L 410 31.42 21.85 -60.10
N ASP L 411 30.65 21.69 -59.02
CA ASP L 411 30.34 22.78 -58.09
C ASP L 411 31.63 23.23 -57.39
N PHE L 412 32.57 22.29 -57.24
CA PHE L 412 33.86 22.57 -56.64
C PHE L 412 34.85 23.24 -57.61
N PHE L 413 34.42 23.43 -58.85
CA PHE L 413 35.23 24.11 -59.87
C PHE L 413 34.58 25.39 -60.40
N GLU L 414 33.25 25.37 -60.50
CA GLU L 414 32.49 26.54 -60.90
C GLU L 414 32.58 27.65 -59.86
N MET L 415 32.61 27.25 -58.58
CA MET L 415 32.65 28.18 -57.46
C MET L 415 34.05 28.75 -57.24
N MET L 416 35.06 27.89 -57.33
CA MET L 416 36.46 28.30 -57.20
C MET L 416 36.93 29.12 -58.40
N LYS L 417 36.13 29.09 -59.47
CA LYS L 417 36.39 29.84 -60.71
C LYS L 417 37.67 29.39 -61.41
#